data_5OKG
#
_entry.id   5OKG
#
_cell.length_a   101.599
_cell.length_b   97.480
_cell.length_c   105.269
_cell.angle_alpha   90.00
_cell.angle_beta   97.66
_cell.angle_gamma   90.00
#
_symmetry.space_group_name_H-M   'P 1 21 1'
#
loop_
_entity.id
_entity.type
_entity.pdbx_description
1 polymer 'Putative 6-phospho-beta-galactobiosidase'
2 branched 6-O-phosphono-beta-D-glucopyranose-(1-4)-beta-D-glucopyranose
3 non-polymer 6-O-phosphono-beta-D-glucopyranose
4 non-polymer GLYCEROL
5 non-polymer IMIDAZOLE
6 water water
#
_entity_poly.entity_id   1
_entity_poly.type   'polypeptide(L)'
_entity_poly.pdbx_seq_one_letter_code
;MIHHHHHHEHRHLKPFPPEFLWGAASAAYQVEGAWNEDGKGLSVWDVFAKQPGRTFKGTNGDVAVDHYHRYQEDVALMAE
MGLKAYRFSVSWSRVFPDGNGAVNEKGLDFYDRLIEELRNHGIEPIVTLYHWDVPQALMDAYGAWESRRIIDDFDRYAVT
LFQRFGDRVKYWVTLNQQNIFISFGYRLGLHPPGVKDMKRMYEANHIANLANAKVIQSFRHYVPDGKIGPSFAYSPMYPY
DSRPENVLAFENAEEFQNHWWMDVYAWGMYPQAAWNYLESQGLEPTVAPGDWELLQAAKPDFMGVNYYQTTTVEHNPPDG
VGEGVMNTTGKKGTSTSSGIPGLFKTVRNPHVDTTNWDWAIDPVGLRIGLRRIANRYQLPILITENGLGEFDTLEPGDIV
NDDYRIDYLRRHVQEIQRAITDGVDVLGYCAWSFTDLLSWLNGYQKRYGFVYVNRDDESEKDLRRIKKKSFYWYQRVIET
NGAEL
;
_entity_poly.pdbx_strand_id   A,B,C,D
#
# COMPACT_ATOMS: atom_id res chain seq x y z
N ARG A 11 9.93 13.59 -65.97
CA ARG A 11 10.22 13.44 -64.55
C ARG A 11 10.33 11.96 -64.23
N HIS A 12 11.51 11.52 -63.79
CA HIS A 12 11.66 10.13 -63.37
C HIS A 12 11.02 9.93 -62.00
N LEU A 13 10.11 8.97 -61.89
CA LEU A 13 9.58 8.63 -60.58
C LEU A 13 10.58 7.76 -59.84
N LYS A 14 10.65 7.95 -58.53
CA LYS A 14 11.44 7.05 -57.70
C LYS A 14 10.69 5.74 -57.53
N PRO A 15 11.42 4.64 -57.37
CA PRO A 15 10.77 3.37 -57.06
C PRO A 15 10.30 3.38 -55.62
N PHE A 16 9.40 2.46 -55.31
CA PHE A 16 9.11 2.22 -53.92
C PHE A 16 10.37 1.69 -53.25
N PRO A 17 10.70 2.12 -52.04
CA PRO A 17 11.96 1.71 -51.41
C PRO A 17 11.98 0.23 -51.14
N PRO A 18 13.17 -0.36 -51.03
CA PRO A 18 13.26 -1.83 -50.96
C PRO A 18 12.51 -2.47 -49.80
N GLU A 19 12.41 -1.80 -48.64
CA GLU A 19 11.71 -2.38 -47.51
C GLU A 19 10.32 -1.76 -47.31
N PHE A 20 9.74 -1.22 -48.38
CA PHE A 20 8.40 -0.64 -48.31
C PHE A 20 7.40 -1.67 -47.80
N LEU A 21 6.60 -1.28 -46.80
CA LEU A 21 5.69 -2.22 -46.17
C LEU A 21 4.37 -2.25 -46.92
N TRP A 22 4.30 -3.11 -47.95
CA TRP A 22 3.04 -3.39 -48.62
C TRP A 22 2.17 -4.19 -47.65
N GLY A 23 1.08 -3.58 -47.19
CA GLY A 23 0.30 -4.14 -46.10
C GLY A 23 -1.19 -4.18 -46.37
N ALA A 24 -1.88 -4.74 -45.40
CA ALA A 24 -3.33 -4.70 -45.32
C ALA A 24 -3.65 -4.69 -43.84
N ALA A 25 -4.88 -4.31 -43.50
CA ALA A 25 -5.18 -4.01 -42.11
C ALA A 25 -6.57 -4.47 -41.71
N SER A 26 -6.77 -4.54 -40.39
CA SER A 26 -8.06 -4.84 -39.79
C SER A 26 -8.11 -4.17 -38.42
N ALA A 27 -9.21 -4.40 -37.70
CA ALA A 27 -9.38 -3.98 -36.31
C ALA A 27 -10.05 -5.11 -35.56
N ALA A 28 -9.72 -5.25 -34.26
CA ALA A 28 -10.09 -6.45 -33.52
C ALA A 28 -11.60 -6.66 -33.46
N TYR A 29 -12.34 -5.63 -33.06
CA TYR A 29 -13.80 -5.81 -32.93
C TYR A 29 -14.42 -6.15 -34.28
N GLN A 30 -13.85 -5.63 -35.35
CA GLN A 30 -14.43 -5.81 -36.67
C GLN A 30 -14.19 -7.19 -37.25
N VAL A 31 -13.19 -7.94 -36.77
CA VAL A 31 -12.89 -9.25 -37.35
C VAL A 31 -12.94 -10.44 -36.39
N GLU A 32 -12.61 -10.24 -35.10
CA GLU A 32 -12.22 -11.37 -34.28
C GLU A 32 -13.37 -12.30 -33.92
N GLY A 33 -14.50 -11.74 -33.49
CA GLY A 33 -15.48 -12.58 -32.81
C GLY A 33 -14.96 -13.03 -31.46
N ALA A 34 -15.39 -14.22 -31.04
CA ALA A 34 -14.95 -14.80 -29.77
C ALA A 34 -15.05 -13.79 -28.62
N TRP A 35 -16.19 -13.10 -28.57
CA TRP A 35 -16.34 -11.93 -27.70
C TRP A 35 -16.31 -12.28 -26.21
N ASN A 36 -16.60 -13.52 -25.85
CA ASN A 36 -16.67 -13.92 -24.45
C ASN A 36 -15.86 -15.19 -24.21
N GLU A 37 -14.87 -15.45 -25.05
CA GLU A 37 -14.10 -16.68 -24.97
CA GLU A 37 -14.09 -16.69 -25.00
C GLU A 37 -12.75 -16.43 -24.33
N ASP A 38 -12.22 -17.49 -23.70
CA ASP A 38 -10.86 -17.49 -23.16
C ASP A 38 -10.65 -16.38 -22.14
N GLY A 39 -11.69 -16.05 -21.38
CA GLY A 39 -11.60 -15.08 -20.31
C GLY A 39 -11.70 -13.64 -20.75
N LYS A 40 -11.98 -13.38 -22.03
CA LYS A 40 -12.07 -12.00 -22.50
C LYS A 40 -13.17 -11.25 -21.76
N GLY A 41 -12.86 -10.04 -21.31
CA GLY A 41 -13.87 -9.21 -20.68
C GLY A 41 -14.66 -8.40 -21.70
N LEU A 42 -15.73 -7.77 -21.20
CA LEU A 42 -16.55 -6.93 -22.06
C LEU A 42 -15.81 -5.67 -22.45
N SER A 43 -15.86 -5.32 -23.74
CA SER A 43 -15.43 -3.99 -24.15
C SER A 43 -16.63 -3.06 -24.19
N VAL A 44 -16.35 -1.75 -24.31
CA VAL A 44 -17.46 -0.81 -24.45
C VAL A 44 -18.27 -1.08 -25.71
N TRP A 45 -17.65 -1.66 -26.74
CA TRP A 45 -18.37 -1.96 -27.96
C TRP A 45 -19.24 -3.21 -27.84
N ASP A 46 -18.80 -4.21 -27.08
CA ASP A 46 -19.67 -5.35 -26.80
C ASP A 46 -20.99 -4.86 -26.23
N VAL A 47 -20.92 -3.92 -25.29
CA VAL A 47 -22.12 -3.43 -24.62
C VAL A 47 -22.91 -2.49 -25.53
N PHE A 48 -22.22 -1.54 -26.15
CA PHE A 48 -22.88 -0.50 -26.95
C PHE A 48 -23.66 -1.10 -28.11
N ALA A 49 -23.06 -2.06 -28.83
CA ALA A 49 -23.69 -2.58 -30.03
C ALA A 49 -24.93 -3.41 -29.74
N LYS A 50 -25.11 -3.83 -28.48
CA LYS A 50 -26.30 -4.58 -28.10
C LYS A 50 -27.43 -3.69 -27.62
N GLN A 51 -27.22 -2.38 -27.55
CA GLN A 51 -28.31 -1.48 -27.27
C GLN A 51 -29.26 -1.46 -28.46
N PRO A 52 -30.57 -1.61 -28.26
CA PRO A 52 -31.50 -1.66 -29.39
C PRO A 52 -31.39 -0.39 -30.24
N GLY A 53 -31.34 -0.61 -31.56
CA GLY A 53 -31.30 0.48 -32.51
C GLY A 53 -29.94 1.08 -32.80
N ARG A 54 -28.89 0.68 -32.08
CA ARG A 54 -27.58 1.30 -32.27
C ARG A 54 -26.95 0.90 -33.60
N THR A 55 -27.07 -0.36 -33.99
CA THR A 55 -26.38 -0.86 -35.18
C THR A 55 -27.39 -1.41 -36.16
N PHE A 56 -27.00 -1.40 -37.43
CA PHE A 56 -27.89 -1.87 -38.49
C PHE A 56 -28.24 -3.34 -38.32
N LYS A 57 -29.54 -3.62 -38.27
CA LYS A 57 -30.07 -4.97 -38.09
C LYS A 57 -29.52 -5.65 -36.84
N GLY A 58 -29.11 -4.86 -35.85
CA GLY A 58 -28.58 -5.41 -34.62
C GLY A 58 -27.24 -6.12 -34.77
N THR A 59 -26.53 -5.90 -35.87
CA THR A 59 -25.26 -6.59 -36.08
C THR A 59 -24.26 -6.17 -35.01
N ASN A 60 -23.43 -7.11 -34.60
CA ASN A 60 -22.48 -6.85 -33.52
C ASN A 60 -21.28 -7.76 -33.68
N GLY A 61 -20.31 -7.60 -32.79
CA GLY A 61 -19.05 -8.31 -32.92
C GLY A 61 -18.95 -9.63 -32.20
N ASP A 62 -20.09 -10.24 -31.83
CA ASP A 62 -20.02 -11.52 -31.13
C ASP A 62 -19.22 -12.53 -31.93
N VAL A 63 -19.46 -12.58 -33.24
CA VAL A 63 -18.78 -13.49 -34.15
C VAL A 63 -17.98 -12.74 -35.20
N ALA A 64 -18.53 -11.64 -35.75
CA ALA A 64 -17.88 -10.90 -36.83
C ALA A 64 -17.55 -11.86 -37.97
N VAL A 65 -16.28 -11.96 -38.37
CA VAL A 65 -15.86 -12.96 -39.36
C VAL A 65 -15.06 -14.08 -38.72
N ASP A 66 -15.07 -14.17 -37.39
CA ASP A 66 -14.49 -15.29 -36.66
C ASP A 66 -12.98 -15.43 -36.88
N HIS A 67 -12.27 -14.32 -37.05
CA HIS A 67 -10.83 -14.38 -37.23
C HIS A 67 -10.12 -15.00 -36.02
N TYR A 68 -10.71 -14.89 -34.83
CA TYR A 68 -10.09 -15.49 -33.64
C TYR A 68 -9.85 -16.98 -33.83
N HIS A 69 -10.81 -17.68 -34.43
CA HIS A 69 -10.66 -19.11 -34.67
C HIS A 69 -10.08 -19.43 -36.03
N ARG A 70 -10.20 -18.52 -37.00
CA ARG A 70 -9.80 -18.78 -38.37
CA ARG A 70 -9.79 -18.80 -38.37
C ARG A 70 -8.51 -18.07 -38.76
N TYR A 71 -7.74 -17.59 -37.78
CA TYR A 71 -6.57 -16.78 -38.10
C TYR A 71 -5.54 -17.54 -38.94
N GLN A 72 -5.41 -18.86 -38.77
CA GLN A 72 -4.42 -19.60 -39.56
CA GLN A 72 -4.42 -19.59 -39.56
C GLN A 72 -4.77 -19.55 -41.04
N GLU A 73 -6.03 -19.78 -41.38
CA GLU A 73 -6.48 -19.67 -42.75
C GLU A 73 -6.26 -18.25 -43.30
N ASP A 74 -6.58 -17.24 -42.49
CA ASP A 74 -6.43 -15.87 -42.95
C ASP A 74 -4.96 -15.52 -43.21
N VAL A 75 -4.06 -15.95 -42.31
CA VAL A 75 -2.64 -15.69 -42.53
C VAL A 75 -2.12 -16.46 -43.75
N ALA A 76 -2.63 -17.68 -43.96
CA ALA A 76 -2.24 -18.42 -45.16
C ALA A 76 -2.60 -17.65 -46.42
N LEU A 77 -3.77 -17.00 -46.42
CA LEU A 77 -4.14 -16.15 -47.56
C LEU A 77 -3.23 -14.95 -47.68
N MET A 78 -2.83 -14.36 -46.55
CA MET A 78 -1.88 -13.24 -46.59
C MET A 78 -0.56 -13.68 -47.22
N ALA A 79 -0.09 -14.87 -46.85
CA ALA A 79 1.16 -15.37 -47.41
C ALA A 79 1.02 -15.68 -48.90
N GLU A 80 -0.14 -16.19 -49.31
CA GLU A 80 -0.39 -16.39 -50.74
C GLU A 80 -0.34 -15.08 -51.49
N MET A 81 -0.91 -14.02 -50.91
CA MET A 81 -0.85 -12.70 -51.52
C MET A 81 0.57 -12.16 -51.54
N GLY A 82 1.41 -12.61 -50.61
CA GLY A 82 2.74 -12.05 -50.46
C GLY A 82 2.81 -10.80 -49.63
N LEU A 83 1.85 -10.58 -48.74
CA LEU A 83 1.84 -9.37 -47.91
C LEU A 83 3.18 -9.20 -47.21
N LYS A 84 3.69 -7.97 -47.22
CA LYS A 84 4.90 -7.67 -46.47
C LYS A 84 4.57 -7.33 -45.01
N ALA A 85 3.36 -6.85 -44.74
CA ALA A 85 2.99 -6.43 -43.40
C ALA A 85 1.50 -6.62 -43.23
N TYR A 86 1.09 -6.91 -42.00
CA TYR A 86 -0.31 -7.00 -41.64
C TYR A 86 -0.49 -6.18 -40.37
N ARG A 87 -1.35 -5.17 -40.44
CA ARG A 87 -1.63 -4.31 -39.30
C ARG A 87 -2.93 -4.75 -38.67
N PHE A 88 -2.89 -5.05 -37.37
CA PHE A 88 -4.07 -5.49 -36.65
C PHE A 88 -4.08 -4.75 -35.34
N SER A 89 -5.22 -4.78 -34.65
CA SER A 89 -5.28 -4.21 -33.32
C SER A 89 -5.40 -5.31 -32.27
N VAL A 90 -4.89 -5.02 -31.10
CA VAL A 90 -5.01 -5.92 -29.95
C VAL A 90 -6.22 -5.48 -29.14
N SER A 91 -7.05 -6.44 -28.77
CA SER A 91 -8.23 -6.16 -27.96
C SER A 91 -7.81 -6.10 -26.50
N TRP A 92 -7.80 -4.90 -25.95
CA TRP A 92 -7.41 -4.69 -24.56
C TRP A 92 -8.17 -5.62 -23.62
N SER A 93 -9.47 -5.84 -23.87
CA SER A 93 -10.29 -6.67 -23.00
CA SER A 93 -10.25 -6.66 -22.96
C SER A 93 -9.88 -8.14 -23.01
N ARG A 94 -9.13 -8.59 -24.02
CA ARG A 94 -8.61 -9.96 -23.98
C ARG A 94 -7.41 -10.06 -23.06
N VAL A 95 -6.64 -8.98 -22.94
CA VAL A 95 -5.39 -8.97 -22.20
C VAL A 95 -5.60 -8.60 -20.75
N PHE A 96 -6.41 -7.57 -20.50
CA PHE A 96 -6.85 -7.20 -19.15
C PHE A 96 -8.36 -7.14 -19.22
N PRO A 97 -9.05 -8.23 -18.87
CA PRO A 97 -10.50 -8.26 -18.98
C PRO A 97 -11.18 -7.12 -18.27
N ASP A 98 -10.61 -6.64 -17.17
CA ASP A 98 -11.15 -5.49 -16.44
C ASP A 98 -10.40 -4.20 -16.73
N GLY A 99 -9.52 -4.19 -17.70
CA GLY A 99 -8.77 -2.99 -18.05
C GLY A 99 -7.51 -2.85 -17.22
N ASN A 100 -7.64 -3.01 -15.92
CA ASN A 100 -6.50 -3.05 -15.02
C ASN A 100 -6.66 -4.37 -14.25
N GLY A 101 -5.87 -4.60 -13.23
CA GLY A 101 -5.96 -5.87 -12.53
C GLY A 101 -5.18 -6.97 -13.23
N ALA A 102 -5.72 -8.20 -13.17
CA ALA A 102 -4.94 -9.38 -13.55
C ALA A 102 -4.82 -9.53 -15.07
N VAL A 103 -3.61 -9.84 -15.53
CA VAL A 103 -3.40 -10.12 -16.94
C VAL A 103 -4.01 -11.49 -17.27
N ASN A 104 -4.56 -11.60 -18.47
CA ASN A 104 -5.16 -12.84 -18.96
CA ASN A 104 -5.16 -12.84 -18.96
C ASN A 104 -4.18 -13.49 -19.92
N GLU A 105 -3.52 -14.56 -19.48
CA GLU A 105 -2.50 -15.19 -20.32
C GLU A 105 -3.09 -15.81 -21.58
N LYS A 106 -4.33 -16.30 -21.53
CA LYS A 106 -4.93 -16.85 -22.74
C LYS A 106 -5.15 -15.77 -23.80
N GLY A 107 -5.42 -14.54 -23.37
CA GLY A 107 -5.57 -13.46 -24.34
C GLY A 107 -4.26 -13.11 -25.00
N LEU A 108 -3.19 -12.98 -24.20
CA LEU A 108 -1.86 -12.74 -24.77
C LEU A 108 -1.47 -13.89 -25.69
N ASP A 109 -1.85 -15.12 -25.32
CA ASP A 109 -1.45 -16.26 -26.12
C ASP A 109 -2.05 -16.22 -27.52
N PHE A 110 -3.26 -15.68 -27.67
CA PHE A 110 -3.81 -15.54 -29.02
C PHE A 110 -2.93 -14.64 -29.87
N TYR A 111 -2.56 -13.47 -29.34
CA TYR A 111 -1.72 -12.56 -30.12
C TYR A 111 -0.33 -13.13 -30.33
N ASP A 112 0.17 -13.93 -29.38
CA ASP A 112 1.44 -14.60 -29.59
CA ASP A 112 1.44 -14.61 -29.59
C ASP A 112 1.35 -15.57 -30.75
N ARG A 113 0.27 -16.37 -30.80
CA ARG A 113 0.07 -17.31 -31.89
C ARG A 113 -0.09 -16.59 -33.23
N LEU A 114 -0.83 -15.48 -33.23
CA LEU A 114 -1.00 -14.71 -34.46
C LEU A 114 0.34 -14.16 -34.94
N ILE A 115 1.11 -13.56 -34.02
CA ILE A 115 2.41 -13.00 -34.38
C ILE A 115 3.34 -14.09 -34.89
N GLU A 116 3.34 -15.26 -34.24
CA GLU A 116 4.18 -16.35 -34.72
C GLU A 116 3.75 -16.80 -36.11
N GLU A 117 2.43 -16.88 -36.34
CA GLU A 117 1.94 -17.29 -37.65
C GLU A 117 2.39 -16.29 -38.72
N LEU A 118 2.28 -14.99 -38.42
CA LEU A 118 2.76 -13.98 -39.36
C LEU A 118 4.26 -14.13 -39.62
N ARG A 119 5.05 -14.22 -38.55
CA ARG A 119 6.50 -14.28 -38.70
CA ARG A 119 6.50 -14.26 -38.73
C ARG A 119 6.94 -15.53 -39.44
N ASN A 120 6.25 -16.66 -39.19
CA ASN A 120 6.60 -17.89 -39.90
C ASN A 120 6.33 -17.80 -41.40
N HIS A 121 5.50 -16.86 -41.83
CA HIS A 121 5.23 -16.65 -43.25
C HIS A 121 5.93 -15.40 -43.79
N GLY A 122 6.87 -14.83 -43.04
CA GLY A 122 7.62 -13.68 -43.51
C GLY A 122 6.84 -12.38 -43.58
N ILE A 123 5.79 -12.24 -42.78
CA ILE A 123 4.96 -11.04 -42.77
C ILE A 123 5.29 -10.23 -41.52
N GLU A 124 5.54 -8.93 -41.69
CA GLU A 124 5.84 -8.06 -40.55
C GLU A 124 4.54 -7.73 -39.81
N PRO A 125 4.44 -8.03 -38.52
CA PRO A 125 3.28 -7.56 -37.76
C PRO A 125 3.40 -6.08 -37.49
N ILE A 126 2.29 -5.36 -37.63
CA ILE A 126 2.19 -3.98 -37.16
C ILE A 126 1.10 -3.98 -36.10
N VAL A 127 1.49 -3.83 -34.85
CA VAL A 127 0.55 -3.95 -33.74
C VAL A 127 -0.05 -2.57 -33.44
N THR A 128 -1.38 -2.49 -33.44
CA THR A 128 -2.11 -1.30 -33.07
C THR A 128 -2.64 -1.48 -31.65
N LEU A 129 -2.24 -0.59 -30.74
CA LEU A 129 -2.58 -0.78 -29.32
C LEU A 129 -4.07 -0.60 -29.08
N TYR A 130 -4.68 0.39 -29.73
CA TYR A 130 -6.03 0.79 -29.35
C TYR A 130 -6.87 1.10 -30.58
N HIS A 131 -7.93 0.30 -30.77
CA HIS A 131 -8.94 0.60 -31.77
C HIS A 131 -10.33 0.57 -31.14
N TRP A 132 -10.52 1.47 -30.17
CA TRP A 132 -11.83 1.97 -29.74
C TRP A 132 -12.52 1.08 -28.73
N ASP A 133 -11.84 0.06 -28.24
CA ASP A 133 -12.49 -1.01 -27.49
C ASP A 133 -12.00 -1.08 -26.04
N VAL A 134 -11.96 0.07 -25.37
CA VAL A 134 -11.56 0.07 -23.96
C VAL A 134 -12.46 -0.87 -23.16
N PRO A 135 -11.91 -1.62 -22.20
CA PRO A 135 -12.76 -2.52 -21.41
C PRO A 135 -13.88 -1.77 -20.69
N GLN A 136 -15.08 -2.37 -20.73
CA GLN A 136 -16.24 -1.76 -20.09
C GLN A 136 -16.00 -1.50 -18.60
N ALA A 137 -15.21 -2.35 -17.94
CA ALA A 137 -14.96 -2.14 -16.51
C ALA A 137 -14.35 -0.77 -16.23
N LEU A 138 -13.52 -0.24 -17.14
CA LEU A 138 -12.94 1.08 -16.90
C LEU A 138 -13.97 2.18 -17.10
N MET A 139 -14.88 1.99 -18.05
CA MET A 139 -16.00 2.92 -18.17
CA MET A 139 -16.00 2.92 -18.17
C MET A 139 -16.86 2.90 -16.92
N ASP A 140 -17.18 1.69 -16.42
CA ASP A 140 -18.00 1.55 -15.22
C ASP A 140 -17.36 2.24 -14.02
N ALA A 141 -16.05 2.04 -13.84
CA ALA A 141 -15.37 2.52 -12.64
C ALA A 141 -15.15 4.02 -12.66
N TYR A 142 -14.70 4.56 -13.78
CA TYR A 142 -14.27 5.94 -13.77
C TYR A 142 -14.51 6.69 -15.07
N GLY A 143 -15.32 6.16 -15.97
CA GLY A 143 -15.60 6.88 -17.19
C GLY A 143 -14.53 6.79 -18.26
N ALA A 144 -13.65 5.79 -18.18
CA ALA A 144 -12.66 5.50 -19.22
C ALA A 144 -11.88 6.75 -19.60
N TRP A 145 -11.99 7.22 -20.85
CA TRP A 145 -11.15 8.30 -21.37
C TRP A 145 -11.39 9.65 -20.70
N GLU A 146 -12.43 9.80 -19.87
CA GLU A 146 -12.64 11.05 -19.15
C GLU A 146 -11.86 11.12 -17.84
N SER A 147 -11.13 10.08 -17.47
CA SER A 147 -10.38 10.10 -16.23
C SER A 147 -8.89 9.97 -16.51
N ARG A 148 -8.09 10.76 -15.81
CA ARG A 148 -6.64 10.61 -15.88
CA ARG A 148 -6.64 10.60 -15.90
C ARG A 148 -6.18 9.23 -15.41
N ARG A 149 -7.04 8.48 -14.70
CA ARG A 149 -6.67 7.12 -14.31
C ARG A 149 -6.35 6.26 -15.52
N ILE A 150 -6.95 6.56 -16.68
CA ILE A 150 -6.71 5.73 -17.85
C ILE A 150 -5.29 5.87 -18.36
N ILE A 151 -4.59 6.96 -18.03
CA ILE A 151 -3.22 7.12 -18.52
C ILE A 151 -2.35 5.98 -18.01
N ASP A 152 -2.38 5.74 -16.71
CA ASP A 152 -1.55 4.66 -16.16
C ASP A 152 -2.10 3.29 -16.52
N ASP A 153 -3.43 3.14 -16.61
CA ASP A 153 -3.97 1.84 -16.98
C ASP A 153 -3.65 1.49 -18.43
N PHE A 154 -3.76 2.46 -19.34
CA PHE A 154 -3.37 2.23 -20.72
C PHE A 154 -1.87 1.96 -20.82
N ASP A 155 -1.06 2.71 -20.07
CA ASP A 155 0.38 2.50 -20.09
C ASP A 155 0.73 1.09 -19.61
N ARG A 156 0.08 0.60 -18.55
CA ARG A 156 0.37 -0.74 -18.06
CA ARG A 156 0.37 -0.74 -18.06
C ARG A 156 0.04 -1.78 -19.12
N TYR A 157 -1.08 -1.60 -19.82
CA TYR A 157 -1.46 -2.49 -20.90
C TYR A 157 -0.44 -2.44 -22.04
N ALA A 158 -0.06 -1.23 -22.47
CA ALA A 158 0.91 -1.10 -23.54
C ALA A 158 2.24 -1.74 -23.18
N VAL A 159 2.74 -1.46 -21.97
CA VAL A 159 4.01 -2.02 -21.53
C VAL A 159 3.96 -3.55 -21.51
N THR A 160 2.82 -4.11 -21.08
CA THR A 160 2.67 -5.57 -21.13
C THR A 160 2.89 -6.09 -22.55
N LEU A 161 2.30 -5.43 -23.53
CA LEU A 161 2.50 -5.85 -24.93
C LEU A 161 3.93 -5.62 -25.38
N PHE A 162 4.54 -4.48 -25.00
CA PHE A 162 5.92 -4.23 -25.37
C PHE A 162 6.84 -5.31 -24.82
N GLN A 163 6.61 -5.72 -23.57
CA GLN A 163 7.45 -6.74 -22.95
C GLN A 163 7.28 -8.09 -23.62
N ARG A 164 6.04 -8.47 -23.95
CA ARG A 164 5.80 -9.79 -24.52
CA ARG A 164 5.80 -9.79 -24.51
C ARG A 164 6.18 -9.87 -25.99
N PHE A 165 6.02 -8.79 -26.74
CA PHE A 165 6.12 -8.85 -28.19
C PHE A 165 7.18 -7.96 -28.80
N GLY A 166 7.83 -7.10 -28.01
CA GLY A 166 8.78 -6.14 -28.56
C GLY A 166 9.95 -6.80 -29.27
N ASP A 167 10.29 -8.03 -28.89
CA ASP A 167 11.37 -8.76 -29.56
C ASP A 167 11.02 -9.15 -30.99
N ARG A 168 9.73 -9.18 -31.33
CA ARG A 168 9.28 -9.67 -32.62
C ARG A 168 8.47 -8.66 -33.41
N VAL A 169 8.13 -7.51 -32.83
CA VAL A 169 7.31 -6.51 -33.50
C VAL A 169 8.10 -5.21 -33.50
N LYS A 170 8.45 -4.74 -34.68
CA LYS A 170 9.18 -3.50 -34.83
C LYS A 170 8.26 -2.29 -34.90
N TYR A 171 7.13 -2.42 -35.60
CA TYR A 171 6.25 -1.30 -35.91
C TYR A 171 5.01 -1.35 -35.04
N TRP A 172 4.75 -0.25 -34.34
CA TRP A 172 3.63 -0.14 -33.40
C TRP A 172 2.86 1.14 -33.67
N VAL A 173 1.54 1.05 -33.60
CA VAL A 173 0.65 2.20 -33.66
C VAL A 173 -0.02 2.31 -32.29
N THR A 174 -0.11 3.53 -31.76
CA THR A 174 -0.69 3.71 -30.43
C THR A 174 -2.21 3.83 -30.50
N LEU A 175 -2.71 5.06 -30.56
CA LEU A 175 -4.13 5.32 -30.72
C LEU A 175 -4.43 5.41 -32.20
N ASN A 176 -5.41 4.67 -32.64
CA ASN A 176 -5.81 4.68 -34.04
C ASN A 176 -7.07 5.50 -34.17
N GLN A 177 -6.94 6.60 -34.89
CA GLN A 177 -8.04 7.52 -35.16
C GLN A 177 -8.72 8.09 -33.89
N GLN A 178 -7.90 8.66 -33.05
CA GLN A 178 -8.36 9.33 -31.84
C GLN A 178 -9.41 10.38 -32.16
N ASN A 179 -9.22 11.10 -33.27
CA ASN A 179 -10.19 12.13 -33.60
C ASN A 179 -11.56 11.54 -33.86
N ILE A 180 -11.62 10.29 -34.35
CA ILE A 180 -12.90 9.64 -34.57
CA ILE A 180 -12.90 9.64 -34.57
C ILE A 180 -13.50 9.12 -33.27
N PHE A 181 -12.73 8.32 -32.51
CA PHE A 181 -13.37 7.74 -31.33
C PHE A 181 -13.76 8.80 -30.31
N ILE A 182 -12.98 9.87 -30.22
CA ILE A 182 -13.31 10.95 -29.30
C ILE A 182 -14.50 11.76 -29.83
N SER A 183 -14.48 12.17 -31.10
CA SER A 183 -15.58 12.99 -31.58
CA SER A 183 -15.58 12.99 -31.62
C SER A 183 -16.88 12.20 -31.71
N PHE A 184 -16.81 10.96 -32.21
CA PHE A 184 -18.01 10.15 -32.32
C PHE A 184 -18.53 9.74 -30.95
N GLY A 185 -17.64 9.56 -29.98
CA GLY A 185 -18.07 9.11 -28.67
C GLY A 185 -18.58 10.22 -27.77
N TYR A 186 -18.10 11.44 -27.95
CA TYR A 186 -18.38 12.52 -27.02
C TYR A 186 -19.01 13.76 -27.62
N ARG A 187 -18.97 13.91 -28.94
CA ARG A 187 -19.62 15.05 -29.60
CA ARG A 187 -19.64 15.05 -29.57
C ARG A 187 -20.87 14.63 -30.37
N LEU A 188 -20.75 13.61 -31.21
CA LEU A 188 -21.87 13.15 -32.03
C LEU A 188 -22.72 12.09 -31.36
N GLY A 189 -22.22 11.46 -30.30
CA GLY A 189 -22.98 10.43 -29.62
C GLY A 189 -23.23 9.18 -30.43
N LEU A 190 -22.45 8.94 -31.49
CA LEU A 190 -22.66 7.81 -32.38
C LEU A 190 -21.93 6.55 -31.93
N HIS A 191 -20.86 6.71 -31.16
CA HIS A 191 -20.00 5.65 -30.68
C HIS A 191 -19.99 5.73 -29.16
N PRO A 192 -19.50 4.68 -28.45
CA PRO A 192 -19.47 4.75 -26.98
C PRO A 192 -18.61 5.91 -26.51
N PRO A 193 -19.02 6.62 -25.43
CA PRO A 193 -20.18 6.33 -24.57
C PRO A 193 -21.49 6.98 -24.98
N GLY A 194 -21.59 7.47 -26.21
CA GLY A 194 -22.83 8.04 -26.70
C GLY A 194 -23.14 9.41 -26.13
N VAL A 195 -22.12 10.20 -25.87
CA VAL A 195 -22.26 11.51 -25.25
C VAL A 195 -22.24 12.58 -26.33
N LYS A 196 -22.97 13.67 -26.09
CA LYS A 196 -23.03 14.81 -27.00
C LYS A 196 -22.73 16.04 -26.13
N ASP A 197 -21.45 16.34 -25.92
CA ASP A 197 -21.05 17.38 -24.97
C ASP A 197 -19.62 17.77 -25.34
N MET A 198 -19.48 18.93 -25.98
CA MET A 198 -18.16 19.27 -26.49
CA MET A 198 -18.17 19.35 -26.49
C MET A 198 -17.15 19.53 -25.38
N LYS A 199 -17.59 20.02 -24.21
CA LYS A 199 -16.66 20.19 -23.10
C LYS A 199 -16.07 18.86 -22.69
N ARG A 200 -16.93 17.84 -22.54
CA ARG A 200 -16.44 16.51 -22.18
C ARG A 200 -15.57 15.94 -23.28
N MET A 201 -15.91 16.22 -24.54
CA MET A 201 -15.12 15.75 -25.66
CA MET A 201 -15.11 15.75 -25.67
C MET A 201 -13.67 16.23 -25.57
N TYR A 202 -13.49 17.53 -25.32
CA TYR A 202 -12.14 18.07 -25.32
C TYR A 202 -11.35 17.63 -24.09
N GLU A 203 -12.04 17.36 -22.97
CA GLU A 203 -11.35 16.82 -21.80
C GLU A 203 -10.88 15.38 -22.07
N ALA A 204 -11.77 14.54 -22.59
CA ALA A 204 -11.35 13.18 -22.94
C ALA A 204 -10.24 13.19 -23.99
N ASN A 205 -10.32 14.12 -24.93
CA ASN A 205 -9.29 14.21 -25.96
C ASN A 205 -7.93 14.53 -25.36
N HIS A 206 -7.90 15.45 -24.37
CA HIS A 206 -6.64 15.81 -23.74
C HIS A 206 -6.07 14.62 -22.97
N ILE A 207 -6.92 13.88 -22.27
CA ILE A 207 -6.45 12.69 -21.56
C ILE A 207 -5.90 11.66 -22.55
N ALA A 208 -6.58 11.46 -23.68
CA ALA A 208 -6.04 10.56 -24.69
C ALA A 208 -4.68 11.04 -25.21
N ASN A 209 -4.52 12.34 -25.37
CA ASN A 209 -3.21 12.86 -25.77
C ASN A 209 -2.13 12.49 -24.76
N LEU A 210 -2.44 12.62 -23.47
CA LEU A 210 -1.47 12.29 -22.43
C LEU A 210 -1.17 10.81 -22.42
N ALA A 211 -2.20 9.98 -22.63
CA ALA A 211 -2.00 8.53 -22.68
C ALA A 211 -1.09 8.14 -23.83
N ASN A 212 -1.30 8.75 -25.00
CA ASN A 212 -0.44 8.49 -26.15
C ASN A 212 1.01 8.85 -25.83
N ALA A 213 1.23 10.03 -25.26
CA ALA A 213 2.59 10.46 -24.96
C ALA A 213 3.23 9.53 -23.92
N LYS A 214 2.47 9.14 -22.90
CA LYS A 214 3.02 8.27 -21.86
C LYS A 214 3.49 6.94 -22.46
N VAL A 215 2.69 6.36 -23.33
CA VAL A 215 3.08 5.06 -23.87
CA VAL A 215 3.04 5.06 -23.92
C VAL A 215 4.26 5.18 -24.82
N ILE A 216 4.38 6.29 -25.56
CA ILE A 216 5.55 6.47 -26.41
C ILE A 216 6.80 6.57 -25.55
N GLN A 217 6.73 7.29 -24.42
CA GLN A 217 7.87 7.35 -23.51
CA GLN A 217 7.91 7.33 -23.58
C GLN A 217 8.23 5.97 -22.98
N SER A 218 7.21 5.19 -22.61
CA SER A 218 7.48 3.83 -22.14
C SER A 218 8.11 2.98 -23.24
N PHE A 219 7.65 3.16 -24.48
CA PHE A 219 8.18 2.40 -25.61
C PHE A 219 9.68 2.61 -25.75
N ARG A 220 10.17 3.82 -25.50
CA ARG A 220 11.61 4.08 -25.64
C ARG A 220 12.40 3.24 -24.66
N HIS A 221 11.82 2.91 -23.50
CA HIS A 221 12.49 2.07 -22.52
C HIS A 221 12.47 0.61 -22.91
N TYR A 222 11.35 0.12 -23.44
CA TYR A 222 11.14 -1.31 -23.59
C TYR A 222 11.42 -1.82 -25.00
N VAL A 223 11.29 -0.98 -26.03
CA VAL A 223 11.50 -1.41 -27.40
C VAL A 223 12.45 -0.39 -28.04
N PRO A 224 13.71 -0.35 -27.62
CA PRO A 224 14.59 0.73 -28.08
C PRO A 224 14.86 0.74 -29.57
N ASP A 225 14.70 -0.39 -30.26
CA ASP A 225 14.92 -0.44 -31.70
C ASP A 225 13.63 -0.38 -32.50
N GLY A 226 12.49 -0.19 -31.84
CA GLY A 226 11.22 -0.17 -32.53
C GLY A 226 10.85 1.19 -33.06
N LYS A 227 9.75 1.22 -33.80
CA LYS A 227 9.20 2.45 -34.36
C LYS A 227 7.74 2.55 -33.95
N ILE A 228 7.34 3.71 -33.44
CA ILE A 228 6.00 3.88 -32.89
C ILE A 228 5.44 5.22 -33.32
N GLY A 229 4.12 5.26 -33.50
CA GLY A 229 3.44 6.51 -33.73
C GLY A 229 1.95 6.37 -33.59
N PRO A 230 1.24 7.48 -33.42
CA PRO A 230 -0.22 7.48 -33.49
C PRO A 230 -0.64 7.43 -34.94
N SER A 231 -1.92 7.12 -35.16
CA SER A 231 -2.48 7.17 -36.50
C SER A 231 -3.69 8.09 -36.50
N PHE A 232 -3.70 9.02 -37.43
CA PHE A 232 -4.69 10.09 -37.47
C PHE A 232 -5.59 9.91 -38.69
N ALA A 233 -6.91 10.01 -38.48
CA ALA A 233 -7.86 9.97 -39.59
C ALA A 233 -7.85 11.35 -40.26
N TYR A 234 -7.13 11.44 -41.37
CA TYR A 234 -6.78 12.72 -41.98
C TYR A 234 -7.63 12.96 -43.24
N SER A 235 -8.52 13.95 -43.17
CA SER A 235 -9.14 14.50 -44.36
C SER A 235 -8.52 15.87 -44.62
N PRO A 236 -7.56 15.97 -45.54
CA PRO A 236 -6.97 17.28 -45.84
C PRO A 236 -8.04 18.24 -46.33
N MET A 237 -7.97 19.48 -45.85
CA MET A 237 -8.94 20.51 -46.22
C MET A 237 -8.47 21.27 -47.46
N TYR A 238 -9.42 21.65 -48.31
CA TYR A 238 -9.22 22.52 -49.45
C TYR A 238 -10.10 23.77 -49.30
N PRO A 239 -9.64 24.94 -49.71
CA PRO A 239 -10.57 26.06 -49.89
C PRO A 239 -11.37 25.84 -51.16
N TYR A 240 -12.61 26.32 -51.16
CA TYR A 240 -13.44 26.17 -52.35
C TYR A 240 -12.84 26.91 -53.54
N ASP A 241 -12.31 28.11 -53.29
CA ASP A 241 -11.71 28.90 -54.36
C ASP A 241 -10.81 29.96 -53.74
N SER A 242 -10.36 30.90 -54.56
CA SER A 242 -9.41 31.92 -54.16
C SER A 242 -10.08 33.17 -53.61
N ARG A 243 -11.37 33.11 -53.27
CA ARG A 243 -11.96 34.18 -52.47
C ARG A 243 -11.24 34.22 -51.13
N PRO A 244 -10.73 35.38 -50.71
CA PRO A 244 -10.00 35.43 -49.43
C PRO A 244 -10.77 34.81 -48.26
N GLU A 245 -12.08 35.04 -48.17
CA GLU A 245 -12.82 34.46 -47.06
C GLU A 245 -12.89 32.93 -47.14
N ASN A 246 -12.80 32.36 -48.34
CA ASN A 246 -12.78 30.91 -48.43
C ASN A 246 -11.42 30.35 -48.07
N VAL A 247 -10.34 31.06 -48.42
CA VAL A 247 -9.02 30.62 -48.01
C VAL A 247 -8.90 30.71 -46.49
N LEU A 248 -9.45 31.75 -45.88
CA LEU A 248 -9.45 31.86 -44.43
C LEU A 248 -10.23 30.71 -43.80
N ALA A 249 -11.37 30.35 -44.39
CA ALA A 249 -12.12 29.19 -43.91
C ALA A 249 -11.27 27.94 -43.94
N PHE A 250 -10.49 27.76 -45.01
CA PHE A 250 -9.55 26.65 -45.09
C PHE A 250 -8.51 26.71 -43.98
N GLU A 251 -7.95 27.90 -43.71
CA GLU A 251 -7.00 28.01 -42.60
C GLU A 251 -7.64 27.54 -41.30
N ASN A 252 -8.86 28.00 -41.04
CA ASN A 252 -9.56 27.60 -39.81
C ASN A 252 -9.79 26.10 -39.78
N ALA A 253 -10.25 25.54 -40.90
CA ALA A 253 -10.63 24.13 -40.94
C ALA A 253 -9.42 23.22 -40.80
N GLU A 254 -8.35 23.49 -41.54
CA GLU A 254 -7.17 22.63 -41.44
C GLU A 254 -6.61 22.66 -40.01
N GLU A 255 -6.60 23.82 -39.38
CA GLU A 255 -6.09 23.91 -38.02
C GLU A 255 -7.02 23.21 -37.04
N PHE A 256 -8.33 23.46 -37.14
CA PHE A 256 -9.28 22.98 -36.14
C PHE A 256 -9.52 21.49 -36.28
N GLN A 257 -9.55 20.98 -37.51
CA GLN A 257 -9.86 19.58 -37.73
C GLN A 257 -8.62 18.69 -37.75
N ASN A 258 -7.48 19.25 -38.15
CA ASN A 258 -6.29 18.43 -38.44
C ASN A 258 -5.10 18.78 -37.55
N HIS A 259 -4.67 20.04 -37.53
CA HIS A 259 -3.56 20.41 -36.67
C HIS A 259 -3.89 20.20 -35.20
N TRP A 260 -5.15 20.33 -34.82
CA TRP A 260 -5.56 20.14 -33.43
C TRP A 260 -5.04 18.82 -32.87
N TRP A 261 -5.03 17.78 -33.69
CA TRP A 261 -4.46 16.47 -33.33
C TRP A 261 -2.99 16.34 -33.72
N MET A 262 -2.65 16.62 -34.98
CA MET A 262 -1.31 16.28 -35.43
C MET A 262 -0.24 17.18 -34.81
N ASP A 263 -0.57 18.44 -34.49
CA ASP A 263 0.42 19.27 -33.81
C ASP A 263 0.72 18.74 -32.42
N VAL A 264 -0.27 18.19 -31.73
CA VAL A 264 0.01 17.61 -30.43
C VAL A 264 0.90 16.39 -30.60
N TYR A 265 0.60 15.54 -31.58
CA TYR A 265 1.39 14.34 -31.78
C TYR A 265 2.84 14.68 -32.13
N ALA A 266 3.04 15.68 -32.99
CA ALA A 266 4.38 15.96 -33.49
C ALA A 266 5.16 16.92 -32.60
N TRP A 267 4.48 17.92 -32.04
CA TRP A 267 5.13 19.01 -31.33
C TRP A 267 4.71 19.14 -29.88
N GLY A 268 3.69 18.41 -29.45
CA GLY A 268 3.22 18.53 -28.08
C GLY A 268 2.49 19.80 -27.77
N MET A 269 1.95 20.50 -28.77
CA MET A 269 1.32 21.79 -28.57
CA MET A 269 1.32 21.79 -28.57
C MET A 269 0.02 21.87 -29.37
N TYR A 270 -1.03 22.39 -28.74
CA TYR A 270 -2.25 22.69 -29.47
C TYR A 270 -2.06 24.00 -30.24
N PRO A 271 -2.66 24.12 -31.43
CA PRO A 271 -2.56 25.37 -32.17
C PRO A 271 -3.36 26.48 -31.50
N GLN A 272 -2.85 27.71 -31.59
CA GLN A 272 -3.32 28.78 -30.72
C GLN A 272 -4.68 29.32 -31.14
N ALA A 273 -4.92 29.51 -32.45
CA ALA A 273 -6.22 30.05 -32.84
C ALA A 273 -7.35 29.12 -32.45
N ALA A 274 -7.17 27.82 -32.65
CA ALA A 274 -8.16 26.83 -32.23
C ALA A 274 -8.32 26.85 -30.71
N TRP A 275 -7.20 26.90 -29.98
CA TRP A 275 -7.27 26.96 -28.52
C TRP A 275 -8.07 28.18 -28.08
N ASN A 276 -7.77 29.34 -28.65
CA ASN A 276 -8.45 30.57 -28.23
C ASN A 276 -9.94 30.51 -28.56
N TYR A 277 -10.29 29.92 -29.70
CA TYR A 277 -11.71 29.74 -30.00
C TYR A 277 -12.40 28.88 -28.94
N LEU A 278 -11.79 27.74 -28.59
CA LEU A 278 -12.40 26.90 -27.58
C LEU A 278 -12.47 27.62 -26.24
N GLU A 279 -11.42 28.35 -25.88
CA GLU A 279 -11.43 29.09 -24.63
C GLU A 279 -12.55 30.12 -24.60
N SER A 280 -12.85 30.75 -25.75
CA SER A 280 -13.95 31.71 -25.81
C SER A 280 -15.32 31.05 -25.64
N GLN A 281 -15.41 29.75 -25.89
CA GLN A 281 -16.63 28.98 -25.71
C GLN A 281 -16.65 28.23 -24.39
N GLY A 282 -15.61 28.37 -23.56
CA GLY A 282 -15.51 27.60 -22.34
C GLY A 282 -15.26 26.13 -22.55
N LEU A 283 -14.58 25.77 -23.64
CA LEU A 283 -14.43 24.37 -24.04
C LEU A 283 -12.99 23.85 -23.95
N GLU A 284 -12.02 24.70 -23.64
CA GLU A 284 -10.65 24.22 -23.62
C GLU A 284 -10.43 23.23 -22.48
N PRO A 285 -9.57 22.24 -22.67
CA PRO A 285 -9.38 21.21 -21.63
C PRO A 285 -8.64 21.74 -20.42
N THR A 286 -8.80 21.01 -19.32
CA THR A 286 -8.09 21.29 -18.08
C THR A 286 -6.65 20.77 -18.18
N VAL A 287 -5.69 21.64 -17.89
CA VAL A 287 -4.28 21.32 -18.02
C VAL A 287 -3.68 21.21 -16.63
N ALA A 288 -2.96 20.14 -16.38
CA ALA A 288 -2.32 19.91 -15.10
C ALA A 288 -0.82 20.16 -15.22
N PRO A 289 -0.15 20.47 -14.11
CA PRO A 289 1.31 20.57 -14.13
C PRO A 289 1.91 19.28 -14.67
N GLY A 290 2.91 19.44 -15.54
CA GLY A 290 3.55 18.32 -16.17
C GLY A 290 2.97 17.90 -17.51
N ASP A 291 1.75 18.36 -17.85
CA ASP A 291 1.13 17.95 -19.10
C ASP A 291 1.96 18.38 -20.31
N TRP A 292 2.34 19.65 -20.39
CA TRP A 292 3.07 20.11 -21.57
C TRP A 292 4.41 19.41 -21.69
N GLU A 293 5.09 19.23 -20.55
CA GLU A 293 6.38 18.54 -20.56
C GLU A 293 6.24 17.14 -21.12
N LEU A 294 5.19 16.41 -20.71
CA LEU A 294 4.99 15.06 -21.22
C LEU A 294 4.66 15.06 -22.71
N LEU A 295 3.74 15.93 -23.12
CA LEU A 295 3.32 15.93 -24.53
C LEU A 295 4.49 16.30 -25.44
N GLN A 296 5.36 17.20 -25.00
CA GLN A 296 6.47 17.66 -25.84
CA GLN A 296 6.45 17.65 -25.85
C GLN A 296 7.59 16.64 -25.90
N ALA A 297 7.74 15.81 -24.85
CA ALA A 297 8.84 14.86 -24.74
C ALA A 297 8.46 13.46 -25.20
N ALA A 298 7.57 13.34 -26.17
CA ALA A 298 7.12 12.04 -26.65
C ALA A 298 7.04 12.04 -28.17
N LYS A 299 8.16 12.31 -28.80
CA LYS A 299 8.20 12.42 -30.25
CA LYS A 299 8.22 12.42 -30.25
C LYS A 299 8.00 11.05 -30.88
N PRO A 300 7.15 10.92 -31.89
CA PRO A 300 6.94 9.64 -32.55
C PRO A 300 7.95 9.44 -33.68
N ASP A 301 8.10 8.18 -34.09
CA ASP A 301 8.95 7.88 -35.23
C ASP A 301 8.27 8.17 -36.57
N PHE A 302 6.94 8.14 -36.61
CA PHE A 302 6.21 8.39 -37.84
C PHE A 302 4.84 8.90 -37.47
N MET A 303 4.17 9.49 -38.45
CA MET A 303 2.75 9.79 -38.36
C MET A 303 1.98 8.72 -39.12
N GLY A 304 1.08 8.02 -38.43
CA GLY A 304 0.17 7.13 -39.13
C GLY A 304 -0.96 7.95 -39.75
N VAL A 305 -1.37 7.55 -40.95
CA VAL A 305 -2.42 8.24 -41.68
C VAL A 305 -3.48 7.26 -42.15
N ASN A 306 -4.72 7.47 -41.70
CA ASN A 306 -5.89 6.78 -42.24
C ASN A 306 -6.53 7.77 -43.21
N TYR A 307 -6.56 7.43 -44.50
CA TYR A 307 -7.00 8.37 -45.52
C TYR A 307 -8.12 7.78 -46.37
N TYR A 308 -9.20 8.54 -46.53
CA TYR A 308 -10.24 8.22 -47.49
C TYR A 308 -10.57 9.35 -48.45
N GLN A 309 -10.57 10.60 -48.00
CA GLN A 309 -11.03 11.68 -48.87
C GLN A 309 -10.61 13.01 -48.29
N THR A 310 -10.58 14.02 -49.15
CA THR A 310 -10.41 15.40 -48.75
C THR A 310 -11.76 16.02 -48.44
N THR A 311 -11.73 17.23 -47.88
CA THR A 311 -12.92 18.00 -47.57
C THR A 311 -12.70 19.41 -48.08
N THR A 312 -13.68 19.96 -48.80
CA THR A 312 -13.59 21.32 -49.29
C THR A 312 -14.49 22.20 -48.42
N VAL A 313 -14.00 23.41 -48.10
CA VAL A 313 -14.70 24.29 -47.19
C VAL A 313 -14.84 25.69 -47.78
N GLU A 314 -15.80 26.42 -47.22
CA GLU A 314 -16.03 27.81 -47.60
C GLU A 314 -16.44 28.60 -46.36
N HIS A 315 -16.48 29.92 -46.54
CA HIS A 315 -16.85 30.84 -45.47
C HIS A 315 -18.19 30.46 -44.84
N ASN A 316 -18.26 30.58 -43.52
CA ASN A 316 -19.47 30.26 -42.76
C ASN A 316 -19.71 31.39 -41.77
N PRO A 317 -20.72 32.23 -42.00
CA PRO A 317 -20.98 33.38 -41.12
C PRO A 317 -21.30 32.94 -39.70
N PRO A 318 -21.15 33.84 -38.72
CA PRO A 318 -21.39 33.45 -37.32
C PRO A 318 -22.80 32.96 -37.01
N ASP A 319 -23.77 33.21 -37.90
CA ASP A 319 -25.12 32.67 -37.75
C ASP A 319 -25.42 31.57 -38.76
N GLY A 320 -24.38 30.86 -39.20
CA GLY A 320 -24.46 29.96 -40.33
C GLY A 320 -24.60 28.50 -39.93
N VAL A 321 -24.04 27.63 -40.76
CA VAL A 321 -24.21 26.19 -40.61
C VAL A 321 -23.51 25.71 -39.35
N GLY A 322 -24.18 24.83 -38.60
CA GLY A 322 -23.59 24.23 -37.42
C GLY A 322 -23.64 22.70 -37.46
N THR A 336 -25.36 16.78 -46.49
CA THR A 336 -25.31 18.23 -46.62
C THR A 336 -24.18 18.86 -45.80
N SER A 337 -24.13 20.19 -45.81
CA SER A 337 -23.01 20.91 -45.23
C SER A 337 -23.01 20.82 -43.71
N SER A 338 -21.81 20.72 -43.13
CA SER A 338 -21.59 20.84 -41.70
C SER A 338 -20.47 21.84 -41.47
N GLY A 339 -20.36 22.33 -40.25
CA GLY A 339 -19.30 23.27 -39.96
C GLY A 339 -19.49 23.91 -38.60
N ILE A 340 -18.70 24.95 -38.38
CA ILE A 340 -18.70 25.70 -37.13
C ILE A 340 -18.96 27.15 -37.49
N PRO A 341 -20.03 27.76 -36.96
CA PRO A 341 -20.34 29.15 -37.31
C PRO A 341 -19.16 30.06 -37.02
N GLY A 342 -18.86 30.93 -37.98
CA GLY A 342 -17.74 31.83 -37.85
C GLY A 342 -16.40 31.24 -38.23
N LEU A 343 -16.31 29.94 -38.47
CA LEU A 343 -15.03 29.31 -38.81
C LEU A 343 -15.01 28.76 -40.24
N PHE A 344 -15.92 27.85 -40.57
CA PHE A 344 -15.94 27.23 -41.89
C PHE A 344 -17.20 26.38 -41.99
N LYS A 345 -17.54 26.01 -43.22
CA LYS A 345 -18.52 24.97 -43.48
C LYS A 345 -18.07 24.17 -44.70
N THR A 346 -18.47 22.91 -44.73
CA THR A 346 -18.11 22.06 -45.86
C THR A 346 -18.99 22.38 -47.06
N VAL A 347 -18.46 22.07 -48.24
CA VAL A 347 -19.16 22.27 -49.49
C VAL A 347 -18.69 21.19 -50.45
N ARG A 348 -19.60 20.73 -51.30
CA ARG A 348 -19.26 19.72 -52.28
C ARG A 348 -18.17 20.23 -53.20
N ASN A 349 -17.17 19.38 -53.46
CA ASN A 349 -16.08 19.75 -54.36
C ASN A 349 -16.49 19.35 -55.77
N PRO A 350 -16.71 20.31 -56.68
CA PRO A 350 -17.17 19.94 -58.03
C PRO A 350 -16.09 19.28 -58.89
N HIS A 351 -14.85 19.20 -58.41
CA HIS A 351 -13.75 18.75 -59.24
C HIS A 351 -13.24 17.36 -58.89
N VAL A 352 -13.95 16.61 -58.04
CA VAL A 352 -13.60 15.22 -57.75
C VAL A 352 -14.84 14.36 -57.92
N ASP A 353 -14.63 13.09 -58.28
CA ASP A 353 -15.71 12.12 -58.28
C ASP A 353 -16.10 11.76 -56.86
N THR A 354 -17.21 11.02 -56.74
CA THR A 354 -17.69 10.55 -55.45
C THR A 354 -17.99 9.07 -55.53
N THR A 355 -17.89 8.40 -54.39
CA THR A 355 -18.35 7.02 -54.28
C THR A 355 -19.87 6.98 -54.25
N ASN A 356 -20.42 5.77 -54.18
CA ASN A 356 -21.87 5.63 -54.07
C ASN A 356 -22.41 6.10 -52.72
N TRP A 357 -21.54 6.45 -51.77
CA TRP A 357 -21.92 7.00 -50.47
CA TRP A 357 -21.98 7.02 -50.50
C TRP A 357 -21.60 8.49 -50.35
N ASP A 358 -21.34 9.16 -51.47
CA ASP A 358 -21.01 10.58 -51.50
C ASP A 358 -19.67 10.90 -50.85
N TRP A 359 -18.81 9.90 -50.65
CA TRP A 359 -17.42 10.15 -50.27
C TRP A 359 -16.64 10.56 -51.51
N ALA A 360 -15.82 11.60 -51.37
CA ALA A 360 -14.97 11.99 -52.49
C ALA A 360 -14.00 10.86 -52.81
N ILE A 361 -13.68 10.72 -54.10
CA ILE A 361 -12.56 9.91 -54.54
C ILE A 361 -11.50 10.90 -54.99
N ASP A 362 -10.43 11.01 -54.22
CA ASP A 362 -9.43 12.06 -54.43
C ASP A 362 -8.04 11.50 -54.16
N PRO A 363 -7.48 10.72 -55.08
CA PRO A 363 -6.12 10.19 -54.85
C PRO A 363 -5.07 11.28 -54.80
N VAL A 364 -5.21 12.35 -55.59
CA VAL A 364 -4.25 13.45 -55.47
C VAL A 364 -4.27 14.05 -54.06
N GLY A 365 -5.46 14.05 -53.43
CA GLY A 365 -5.57 14.51 -52.06
C GLY A 365 -4.71 13.72 -51.09
N LEU A 366 -4.49 12.43 -51.36
CA LEU A 366 -3.56 11.66 -50.53
C LEU A 366 -2.14 12.19 -50.69
N ARG A 367 -1.71 12.45 -51.93
CA ARG A 367 -0.40 13.07 -52.13
C ARG A 367 -0.32 14.42 -51.40
N ILE A 368 -1.37 15.23 -51.48
CA ILE A 368 -1.37 16.52 -50.80
C ILE A 368 -1.22 16.34 -49.29
N GLY A 369 -1.97 15.40 -48.72
CA GLY A 369 -1.87 15.19 -47.28
C GLY A 369 -0.49 14.70 -46.87
N LEU A 370 0.09 13.80 -47.66
CA LEU A 370 1.45 13.34 -47.38
C LEU A 370 2.45 14.49 -47.45
N ARG A 371 2.31 15.32 -48.50
CA ARG A 371 3.19 16.48 -48.62
C ARG A 371 3.03 17.42 -47.44
N ARG A 372 1.78 17.62 -46.98
CA ARG A 372 1.56 18.55 -45.88
C ARG A 372 2.21 18.06 -44.60
N ILE A 373 2.13 16.75 -44.33
CA ILE A 373 2.74 16.20 -43.12
C ILE A 373 4.26 16.31 -43.17
N ALA A 374 4.86 15.98 -44.33
CA ALA A 374 6.30 16.15 -44.46
C ALA A 374 6.69 17.61 -44.32
N ASN A 375 5.94 18.50 -44.97
CA ASN A 375 6.28 19.93 -44.97
C ASN A 375 6.16 20.52 -43.58
N ARG A 376 5.16 20.09 -42.80
CA ARG A 376 4.92 20.70 -41.50
C ARG A 376 5.75 20.07 -40.39
N TYR A 377 5.89 18.73 -40.41
CA TYR A 377 6.46 18.01 -39.29
C TYR A 377 7.74 17.28 -39.62
N GLN A 378 8.09 17.15 -40.91
CA GLN A 378 9.28 16.41 -41.35
C GLN A 378 9.26 14.97 -40.86
N LEU A 379 8.05 14.38 -40.73
CA LEU A 379 7.95 13.01 -40.21
C LEU A 379 7.77 12.03 -41.36
N PRO A 380 8.36 10.85 -41.24
CA PRO A 380 7.95 9.73 -42.09
C PRO A 380 6.48 9.41 -41.82
N ILE A 381 5.84 8.77 -42.80
CA ILE A 381 4.42 8.48 -42.75
C ILE A 381 4.20 6.99 -43.01
N LEU A 382 3.40 6.36 -42.17
CA LEU A 382 2.87 5.03 -42.46
C LEU A 382 1.41 5.21 -42.81
N ILE A 383 1.02 4.86 -44.03
CA ILE A 383 -0.40 4.90 -44.38
C ILE A 383 -1.02 3.64 -43.79
N THR A 384 -1.82 3.82 -42.74
CA THR A 384 -2.33 2.71 -41.96
C THR A 384 -3.67 2.20 -42.46
N GLU A 385 -4.33 2.94 -43.34
CA GLU A 385 -5.67 2.59 -43.81
C GLU A 385 -6.02 3.41 -45.03
N ASN A 386 -6.44 2.74 -46.10
CA ASN A 386 -6.99 3.37 -47.29
C ASN A 386 -7.68 2.25 -48.07
N GLY A 387 -8.90 2.49 -48.53
CA GLY A 387 -9.60 1.43 -49.25
C GLY A 387 -10.94 1.92 -49.75
N LEU A 388 -11.64 1.03 -50.44
CA LEU A 388 -12.94 1.34 -51.04
C LEU A 388 -13.99 0.35 -50.53
N GLY A 389 -15.07 0.86 -49.98
CA GLY A 389 -16.19 0.04 -49.56
C GLY A 389 -17.26 0.04 -50.62
N GLU A 390 -17.75 -1.15 -50.95
CA GLU A 390 -18.73 -1.30 -52.02
C GLU A 390 -19.49 -2.61 -51.83
N PHE A 391 -20.66 -2.68 -52.45
CA PHE A 391 -21.53 -3.85 -52.37
C PHE A 391 -21.10 -4.93 -53.37
N ASP A 392 -20.15 -5.78 -52.97
CA ASP A 392 -19.61 -6.79 -53.88
C ASP A 392 -20.63 -7.90 -54.13
N THR A 393 -20.67 -8.38 -55.36
CA THR A 393 -21.54 -9.49 -55.76
C THR A 393 -20.72 -10.77 -55.87
N LEU A 394 -21.18 -11.83 -55.22
CA LEU A 394 -20.55 -13.14 -55.35
C LEU A 394 -21.21 -13.83 -56.55
N GLU A 395 -20.45 -13.96 -57.63
CA GLU A 395 -20.96 -14.55 -58.86
C GLU A 395 -20.71 -16.05 -58.86
N PRO A 396 -21.43 -16.80 -59.71
CA PRO A 396 -21.24 -18.26 -59.74
C PRO A 396 -19.78 -18.63 -59.95
N GLY A 397 -19.39 -19.74 -59.32
CA GLY A 397 -17.99 -20.13 -59.31
C GLY A 397 -17.16 -19.44 -58.26
N ASP A 398 -17.79 -18.77 -57.29
CA ASP A 398 -17.08 -18.04 -56.24
C ASP A 398 -16.11 -17.01 -56.83
N ILE A 399 -16.67 -16.12 -57.65
CA ILE A 399 -15.92 -15.06 -58.31
C ILE A 399 -16.47 -13.72 -57.87
N VAL A 400 -15.58 -12.80 -57.50
CA VAL A 400 -15.95 -11.43 -57.15
C VAL A 400 -15.12 -10.51 -58.03
N ASN A 401 -15.78 -9.85 -58.98
CA ASN A 401 -15.10 -8.94 -59.90
C ASN A 401 -15.21 -7.54 -59.33
N ASP A 402 -14.18 -7.13 -58.60
CA ASP A 402 -14.21 -5.83 -57.95
C ASP A 402 -13.21 -4.89 -58.63
N ASP A 403 -13.39 -4.69 -59.94
CA ASP A 403 -12.53 -3.77 -60.68
C ASP A 403 -12.61 -2.35 -60.12
N TYR A 404 -13.75 -1.97 -59.54
CA TYR A 404 -13.88 -0.66 -58.93
C TYR A 404 -12.92 -0.49 -57.77
N ARG A 405 -12.68 -1.57 -57.02
CA ARG A 405 -11.73 -1.51 -55.91
C ARG A 405 -10.30 -1.44 -56.43
N ILE A 406 -9.99 -2.21 -57.47
CA ILE A 406 -8.67 -2.14 -58.11
C ILE A 406 -8.39 -0.72 -58.60
N ASP A 407 -9.37 -0.12 -59.26
CA ASP A 407 -9.16 1.23 -59.80
C ASP A 407 -8.88 2.23 -58.69
N TYR A 408 -9.64 2.16 -57.61
CA TYR A 408 -9.44 3.07 -56.49
C TYR A 408 -8.05 2.88 -55.88
N LEU A 409 -7.68 1.64 -55.58
CA LEU A 409 -6.39 1.39 -54.95
C LEU A 409 -5.25 1.77 -55.88
N ARG A 410 -5.35 1.42 -57.16
CA ARG A 410 -4.31 1.74 -58.13
C ARG A 410 -4.00 3.23 -58.14
N ARG A 411 -5.06 4.05 -58.17
CA ARG A 411 -4.85 5.49 -58.27
C ARG A 411 -4.19 6.04 -57.01
N HIS A 412 -4.55 5.50 -55.84
CA HIS A 412 -3.92 5.97 -54.61
C HIS A 412 -2.46 5.54 -54.53
N VAL A 413 -2.15 4.31 -54.93
CA VAL A 413 -0.77 3.85 -54.93
C VAL A 413 0.07 4.69 -55.89
N GLN A 414 -0.47 5.03 -57.05
CA GLN A 414 0.24 5.88 -57.99
C GLN A 414 0.59 7.24 -57.37
N GLU A 415 -0.35 7.82 -56.63
CA GLU A 415 -0.08 9.11 -56.00
C GLU A 415 0.91 8.99 -54.86
N ILE A 416 0.91 7.85 -54.14
CA ILE A 416 1.95 7.62 -53.14
C ILE A 416 3.33 7.65 -53.79
N GLN A 417 3.47 7.00 -54.94
CA GLN A 417 4.76 6.99 -55.60
C GLN A 417 5.20 8.40 -55.98
N ARG A 418 4.26 9.25 -56.39
CA ARG A 418 4.59 10.63 -56.69
C ARG A 418 5.00 11.40 -55.43
N ALA A 419 4.35 11.12 -54.30
CA ALA A 419 4.75 11.75 -53.04
C ALA A 419 6.16 11.32 -52.63
N ILE A 420 6.48 10.03 -52.79
CA ILE A 420 7.84 9.57 -52.52
C ILE A 420 8.83 10.29 -53.43
N THR A 421 8.48 10.43 -54.70
CA THR A 421 9.35 11.12 -55.64
C THR A 421 9.56 12.58 -55.23
N ASP A 422 8.51 13.21 -54.69
CA ASP A 422 8.62 14.58 -54.19
C ASP A 422 9.57 14.67 -52.99
N GLY A 423 9.79 13.58 -52.27
CA GLY A 423 10.64 13.58 -51.10
C GLY A 423 9.96 13.15 -49.80
N VAL A 424 8.70 12.74 -49.81
CA VAL A 424 8.05 12.26 -48.61
C VAL A 424 8.56 10.86 -48.30
N ASP A 425 8.88 10.61 -47.04
CA ASP A 425 9.32 9.29 -46.59
C ASP A 425 8.07 8.52 -46.19
N VAL A 426 7.57 7.68 -47.09
CA VAL A 426 6.42 6.83 -46.83
C VAL A 426 6.94 5.43 -46.50
N LEU A 427 6.63 4.95 -45.29
CA LEU A 427 7.15 3.69 -44.81
C LEU A 427 6.38 2.50 -45.36
N GLY A 428 5.12 2.68 -45.67
CA GLY A 428 4.31 1.57 -46.13
C GLY A 428 2.89 2.03 -46.38
N TYR A 429 2.08 1.07 -46.82
CA TYR A 429 0.70 1.32 -47.23
C TYR A 429 -0.12 0.11 -46.83
N CYS A 430 -1.06 0.32 -45.93
CA CYS A 430 -1.93 -0.76 -45.46
C CYS A 430 -3.31 -0.57 -46.07
N ALA A 431 -3.63 -1.40 -47.05
CA ALA A 431 -4.96 -1.36 -47.64
C ALA A 431 -6.01 -1.80 -46.63
N TRP A 432 -7.14 -1.11 -46.63
CA TRP A 432 -8.25 -1.45 -45.75
C TRP A 432 -9.32 -2.11 -46.60
N SER A 433 -9.60 -3.40 -46.43
CA SER A 433 -9.10 -4.26 -45.37
C SER A 433 -8.61 -5.57 -45.98
N PHE A 434 -8.03 -6.45 -45.18
CA PHE A 434 -7.60 -7.72 -45.75
C PHE A 434 -8.78 -8.63 -46.09
N THR A 435 -9.58 -8.99 -45.08
CA THR A 435 -10.85 -9.66 -45.32
C THR A 435 -11.97 -8.65 -45.11
N ASP A 436 -13.13 -8.97 -45.67
CA ASP A 436 -14.34 -8.26 -45.30
C ASP A 436 -14.50 -8.31 -43.78
N LEU A 437 -15.18 -7.31 -43.24
CA LEU A 437 -15.29 -7.22 -41.79
C LEU A 437 -16.60 -6.54 -41.40
N LEU A 438 -16.88 -6.57 -40.10
CA LEU A 438 -18.06 -5.92 -39.57
C LEU A 438 -17.82 -4.42 -39.46
N SER A 439 -18.72 -3.62 -40.02
CA SER A 439 -18.65 -2.19 -39.76
CA SER A 439 -18.70 -2.18 -39.77
C SER A 439 -19.25 -1.88 -38.39
N TRP A 440 -18.81 -0.75 -37.82
CA TRP A 440 -19.20 -0.40 -36.46
C TRP A 440 -20.72 -0.25 -36.32
N LEU A 441 -21.35 0.43 -37.28
CA LEU A 441 -22.77 0.72 -37.19
C LEU A 441 -23.59 0.24 -38.38
N ASN A 442 -22.96 -0.20 -39.47
CA ASN A 442 -23.67 -0.39 -40.72
C ASN A 442 -23.66 -1.84 -41.21
N GLY A 443 -23.36 -2.80 -40.35
CA GLY A 443 -23.42 -4.18 -40.77
C GLY A 443 -22.28 -4.56 -41.72
N TYR A 444 -22.58 -5.45 -42.66
CA TYR A 444 -21.56 -6.12 -43.46
C TYR A 444 -21.62 -5.83 -44.95
N GLN A 445 -22.70 -5.25 -45.48
CA GLN A 445 -22.93 -5.30 -46.92
C GLN A 445 -21.97 -4.39 -47.69
N LYS A 446 -21.54 -3.28 -47.11
CA LYS A 446 -20.53 -2.44 -47.75
C LYS A 446 -19.16 -3.03 -47.40
N ARG A 447 -18.59 -3.76 -48.36
CA ARG A 447 -17.42 -4.59 -48.11
C ARG A 447 -16.14 -3.87 -48.51
N TYR A 448 -15.07 -4.15 -47.76
CA TYR A 448 -13.76 -3.53 -47.97
C TYR A 448 -12.63 -4.49 -48.30
N GLY A 449 -12.84 -5.80 -48.21
CA GLY A 449 -11.71 -6.72 -48.21
C GLY A 449 -11.15 -7.02 -49.59
N PHE A 450 -9.90 -7.48 -49.60
CA PHE A 450 -9.40 -8.26 -50.71
C PHE A 450 -9.99 -9.66 -50.72
N VAL A 451 -10.42 -10.14 -49.56
CA VAL A 451 -10.95 -11.48 -49.38
C VAL A 451 -12.41 -11.34 -48.96
N TYR A 452 -13.30 -11.84 -49.80
CA TYR A 452 -14.72 -11.85 -49.50
C TYR A 452 -14.99 -12.86 -48.41
N VAL A 453 -15.82 -12.50 -47.44
CA VAL A 453 -16.28 -13.43 -46.42
C VAL A 453 -17.76 -13.69 -46.64
N ASN A 454 -18.12 -14.95 -46.82
CA ASN A 454 -19.49 -15.35 -47.09
C ASN A 454 -20.31 -15.32 -45.80
N ARG A 455 -20.90 -14.16 -45.54
CA ARG A 455 -21.89 -13.93 -44.49
C ARG A 455 -22.61 -12.64 -44.86
N ASP A 456 -23.71 -12.35 -44.17
CA ASP A 456 -24.41 -11.09 -44.40
C ASP A 456 -24.94 -10.59 -43.06
N ASP A 457 -25.89 -9.66 -43.10
CA ASP A 457 -26.43 -9.08 -41.87
C ASP A 457 -27.36 -10.02 -41.13
N GLU A 458 -27.91 -11.03 -41.81
CA GLU A 458 -28.87 -11.93 -41.17
C GLU A 458 -28.21 -13.15 -40.55
N SER A 459 -27.09 -13.62 -41.07
CA SER A 459 -26.44 -14.76 -40.47
C SER A 459 -24.99 -14.84 -40.94
N GLU A 460 -24.23 -15.67 -40.22
CA GLU A 460 -22.83 -15.89 -40.51
C GLU A 460 -22.61 -16.85 -41.68
N LYS A 461 -23.67 -17.47 -42.20
CA LYS A 461 -23.56 -18.44 -43.30
CA LYS A 461 -23.56 -18.44 -43.31
C LYS A 461 -22.46 -19.44 -42.93
N ASP A 462 -21.48 -19.69 -43.80
CA ASP A 462 -20.37 -20.58 -43.49
C ASP A 462 -19.06 -19.83 -43.26
N LEU A 463 -19.09 -18.50 -43.33
CA LEU A 463 -17.91 -17.65 -43.12
C LEU A 463 -16.76 -17.99 -44.08
N ARG A 464 -17.03 -18.62 -45.23
CA ARG A 464 -15.91 -19.01 -46.06
C ARG A 464 -15.24 -17.80 -46.71
N ARG A 465 -13.93 -17.93 -46.90
CA ARG A 465 -13.10 -16.88 -47.49
C ARG A 465 -12.95 -17.12 -48.98
N ILE A 466 -13.18 -16.08 -49.78
CA ILE A 466 -13.14 -16.15 -51.25
C ILE A 466 -12.30 -14.99 -51.77
N LYS A 467 -11.23 -15.31 -52.50
CA LYS A 467 -10.37 -14.25 -53.02
C LYS A 467 -11.09 -13.44 -54.09
N LYS A 468 -11.08 -12.12 -53.94
CA LYS A 468 -11.64 -11.24 -54.96
C LYS A 468 -10.60 -10.98 -56.04
N LYS A 469 -11.04 -10.44 -57.17
CA LYS A 469 -10.10 -10.06 -58.22
C LYS A 469 -9.01 -9.13 -57.68
N SER A 470 -9.37 -8.22 -56.77
CA SER A 470 -8.39 -7.28 -56.23
C SER A 470 -7.28 -7.98 -55.46
N PHE A 471 -7.56 -9.16 -54.89
CA PHE A 471 -6.52 -9.94 -54.22
C PHE A 471 -5.37 -10.22 -55.16
N TYR A 472 -5.68 -10.68 -56.37
CA TYR A 472 -4.62 -11.02 -57.32
C TYR A 472 -3.95 -9.78 -57.88
N TRP A 473 -4.70 -8.68 -58.04
CA TRP A 473 -4.09 -7.43 -58.46
C TRP A 473 -3.04 -6.97 -57.44
N TYR A 474 -3.38 -6.98 -56.15
CA TYR A 474 -2.44 -6.50 -55.15
C TYR A 474 -1.27 -7.47 -54.99
N GLN A 475 -1.53 -8.78 -55.14
CA GLN A 475 -0.44 -9.74 -55.18
C GLN A 475 0.60 -9.36 -56.23
N ARG A 476 0.14 -8.92 -57.41
CA ARG A 476 1.05 -8.53 -58.48
CA ARG A 476 1.06 -8.54 -58.47
C ARG A 476 1.74 -7.20 -58.17
N VAL A 477 1.03 -6.26 -57.55
CA VAL A 477 1.66 -5.02 -57.10
C VAL A 477 2.83 -5.34 -56.18
N ILE A 478 2.61 -6.20 -55.19
CA ILE A 478 3.67 -6.51 -54.24
C ILE A 478 4.82 -7.23 -54.92
N GLU A 479 4.49 -8.20 -55.79
CA GLU A 479 5.53 -8.97 -56.46
C GLU A 479 6.45 -8.07 -57.28
N THR A 480 5.91 -7.01 -57.86
CA THR A 480 6.68 -6.09 -58.70
C THR A 480 7.10 -4.83 -57.93
N ASN A 481 6.89 -4.80 -56.61
CA ASN A 481 7.19 -3.62 -55.80
C ASN A 481 6.60 -2.35 -56.40
N GLY A 482 5.39 -2.45 -56.94
CA GLY A 482 4.69 -1.28 -57.43
C GLY A 482 4.96 -0.88 -58.87
N ALA A 483 5.76 -1.65 -59.61
CA ALA A 483 6.00 -1.30 -61.01
C ALA A 483 4.79 -1.62 -61.90
N GLU A 484 4.06 -2.64 -61.55
CA GLU A 484 2.81 -2.90 -62.35
CA GLU A 484 2.82 -2.93 -62.34
C GLU A 484 1.45 -2.68 -61.44
N LEU A 485 0.86 -1.54 -61.74
CA LEU A 485 -0.29 -1.09 -60.97
C LEU A 485 -1.62 -1.23 -61.72
N ARG B 11 8.91 -17.92 13.73
CA ARG B 11 10.19 -18.48 14.08
C ARG B 11 11.06 -17.38 14.65
N HIS B 12 11.62 -17.58 15.83
CA HIS B 12 12.59 -16.61 16.34
C HIS B 12 13.84 -16.58 15.48
N LEU B 13 14.10 -15.41 14.90
CA LEU B 13 15.26 -15.21 14.06
C LEU B 13 16.42 -14.67 14.89
N LYS B 14 17.61 -14.99 14.48
CA LYS B 14 18.81 -14.47 15.03
C LYS B 14 19.02 -13.04 14.47
N PRO B 15 19.65 -12.19 15.25
CA PRO B 15 19.94 -10.84 14.76
C PRO B 15 21.08 -10.92 13.78
N PHE B 16 21.23 -9.85 13.00
CA PHE B 16 22.45 -9.70 12.23
C PHE B 16 23.63 -9.55 13.20
N PRO B 17 24.78 -10.15 12.91
CA PRO B 17 25.90 -10.09 13.85
C PRO B 17 26.38 -8.66 14.04
N PRO B 18 27.05 -8.38 15.17
CA PRO B 18 27.33 -6.97 15.52
C PRO B 18 28.17 -6.21 14.50
N GLU B 19 29.12 -6.86 13.83
CA GLU B 19 29.94 -6.15 12.85
C GLU B 19 29.57 -6.51 11.41
N PHE B 20 28.31 -6.91 11.19
CA PHE B 20 27.84 -7.21 9.85
C PHE B 20 28.10 -6.03 8.93
N LEU B 21 28.66 -6.32 7.75
CA LEU B 21 29.07 -5.26 6.83
C LEU B 21 27.89 -4.85 5.96
N TRP B 22 27.07 -3.91 6.45
CA TRP B 22 26.05 -3.27 5.63
C TRP B 22 26.75 -2.38 4.62
N GLY B 23 26.65 -2.73 3.34
CA GLY B 23 27.45 -2.10 2.31
C GLY B 23 26.65 -1.68 1.10
N ALA B 24 27.36 -1.05 0.18
CA ALA B 24 26.87 -0.76 -1.15
C ALA B 24 28.09 -0.83 -2.06
N ALA B 25 27.85 -0.94 -3.36
CA ALA B 25 28.96 -1.29 -4.25
C ALA B 25 28.87 -0.56 -5.58
N SER B 26 30.00 -0.57 -6.30
CA SER B 26 30.10 -0.02 -7.64
C SER B 26 31.19 -0.79 -8.38
N ALA B 27 31.45 -0.38 -9.64
CA ALA B 27 32.57 -0.89 -10.43
C ALA B 27 33.21 0.30 -11.13
N ALA B 28 34.52 0.23 -11.32
CA ALA B 28 35.29 1.41 -11.74
C ALA B 28 34.80 1.99 -13.07
N TYR B 29 34.68 1.15 -14.09
CA TYR B 29 34.28 1.67 -15.40
C TYR B 29 32.89 2.27 -15.34
N GLN B 30 32.03 1.72 -14.49
CA GLN B 30 30.64 2.17 -14.43
C GLN B 30 30.47 3.50 -13.71
N VAL B 31 31.44 3.92 -12.89
CA VAL B 31 31.25 5.16 -12.12
C VAL B 31 32.33 6.23 -12.36
N GLU B 32 33.56 5.84 -12.65
CA GLU B 32 34.69 6.77 -12.43
C GLU B 32 34.73 7.91 -13.42
N GLY B 33 34.61 7.61 -14.72
CA GLY B 33 35.00 8.60 -15.70
C GLY B 33 36.51 8.79 -15.69
N ALA B 34 36.95 10.00 -16.02
CA ALA B 34 38.38 10.33 -16.05
C ALA B 34 39.18 9.27 -16.80
N TRP B 35 38.66 8.88 -17.97
CA TRP B 35 39.18 7.70 -18.67
C TRP B 35 40.58 7.90 -19.21
N ASN B 36 41.03 9.15 -19.36
CA ASN B 36 42.33 9.45 -19.95
C ASN B 36 43.11 10.42 -19.08
N GLU B 37 42.83 10.46 -17.78
CA GLU B 37 43.43 11.44 -16.89
C GLU B 37 44.50 10.82 -16.01
N ASP B 38 45.45 11.66 -15.60
CA ASP B 38 46.45 11.28 -14.60
C ASP B 38 47.25 10.05 -15.01
N GLY B 39 47.49 9.91 -16.30
CA GLY B 39 48.30 8.84 -16.85
C GLY B 39 47.58 7.52 -17.08
N LYS B 40 46.27 7.46 -16.87
CA LYS B 40 45.55 6.20 -17.04
C LYS B 40 45.67 5.70 -18.47
N GLY B 41 45.95 4.40 -18.62
CA GLY B 41 45.98 3.79 -19.94
C GLY B 41 44.60 3.31 -20.38
N LEU B 42 44.52 2.90 -21.65
CA LEU B 42 43.27 2.38 -22.18
C LEU B 42 42.98 1.01 -21.58
N SER B 43 41.74 0.80 -21.16
CA SER B 43 41.29 -0.55 -20.84
C SER B 43 40.60 -1.17 -22.07
N VAL B 44 40.37 -2.48 -21.99
CA VAL B 44 39.65 -3.13 -23.09
C VAL B 44 38.25 -2.55 -23.23
N TRP B 45 37.67 -2.04 -22.14
CA TRP B 45 36.34 -1.45 -22.22
C TRP B 45 36.36 -0.04 -22.82
N ASP B 46 37.40 0.75 -22.57
CA ASP B 46 37.52 2.02 -23.26
C ASP B 46 37.43 1.82 -24.77
N VAL B 47 38.14 0.80 -25.26
CA VAL B 47 38.19 0.55 -26.69
C VAL B 47 36.90 -0.09 -27.18
N PHE B 48 36.44 -1.13 -26.48
CA PHE B 48 35.27 -1.88 -26.93
C PHE B 48 34.04 -0.99 -27.04
N ALA B 49 33.81 -0.13 -26.05
CA ALA B 49 32.59 0.65 -26.02
C ALA B 49 32.55 1.72 -27.10
N LYS B 50 33.69 2.04 -27.70
CA LYS B 50 33.74 3.01 -28.78
C LYS B 50 33.57 2.37 -30.16
N GLN B 51 33.45 1.04 -30.23
CA GLN B 51 33.11 0.40 -31.49
C GLN B 51 31.69 0.78 -31.87
N PRO B 52 31.45 1.24 -33.11
CA PRO B 52 30.09 1.65 -33.48
C PRO B 52 29.08 0.54 -33.27
N GLY B 53 27.94 0.90 -32.67
CA GLY B 53 26.86 -0.03 -32.46
C GLY B 53 26.98 -0.92 -31.23
N ARG B 54 28.11 -0.87 -30.52
CA ARG B 54 28.34 -1.80 -29.42
C ARG B 54 27.49 -1.47 -28.21
N THR B 55 27.32 -0.20 -27.89
CA THR B 55 26.61 0.21 -26.70
C THR B 55 25.45 1.11 -27.08
N PHE B 56 24.42 1.12 -26.23
CA PHE B 56 23.22 1.90 -26.51
C PHE B 56 23.55 3.39 -26.61
N LYS B 57 23.18 3.99 -27.73
CA LYS B 57 23.41 5.40 -28.02
C LYS B 57 24.87 5.79 -27.90
N GLY B 58 25.76 4.81 -28.07
CA GLY B 58 27.19 5.08 -27.98
C GLY B 58 27.67 5.44 -26.60
N THR B 59 26.88 5.18 -25.56
CA THR B 59 27.29 5.53 -24.21
C THR B 59 28.56 4.78 -23.83
N ASN B 60 29.42 5.44 -23.05
CA ASN B 60 30.69 4.84 -22.69
C ASN B 60 31.17 5.45 -21.38
N GLY B 61 32.31 4.96 -20.90
CA GLY B 61 32.80 5.35 -19.59
C GLY B 61 33.72 6.56 -19.57
N ASP B 62 33.72 7.39 -20.62
CA ASP B 62 34.60 8.56 -20.61
C ASP B 62 34.36 9.42 -19.37
N VAL B 63 33.08 9.64 -19.05
CA VAL B 63 32.67 10.42 -17.89
C VAL B 63 31.89 9.59 -16.89
N ALA B 64 30.99 8.72 -17.38
CA ALA B 64 30.11 7.93 -16.52
C ALA B 64 29.38 8.87 -15.57
N VAL B 65 29.50 8.65 -14.25
CA VAL B 65 28.93 9.58 -13.29
C VAL B 65 29.99 10.42 -12.61
N ASP B 66 31.21 10.41 -13.14
CA ASP B 66 32.28 11.30 -12.73
C ASP B 66 32.69 11.10 -11.27
N HIS B 67 32.63 9.86 -10.79
CA HIS B 67 33.04 9.60 -9.41
C HIS B 67 34.52 9.93 -9.18
N TYR B 68 35.36 9.84 -10.21
CA TYR B 68 36.77 10.18 -10.03
C TYR B 68 36.94 11.60 -9.49
N HIS B 69 36.13 12.54 -9.98
CA HIS B 69 36.25 13.91 -9.51
C HIS B 69 35.29 14.23 -8.38
N ARG B 70 34.27 13.39 -8.14
CA ARG B 70 33.21 13.70 -7.20
C ARG B 70 33.19 12.74 -6.02
N TYR B 71 34.29 12.00 -5.81
CA TYR B 71 34.29 10.98 -4.76
C TYR B 71 34.07 11.57 -3.37
N GLN B 72 34.49 12.81 -3.13
CA GLN B 72 34.28 13.39 -1.82
C GLN B 72 32.80 13.55 -1.53
N GLU B 73 32.04 14.07 -2.50
CA GLU B 73 30.60 14.17 -2.34
C GLU B 73 29.97 12.79 -2.17
N ASP B 74 30.39 11.81 -2.98
CA ASP B 74 29.81 10.48 -2.88
C ASP B 74 30.09 9.85 -1.53
N VAL B 75 31.32 9.98 -1.03
CA VAL B 75 31.64 9.42 0.29
C VAL B 75 30.87 10.15 1.38
N ALA B 76 30.70 11.47 1.24
CA ALA B 76 29.89 12.20 2.22
C ALA B 76 28.46 11.66 2.27
N LEU B 77 27.90 11.30 1.11
CA LEU B 77 26.57 10.68 1.10
C LEU B 77 26.60 9.30 1.75
N MET B 78 27.66 8.51 1.52
CA MET B 78 27.78 7.23 2.19
C MET B 78 27.81 7.40 3.69
N ALA B 79 28.53 8.41 4.18
CA ALA B 79 28.60 8.67 5.61
C ALA B 79 27.25 9.13 6.16
N GLU B 80 26.52 9.94 5.38
CA GLU B 80 25.18 10.33 5.79
C GLU B 80 24.27 9.10 5.91
N MET B 81 24.38 8.17 4.96
CA MET B 81 23.63 6.92 5.03
C MET B 81 24.08 6.06 6.21
N GLY B 82 25.33 6.21 6.64
CA GLY B 82 25.88 5.35 7.67
C GLY B 82 26.42 4.03 7.17
N LEU B 83 26.83 3.96 5.89
CA LEU B 83 27.36 2.72 5.33
C LEU B 83 28.46 2.17 6.23
N LYS B 84 28.40 0.86 6.49
CA LYS B 84 29.51 0.23 7.20
C LYS B 84 30.64 -0.13 6.25
N ALA B 85 30.33 -0.36 4.98
CA ALA B 85 31.33 -0.78 4.02
C ALA B 85 30.95 -0.26 2.64
N TYR B 86 31.97 0.01 1.83
CA TYR B 86 31.78 0.39 0.43
C TYR B 86 32.70 -0.48 -0.40
N ARG B 87 32.12 -1.24 -1.32
CA ARG B 87 32.89 -2.11 -2.20
C ARG B 87 33.04 -1.44 -3.54
N PHE B 88 34.28 -1.28 -3.98
CA PHE B 88 34.57 -0.65 -5.25
C PHE B 88 35.64 -1.48 -5.94
N SER B 89 35.83 -1.25 -7.23
CA SER B 89 36.91 -1.92 -7.93
C SER B 89 38.02 -0.92 -8.27
N VAL B 90 39.22 -1.44 -8.36
CA VAL B 90 40.38 -0.66 -8.78
C VAL B 90 40.56 -0.87 -10.28
N SER B 91 40.76 0.23 -11.01
CA SER B 91 40.98 0.15 -12.44
C SER B 91 42.46 -0.14 -12.68
N TRP B 92 42.74 -1.37 -13.14
CA TRP B 92 44.12 -1.79 -13.39
C TRP B 92 44.85 -0.80 -14.30
N SER B 93 44.16 -0.25 -15.31
CA SER B 93 44.82 0.66 -16.23
CA SER B 93 44.78 0.68 -16.25
C SER B 93 45.19 2.00 -15.61
N ARG B 94 44.65 2.35 -14.44
CA ARG B 94 45.17 3.52 -13.75
C ARG B 94 46.49 3.22 -13.06
N VAL B 95 46.67 1.99 -12.60
CA VAL B 95 47.83 1.62 -11.79
C VAL B 95 49.00 1.18 -12.67
N PHE B 96 48.72 0.38 -13.69
CA PHE B 96 49.69 0.00 -14.71
C PHE B 96 49.05 0.33 -16.06
N PRO B 97 49.33 1.51 -16.59
CA PRO B 97 48.68 1.92 -17.85
C PRO B 97 48.88 0.94 -19.00
N ASP B 98 50.03 0.26 -19.06
CA ASP B 98 50.25 -0.78 -20.05
CA ASP B 98 50.28 -0.79 -20.04
C ASP B 98 50.10 -2.18 -19.47
N GLY B 99 49.53 -2.30 -18.29
CA GLY B 99 49.30 -3.60 -17.67
C GLY B 99 50.45 -4.20 -16.90
N ASN B 100 51.65 -4.21 -17.50
CA ASN B 100 52.83 -4.78 -16.84
C ASN B 100 54.07 -3.90 -16.83
N GLY B 101 53.96 -2.62 -17.14
CA GLY B 101 55.16 -1.80 -17.18
C GLY B 101 55.37 -1.07 -15.87
N ALA B 102 55.68 0.21 -15.99
CA ALA B 102 55.97 1.04 -14.83
C ALA B 102 54.67 1.35 -14.10
N VAL B 103 54.73 1.32 -12.77
CA VAL B 103 53.58 1.71 -11.97
C VAL B 103 53.31 3.20 -12.13
N ASN B 104 52.06 3.59 -12.10
CA ASN B 104 51.62 4.96 -12.20
C ASN B 104 51.20 5.44 -10.82
N GLU B 105 52.08 6.19 -10.19
CA GLU B 105 51.81 6.69 -8.85
C GLU B 105 50.55 7.56 -8.75
N LYS B 106 50.24 8.32 -9.77
CA LYS B 106 49.03 9.13 -9.72
C LYS B 106 47.78 8.27 -9.69
N GLY B 107 47.83 7.09 -10.33
CA GLY B 107 46.69 6.19 -10.27
C GLY B 107 46.51 5.60 -8.88
N LEU B 108 47.60 5.12 -8.29
CA LEU B 108 47.54 4.65 -6.91
C LEU B 108 47.06 5.75 -5.98
N ASP B 109 47.47 7.00 -6.27
CA ASP B 109 47.10 8.09 -5.38
C ASP B 109 45.59 8.32 -5.35
N PHE B 110 44.89 8.10 -6.47
CA PHE B 110 43.43 8.22 -6.42
C PHE B 110 42.83 7.24 -5.43
N TYR B 111 43.23 5.97 -5.51
CA TYR B 111 42.67 4.98 -4.59
C TYR B 111 43.12 5.23 -3.16
N ASP B 112 44.32 5.78 -2.97
CA ASP B 112 44.74 6.17 -1.64
C ASP B 112 43.83 7.27 -1.09
N ARG B 113 43.53 8.28 -1.90
CA ARG B 113 42.64 9.34 -1.45
C ARG B 113 41.24 8.81 -1.18
N LEU B 114 40.74 7.91 -2.02
CA LEU B 114 39.43 7.33 -1.78
C LEU B 114 39.40 6.53 -0.50
N ILE B 115 40.41 5.68 -0.28
CA ILE B 115 40.46 4.87 0.93
C ILE B 115 40.56 5.75 2.18
N GLU B 116 41.38 6.81 2.12
CA GLU B 116 41.46 7.72 3.25
C GLU B 116 40.13 8.41 3.52
N GLU B 117 39.41 8.79 2.46
CA GLU B 117 38.10 9.41 2.63
C GLU B 117 37.13 8.46 3.32
N LEU B 118 37.10 7.20 2.87
CA LEU B 118 36.24 6.21 3.50
C LEU B 118 36.62 6.01 4.96
N ARG B 119 37.92 5.85 5.23
CA ARG B 119 38.37 5.58 6.59
C ARG B 119 38.10 6.78 7.50
N ASN B 120 38.29 7.99 7.00
CA ASN B 120 38.02 9.17 7.81
C ASN B 120 36.56 9.30 8.16
N HIS B 121 35.68 8.61 7.44
CA HIS B 121 34.25 8.58 7.74
C HIS B 121 33.81 7.27 8.36
N GLY B 122 34.74 6.42 8.78
CA GLY B 122 34.41 5.18 9.45
C GLY B 122 33.80 4.11 8.56
N ILE B 123 34.07 4.13 7.27
CA ILE B 123 33.53 3.16 6.32
C ILE B 123 34.64 2.18 5.95
N GLU B 124 34.33 0.89 6.02
CA GLU B 124 35.32 -0.13 5.66
C GLU B 124 35.43 -0.22 4.15
N PRO B 125 36.61 -0.02 3.57
CA PRO B 125 36.77 -0.28 2.14
C PRO B 125 36.80 -1.78 1.87
N ILE B 126 36.10 -2.19 0.82
CA ILE B 126 36.23 -3.55 0.31
C ILE B 126 36.77 -3.40 -1.11
N VAL B 127 38.04 -3.76 -1.31
CA VAL B 127 38.70 -3.54 -2.59
C VAL B 127 38.50 -4.74 -3.49
N THR B 128 37.98 -4.49 -4.68
CA THR B 128 37.81 -5.50 -5.72
C THR B 128 38.93 -5.32 -6.73
N LEU B 129 39.75 -6.36 -6.90
CA LEU B 129 40.92 -6.23 -7.75
C LEU B 129 40.53 -6.10 -9.22
N TYR B 130 39.51 -6.83 -9.67
CA TYR B 130 39.25 -6.93 -11.09
C TYR B 130 37.76 -6.90 -11.40
N HIS B 131 37.35 -5.86 -12.12
CA HIS B 131 35.99 -5.81 -12.68
C HIS B 131 36.06 -5.51 -14.18
N TRP B 132 36.72 -6.41 -14.92
CA TRP B 132 36.51 -6.62 -16.34
C TRP B 132 37.32 -5.71 -17.24
N ASP B 133 38.20 -4.91 -16.64
CA ASP B 133 38.83 -3.80 -17.36
C ASP B 133 40.35 -3.99 -17.50
N VAL B 134 40.76 -5.17 -17.94
CA VAL B 134 42.19 -5.42 -18.17
C VAL B 134 42.75 -4.38 -19.13
N PRO B 135 43.96 -3.88 -18.92
CA PRO B 135 44.51 -2.88 -19.86
C PRO B 135 44.59 -3.42 -21.29
N GLN B 136 44.21 -2.55 -22.23
CA GLN B 136 44.24 -2.91 -23.65
C GLN B 136 45.62 -3.37 -24.09
N ALA B 137 46.70 -2.80 -23.52
CA ALA B 137 48.04 -3.21 -23.92
C ALA B 137 48.27 -4.70 -23.72
N LEU B 138 47.68 -5.30 -22.68
CA LEU B 138 47.87 -6.73 -22.48
C LEU B 138 47.06 -7.54 -23.49
N MET B 139 45.88 -7.04 -23.88
CA MET B 139 45.16 -7.69 -24.97
CA MET B 139 45.15 -7.67 -24.97
C MET B 139 45.96 -7.62 -26.26
N ASP B 140 46.54 -6.46 -26.56
CA ASP B 140 47.34 -6.31 -27.77
C ASP B 140 48.57 -7.21 -27.75
N ALA B 141 49.23 -7.32 -26.60
CA ALA B 141 50.51 -8.04 -26.53
C ALA B 141 50.30 -9.55 -26.61
N TYR B 142 49.33 -10.05 -25.85
CA TYR B 142 49.24 -11.50 -25.72
C TYR B 142 47.82 -12.02 -25.56
N GLY B 143 46.79 -11.22 -25.83
CA GLY B 143 45.45 -11.73 -25.72
C GLY B 143 44.91 -11.77 -24.31
N ALA B 144 45.51 -11.03 -23.39
CA ALA B 144 45.00 -10.88 -22.03
C ALA B 144 44.72 -12.23 -21.38
N TRP B 145 43.45 -12.53 -21.05
CA TRP B 145 43.11 -13.71 -20.27
C TRP B 145 43.35 -15.02 -21.01
N GLU B 146 43.66 -14.99 -22.31
CA GLU B 146 43.96 -16.23 -23.02
C GLU B 146 45.42 -16.65 -22.90
N SER B 147 46.28 -15.86 -22.25
CA SER B 147 47.68 -16.20 -22.11
C SER B 147 48.03 -16.41 -20.64
N ARG B 148 48.84 -17.43 -20.37
CA ARG B 148 49.35 -17.63 -19.02
C ARG B 148 50.20 -16.46 -18.54
N ARG B 149 50.66 -15.59 -19.46
CA ARG B 149 51.40 -14.41 -19.03
C ARG B 149 50.59 -13.53 -18.09
N ILE B 150 49.25 -13.56 -18.20
CA ILE B 150 48.45 -12.72 -17.34
C ILE B 150 48.51 -13.14 -15.89
N ILE B 151 48.89 -14.39 -15.60
CA ILE B 151 48.93 -14.83 -14.21
C ILE B 151 49.93 -13.99 -13.43
N ASP B 152 51.16 -13.89 -13.95
CA ASP B 152 52.16 -13.11 -13.25
C ASP B 152 51.90 -11.61 -13.34
N ASP B 153 51.34 -11.14 -14.45
CA ASP B 153 51.04 -9.71 -14.57
C ASP B 153 49.92 -9.29 -13.62
N PHE B 154 48.88 -10.11 -13.53
CA PHE B 154 47.82 -9.85 -12.56
C PHE B 154 48.36 -9.94 -11.13
N ASP B 155 49.22 -10.92 -10.86
CA ASP B 155 49.81 -11.05 -9.53
C ASP B 155 50.63 -9.81 -9.17
N ARG B 156 51.43 -9.30 -10.11
CA ARG B 156 52.23 -8.11 -9.82
CA ARG B 156 52.23 -8.12 -9.81
C ARG B 156 51.33 -6.92 -9.51
N TYR B 157 50.25 -6.78 -10.26
CA TYR B 157 49.28 -5.71 -10.00
C TYR B 157 48.64 -5.88 -8.63
N ALA B 158 48.19 -7.09 -8.31
CA ALA B 158 47.56 -7.33 -7.02
C ALA B 158 48.51 -7.06 -5.87
N VAL B 159 49.75 -7.57 -5.97
CA VAL B 159 50.74 -7.37 -4.91
C VAL B 159 51.02 -5.89 -4.71
N THR B 160 51.06 -5.12 -5.80
CA THR B 160 51.24 -3.67 -5.67
C THR B 160 50.15 -3.10 -4.78
N LEU B 161 48.89 -3.49 -5.01
CA LEU B 161 47.79 -3.00 -4.18
C LEU B 161 47.89 -3.50 -2.75
N PHE B 162 48.23 -4.79 -2.55
CA PHE B 162 48.37 -5.33 -1.20
C PHE B 162 49.44 -4.55 -0.42
N GLN B 163 50.55 -4.25 -1.08
CA GLN B 163 51.64 -3.53 -0.41
C GLN B 163 51.23 -2.11 -0.05
N ARG B 164 50.52 -1.42 -0.94
CA ARG B 164 50.18 -0.02 -0.69
CA ARG B 164 50.17 -0.02 -0.70
C ARG B 164 49.00 0.13 0.27
N PHE B 165 48.04 -0.81 0.23
CA PHE B 165 46.79 -0.62 0.93
C PHE B 165 46.47 -1.68 1.97
N GLY B 166 47.27 -2.75 2.07
CA GLY B 166 46.95 -3.84 2.99
C GLY B 166 46.87 -3.41 4.45
N ASP B 167 47.59 -2.34 4.81
CA ASP B 167 47.54 -1.83 6.18
C ASP B 167 46.19 -1.21 6.51
N ARG B 168 45.40 -0.85 5.51
CA ARG B 168 44.16 -0.13 5.70
C ARG B 168 42.94 -0.83 5.14
N VAL B 169 43.12 -1.93 4.41
CA VAL B 169 42.02 -2.64 3.79
C VAL B 169 42.09 -4.08 4.27
N LYS B 170 41.06 -4.51 5.00
CA LYS B 170 40.99 -5.89 5.48
C LYS B 170 40.33 -6.82 4.48
N TYR B 171 39.29 -6.37 3.78
CA TYR B 171 38.46 -7.21 2.93
C TYR B 171 38.76 -6.96 1.47
N TRP B 172 39.09 -8.03 0.74
CA TRP B 172 39.47 -7.96 -0.66
C TRP B 172 38.70 -8.99 -1.47
N VAL B 173 38.26 -8.58 -2.66
CA VAL B 173 37.66 -9.48 -3.63
C VAL B 173 38.63 -9.56 -4.80
N THR B 174 38.85 -10.77 -5.32
CA THR B 174 39.80 -10.93 -6.40
C THR B 174 39.14 -10.67 -7.75
N LEU B 175 38.66 -11.74 -8.40
CA LEU B 175 37.93 -11.62 -9.64
C LEU B 175 36.45 -11.49 -9.32
N ASN B 176 35.82 -10.47 -9.88
CA ASN B 176 34.40 -10.28 -9.67
C ASN B 176 33.64 -10.77 -10.89
N GLN B 177 32.82 -11.79 -10.67
CA GLN B 177 31.98 -12.40 -11.71
C GLN B 177 32.78 -12.92 -12.92
N GLN B 178 33.78 -13.71 -12.61
CA GLN B 178 34.61 -14.35 -13.63
C GLN B 178 33.72 -15.10 -14.61
N ASN B 179 32.65 -15.76 -14.12
CA ASN B 179 31.78 -16.50 -15.02
C ASN B 179 31.11 -15.58 -16.03
N ILE B 180 30.87 -14.31 -15.66
CA ILE B 180 30.28 -13.36 -16.59
CA ILE B 180 30.27 -13.37 -16.59
C ILE B 180 31.31 -12.83 -17.58
N PHE B 181 32.45 -12.31 -17.08
CA PHE B 181 33.38 -11.72 -18.04
C PHE B 181 33.94 -12.76 -19.00
N ILE B 182 34.11 -13.99 -18.53
CA ILE B 182 34.59 -15.06 -19.39
C ILE B 182 33.52 -15.49 -20.38
N SER B 183 32.29 -15.76 -19.91
CA SER B 183 31.25 -16.22 -20.81
CA SER B 183 31.26 -16.23 -20.83
CA SER B 183 31.25 -16.22 -20.81
C SER B 183 30.81 -15.13 -21.78
N PHE B 184 30.63 -13.90 -21.28
CA PHE B 184 30.19 -12.83 -22.17
C PHE B 184 31.30 -12.43 -23.15
N GLY B 185 32.56 -12.57 -22.74
CA GLY B 185 33.65 -12.16 -23.60
C GLY B 185 34.06 -13.20 -24.63
N TYR B 186 33.86 -14.49 -24.32
CA TYR B 186 34.41 -15.56 -25.13
C TYR B 186 33.39 -16.55 -25.65
N ARG B 187 32.18 -16.60 -25.09
CA ARG B 187 31.12 -17.47 -25.58
CA ARG B 187 31.13 -17.46 -25.61
C ARG B 187 30.01 -16.70 -26.29
N LEU B 188 29.51 -15.64 -25.68
CA LEU B 188 28.41 -14.86 -26.24
C LEU B 188 28.86 -13.70 -27.11
N GLY B 189 30.13 -13.30 -27.01
CA GLY B 189 30.63 -12.20 -27.81
C GLY B 189 30.05 -10.84 -27.48
N LEU B 190 29.46 -10.69 -26.29
CA LEU B 190 28.79 -9.45 -25.91
C LEU B 190 29.73 -8.45 -25.25
N HIS B 191 30.79 -8.94 -24.62
CA HIS B 191 31.75 -8.13 -23.88
C HIS B 191 33.13 -8.38 -24.49
N PRO B 192 34.15 -7.56 -24.18
CA PRO B 192 35.46 -7.80 -24.78
C PRO B 192 36.02 -9.18 -24.43
N PRO B 193 36.69 -9.84 -25.38
CA PRO B 193 37.06 -9.37 -26.73
C PRO B 193 36.05 -9.66 -27.84
N GLY B 194 34.81 -9.98 -27.47
CA GLY B 194 33.76 -10.17 -28.46
C GLY B 194 33.88 -11.48 -29.22
N VAL B 195 34.36 -12.53 -28.57
CA VAL B 195 34.62 -13.83 -29.17
C VAL B 195 33.47 -14.77 -28.86
N LYS B 196 33.19 -15.67 -29.81
CA LYS B 196 32.14 -16.69 -29.67
C LYS B 196 32.78 -18.02 -29.99
N ASP B 197 33.43 -18.62 -28.99
CA ASP B 197 34.21 -19.85 -29.21
CA ASP B 197 34.16 -19.88 -29.21
C ASP B 197 34.36 -20.54 -27.86
N MET B 198 33.65 -21.65 -27.66
CA MET B 198 33.66 -22.25 -26.33
CA MET B 198 33.64 -22.31 -26.35
C MET B 198 35.03 -22.82 -25.97
N LYS B 199 35.79 -23.29 -26.95
CA LYS B 199 37.13 -23.79 -26.63
C LYS B 199 37.97 -22.67 -26.02
N ARG B 200 37.96 -21.49 -26.66
CA ARG B 200 38.70 -20.36 -26.12
C ARG B 200 38.15 -19.93 -24.78
N MET B 201 36.83 -19.99 -24.60
CA MET B 201 36.23 -19.61 -23.33
CA MET B 201 36.23 -19.61 -23.33
C MET B 201 36.79 -20.44 -22.18
N TYR B 202 36.86 -21.76 -22.36
CA TYR B 202 37.28 -22.61 -21.25
C TYR B 202 38.77 -22.50 -20.99
N GLU B 203 39.57 -22.20 -22.03
CA GLU B 203 41.00 -21.96 -21.79
C GLU B 203 41.21 -20.67 -21.02
N ALA B 204 40.57 -19.59 -21.44
CA ALA B 204 40.69 -18.33 -20.71
C ALA B 204 40.18 -18.49 -19.29
N ASN B 205 39.12 -19.28 -19.11
CA ASN B 205 38.59 -19.48 -17.77
C ASN B 205 39.59 -20.17 -16.87
N HIS B 206 40.31 -21.16 -17.41
CA HIS B 206 41.30 -21.87 -16.63
C HIS B 206 42.44 -20.95 -16.20
N ILE B 207 42.88 -20.09 -17.12
CA ILE B 207 43.92 -19.12 -16.80
C ILE B 207 43.44 -18.15 -15.72
N ALA B 208 42.20 -17.69 -15.82
CA ALA B 208 41.65 -16.84 -14.77
C ALA B 208 41.63 -17.57 -13.43
N ASN B 209 41.30 -18.88 -13.43
CA ASN B 209 41.35 -19.65 -12.20
C ASN B 209 42.74 -19.65 -11.59
N LEU B 210 43.77 -19.84 -12.43
CA LEU B 210 45.14 -19.84 -11.93
C LEU B 210 45.54 -18.48 -11.40
N ALA B 211 45.11 -17.41 -12.10
CA ALA B 211 45.41 -16.06 -11.63
C ALA B 211 44.78 -15.78 -10.28
N ASN B 212 43.53 -16.21 -10.10
CA ASN B 212 42.87 -16.05 -8.81
C ASN B 212 43.64 -16.76 -7.71
N ALA B 213 44.04 -18.01 -7.97
CA ALA B 213 44.75 -18.78 -6.96
C ALA B 213 46.11 -18.14 -6.64
N LYS B 214 46.82 -17.69 -7.67
CA LYS B 214 48.13 -17.09 -7.46
C LYS B 214 48.03 -15.87 -6.55
N VAL B 215 47.02 -15.03 -6.78
CA VAL B 215 46.89 -13.80 -6.00
C VAL B 215 46.49 -14.10 -4.55
N ILE B 216 45.65 -15.12 -4.34
CA ILE B 216 45.30 -15.49 -2.97
C ILE B 216 46.54 -15.99 -2.23
N GLN B 217 47.38 -16.77 -2.91
CA GLN B 217 48.64 -17.21 -2.31
CA GLN B 217 48.62 -17.20 -2.28
C GLN B 217 49.51 -16.01 -1.92
N SER B 218 49.63 -15.03 -2.82
CA SER B 218 50.41 -13.84 -2.52
C SER B 218 49.81 -13.07 -1.35
N PHE B 219 48.48 -12.99 -1.30
CA PHE B 219 47.81 -12.25 -0.23
C PHE B 219 48.20 -12.78 1.15
N ARG B 220 48.39 -14.09 1.28
CA ARG B 220 48.76 -14.65 2.58
C ARG B 220 50.11 -14.12 3.05
N HIS B 221 51.01 -13.80 2.10
CA HIS B 221 52.31 -13.26 2.45
C HIS B 221 52.24 -11.79 2.82
N TYR B 222 51.41 -11.02 2.10
CA TYR B 222 51.47 -9.56 2.22
C TYR B 222 50.39 -8.98 3.12
N VAL B 223 49.26 -9.66 3.28
CA VAL B 223 48.17 -9.17 4.12
C VAL B 223 47.74 -10.31 5.03
N PRO B 224 48.59 -10.72 5.98
CA PRO B 224 48.30 -11.94 6.75
C PRO B 224 47.05 -11.86 7.61
N ASP B 225 46.58 -10.67 7.96
CA ASP B 225 45.39 -10.52 8.78
C ASP B 225 44.15 -10.18 7.95
N GLY B 226 44.27 -10.17 6.63
CA GLY B 226 43.16 -9.82 5.79
C GLY B 226 42.29 -11.00 5.42
N LYS B 227 41.19 -10.69 4.75
CA LYS B 227 40.23 -11.69 4.27
C LYS B 227 40.04 -11.47 2.78
N ILE B 228 40.12 -12.55 2.00
CA ILE B 228 40.08 -12.45 0.55
C ILE B 228 39.22 -13.58 -0.02
N GLY B 229 38.56 -13.30 -1.13
CA GLY B 229 37.85 -14.32 -1.86
C GLY B 229 37.44 -13.83 -3.23
N PRO B 230 37.13 -14.76 -4.12
CA PRO B 230 36.54 -14.40 -5.40
C PRO B 230 35.06 -14.11 -5.20
N SER B 231 34.45 -13.50 -6.20
CA SER B 231 33.00 -13.28 -6.16
C SER B 231 32.37 -13.90 -7.40
N PHE B 232 31.36 -14.72 -7.18
CA PHE B 232 30.74 -15.51 -8.22
C PHE B 232 29.32 -15.00 -8.49
N ALA B 233 28.98 -14.82 -9.77
CA ALA B 233 27.61 -14.45 -10.15
C ALA B 233 26.75 -15.71 -10.11
N TYR B 234 25.99 -15.87 -9.04
CA TYR B 234 25.34 -17.13 -8.70
C TYR B 234 23.85 -17.05 -9.01
N SER B 235 23.41 -17.82 -10.01
CA SER B 235 22.00 -18.10 -10.20
C SER B 235 21.73 -19.54 -9.78
N PRO B 236 21.25 -19.78 -8.57
CA PRO B 236 20.98 -21.16 -8.15
C PRO B 236 19.95 -21.80 -9.08
N MET B 237 20.20 -23.06 -9.42
CA MET B 237 19.30 -23.78 -10.31
C MET B 237 18.21 -24.51 -9.53
N TYR B 238 17.03 -24.59 -10.13
CA TYR B 238 15.90 -25.38 -9.63
C TYR B 238 15.48 -26.37 -10.70
N PRO B 239 15.04 -27.58 -10.34
CA PRO B 239 14.32 -28.41 -11.30
C PRO B 239 12.89 -27.88 -11.47
N TYR B 240 12.36 -28.05 -12.68
CA TYR B 240 10.99 -27.61 -12.93
C TYR B 240 10.01 -28.37 -12.04
N ASP B 241 10.21 -29.67 -11.89
CA ASP B 241 9.32 -30.48 -11.07
C ASP B 241 10.03 -31.76 -10.70
N SER B 242 9.28 -32.70 -10.12
CA SER B 242 9.83 -33.95 -9.60
C SER B 242 9.88 -35.06 -10.64
N ARG B 243 9.72 -34.74 -11.93
CA ARG B 243 10.02 -35.73 -12.95
CA ARG B 243 10.03 -35.72 -12.96
C ARG B 243 11.51 -36.06 -12.86
N PRO B 244 11.87 -37.35 -12.78
CA PRO B 244 13.31 -37.68 -12.66
C PRO B 244 14.17 -37.00 -13.70
N GLU B 245 13.74 -36.94 -14.97
CA GLU B 245 14.58 -36.30 -15.98
CA GLU B 245 14.59 -36.31 -15.97
C GLU B 245 14.75 -34.81 -15.73
N ASN B 246 13.78 -34.18 -15.08
CA ASN B 246 13.97 -32.76 -14.75
C ASN B 246 14.89 -32.58 -13.55
N VAL B 247 14.84 -33.48 -12.58
CA VAL B 247 15.80 -33.42 -11.48
C VAL B 247 17.21 -33.67 -12.00
N LEU B 248 17.36 -34.60 -12.95
CA LEU B 248 18.66 -34.83 -13.56
C LEU B 248 19.15 -33.59 -14.31
N ALA B 249 18.26 -32.92 -15.03
CA ALA B 249 18.63 -31.67 -15.69
C ALA B 249 19.14 -30.65 -14.69
N PHE B 250 18.48 -30.57 -13.53
CA PHE B 250 18.95 -29.71 -12.44
C PHE B 250 20.34 -30.11 -11.96
N GLU B 251 20.59 -31.42 -11.79
CA GLU B 251 21.93 -31.85 -11.40
C GLU B 251 22.95 -31.36 -12.42
N ASN B 252 22.65 -31.54 -13.69
CA ASN B 252 23.56 -31.12 -14.75
C ASN B 252 23.77 -29.61 -14.71
N ALA B 253 22.69 -28.85 -14.57
CA ALA B 253 22.77 -27.39 -14.66
C ALA B 253 23.50 -26.80 -13.46
N GLU B 254 23.20 -27.27 -12.24
CA GLU B 254 23.89 -26.72 -11.09
C GLU B 254 25.39 -27.00 -11.16
N GLU B 255 25.76 -28.19 -11.64
CA GLU B 255 27.18 -28.50 -11.75
C GLU B 255 27.84 -27.69 -12.85
N PHE B 256 27.20 -27.62 -14.02
CA PHE B 256 27.82 -27.01 -15.18
C PHE B 256 27.88 -25.49 -15.06
N GLN B 257 26.85 -24.89 -14.48
CA GLN B 257 26.79 -23.44 -14.41
C GLN B 257 27.40 -22.88 -13.14
N ASN B 258 27.37 -23.65 -12.04
CA ASN B 258 27.72 -23.13 -10.73
C ASN B 258 28.92 -23.83 -10.11
N HIS B 259 28.86 -25.16 -9.96
CA HIS B 259 30.00 -25.87 -9.38
C HIS B 259 31.25 -25.71 -10.22
N TRP B 260 31.08 -25.58 -11.54
CA TRP B 260 32.23 -25.43 -12.43
C TRP B 260 33.16 -24.33 -11.96
N TRP B 261 32.60 -23.24 -11.44
CA TRP B 261 33.38 -22.15 -10.85
C TRP B 261 33.62 -22.34 -9.36
N MET B 262 32.56 -22.56 -8.58
CA MET B 262 32.73 -22.51 -7.14
C MET B 262 33.53 -23.68 -6.60
N ASP B 263 33.47 -24.86 -7.25
CA ASP B 263 34.31 -25.96 -6.79
C ASP B 263 35.78 -25.66 -7.01
N VAL B 264 36.12 -24.94 -8.07
CA VAL B 264 37.51 -24.56 -8.26
C VAL B 264 37.93 -23.57 -7.18
N TYR B 265 37.08 -22.58 -6.89
CA TYR B 265 37.42 -21.59 -5.87
C TYR B 265 37.60 -22.24 -4.51
N ALA B 266 36.72 -23.18 -4.16
CA ALA B 266 36.72 -23.72 -2.80
C ALA B 266 37.65 -24.92 -2.63
N TRP B 267 37.71 -25.77 -3.65
CA TRP B 267 38.38 -27.06 -3.57
C TRP B 267 39.52 -27.21 -4.56
N GLY B 268 39.65 -26.30 -5.53
CA GLY B 268 40.69 -26.43 -6.53
C GLY B 268 40.47 -27.53 -7.53
N MET B 269 39.22 -27.98 -7.72
CA MET B 269 38.93 -29.10 -8.61
CA MET B 269 38.93 -29.10 -8.60
C MET B 269 37.70 -28.80 -9.44
N TYR B 270 37.76 -29.14 -10.73
CA TYR B 270 36.58 -29.07 -11.56
C TYR B 270 35.72 -30.31 -11.32
N PRO B 271 34.40 -30.18 -11.41
CA PRO B 271 33.54 -31.37 -11.25
C PRO B 271 33.64 -32.31 -12.45
N GLN B 272 33.55 -33.61 -12.18
CA GLN B 272 33.95 -34.60 -13.18
C GLN B 272 32.94 -34.75 -14.31
N ALA B 273 31.63 -34.76 -14.02
CA ALA B 273 30.69 -34.94 -15.10
C ALA B 273 30.78 -33.80 -16.12
N ALA B 274 30.89 -32.56 -15.63
CA ALA B 274 31.07 -31.42 -16.53
C ALA B 274 32.38 -31.55 -17.29
N TRP B 275 33.46 -31.91 -16.61
CA TRP B 275 34.74 -32.09 -17.28
C TRP B 275 34.62 -33.11 -18.39
N ASN B 276 33.99 -34.26 -18.10
CA ASN B 276 33.90 -35.31 -19.11
C ASN B 276 33.03 -34.89 -20.29
N TYR B 277 31.96 -34.15 -20.03
CA TYR B 277 31.17 -33.61 -21.14
C TYR B 277 32.01 -32.71 -22.02
N LEU B 278 32.75 -31.77 -21.41
CA LEU B 278 33.58 -30.88 -22.21
C LEU B 278 34.65 -31.65 -22.96
N GLU B 279 35.25 -32.65 -22.31
CA GLU B 279 36.28 -33.44 -22.97
C GLU B 279 35.72 -34.17 -24.18
N SER B 280 34.47 -34.65 -24.09
CA SER B 280 33.84 -35.34 -25.22
C SER B 280 33.57 -34.39 -26.39
N GLN B 281 33.50 -33.08 -26.13
CA GLN B 281 33.30 -32.07 -27.15
C GLN B 281 34.61 -31.41 -27.58
N GLY B 282 35.74 -31.85 -27.03
CA GLY B 282 37.02 -31.22 -27.30
C GLY B 282 37.18 -29.85 -26.69
N LEU B 283 36.52 -29.58 -25.57
CA LEU B 283 36.47 -28.25 -24.99
C LEU B 283 37.17 -28.10 -23.66
N GLU B 284 37.68 -29.20 -23.09
CA GLU B 284 38.29 -29.09 -21.77
C GLU B 284 39.60 -28.29 -21.87
N PRO B 285 39.93 -27.53 -20.83
CA PRO B 285 41.12 -26.68 -20.89
C PRO B 285 42.39 -27.49 -20.81
N THR B 286 43.47 -26.85 -21.26
CA THR B 286 44.81 -27.40 -21.20
C THR B 286 45.36 -27.22 -19.79
N VAL B 287 45.85 -28.32 -19.20
CA VAL B 287 46.34 -28.33 -17.83
C VAL B 287 47.84 -28.53 -17.87
N ALA B 288 48.55 -27.68 -17.16
CA ALA B 288 50.00 -27.75 -17.10
C ALA B 288 50.44 -28.32 -15.75
N PRO B 289 51.64 -28.89 -15.68
CA PRO B 289 52.16 -29.34 -14.39
C PRO B 289 52.15 -28.20 -13.37
N GLY B 290 51.70 -28.52 -12.17
CA GLY B 290 51.60 -27.53 -11.12
C GLY B 290 50.26 -26.84 -11.02
N ASP B 291 49.40 -26.94 -12.04
CA ASP B 291 48.10 -26.25 -12.01
C ASP B 291 47.24 -26.74 -10.83
N TRP B 292 47.08 -28.06 -10.69
CA TRP B 292 46.21 -28.55 -9.63
C TRP B 292 46.76 -28.18 -8.25
N GLU B 293 48.07 -28.27 -8.08
CA GLU B 293 48.70 -27.91 -6.81
C GLU B 293 48.37 -26.47 -6.44
N LEU B 294 48.51 -25.56 -7.41
CA LEU B 294 48.23 -24.15 -7.14
C LEU B 294 46.76 -23.94 -6.82
N LEU B 295 45.87 -24.51 -7.63
CA LEU B 295 44.43 -24.27 -7.42
C LEU B 295 43.98 -24.82 -6.08
N GLN B 296 44.55 -25.95 -5.65
CA GLN B 296 44.13 -26.56 -4.40
C GLN B 296 44.70 -25.84 -3.18
N ALA B 297 45.85 -25.16 -3.33
CA ALA B 297 46.54 -24.53 -2.22
C ALA B 297 46.23 -23.05 -2.10
N ALA B 298 45.03 -22.62 -2.50
CA ALA B 298 44.67 -21.21 -2.48
C ALA B 298 43.26 -21.04 -1.91
N LYS B 299 43.08 -21.51 -0.69
CA LYS B 299 41.76 -21.48 -0.08
CA LYS B 299 41.77 -21.49 -0.06
C LYS B 299 41.37 -20.05 0.24
N PRO B 300 40.17 -19.62 -0.11
CA PRO B 300 39.69 -18.27 0.22
C PRO B 300 39.10 -18.23 1.62
N ASP B 301 38.98 -17.00 2.14
CA ASP B 301 38.34 -16.80 3.42
C ASP B 301 36.82 -16.78 3.31
N PHE B 302 36.28 -16.44 2.15
CA PHE B 302 34.85 -16.39 1.97
C PHE B 302 34.56 -16.59 0.49
N MET B 303 33.31 -16.93 0.19
CA MET B 303 32.80 -16.89 -1.17
C MET B 303 32.02 -15.59 -1.35
N GLY B 304 32.43 -14.77 -2.32
CA GLY B 304 31.61 -13.62 -2.69
C GLY B 304 30.48 -14.08 -3.59
N VAL B 305 29.29 -13.49 -3.38
CA VAL B 305 28.11 -13.86 -4.15
C VAL B 305 27.45 -12.60 -4.72
N ASN B 306 27.36 -12.54 -6.05
CA ASN B 306 26.54 -11.56 -6.75
C ASN B 306 25.25 -12.27 -7.10
N TYR B 307 24.12 -11.80 -6.55
CA TYR B 307 22.85 -12.52 -6.71
C TYR B 307 21.78 -11.61 -7.26
N TYR B 308 21.10 -12.08 -8.31
CA TYR B 308 19.88 -11.45 -8.82
C TYR B 308 18.68 -12.38 -8.91
N GLN B 309 18.87 -13.64 -9.32
CA GLN B 309 17.71 -14.50 -9.54
C GLN B 309 18.16 -15.93 -9.67
N THR B 310 17.21 -16.84 -9.45
CA THR B 310 17.39 -18.26 -9.71
C THR B 310 17.03 -18.56 -11.16
N THR B 311 17.32 -19.80 -11.57
CA THR B 311 17.01 -20.30 -12.90
C THR B 311 16.37 -21.66 -12.74
N THR B 312 15.26 -21.89 -13.42
CA THR B 312 14.60 -23.19 -13.42
C THR B 312 14.91 -23.91 -14.72
N VAL B 313 15.17 -25.22 -14.64
CA VAL B 313 15.58 -26.00 -15.80
C VAL B 313 14.72 -27.25 -15.94
N GLU B 314 14.73 -27.80 -17.15
CA GLU B 314 14.06 -29.05 -17.45
C GLU B 314 14.90 -29.84 -18.44
N HIS B 315 14.50 -31.09 -18.63
CA HIS B 315 15.18 -31.99 -19.56
C HIS B 315 15.29 -31.38 -20.95
N ASN B 316 16.43 -31.59 -21.60
CA ASN B 316 16.70 -31.07 -22.94
C ASN B 316 17.29 -32.21 -23.77
N PRO B 317 16.54 -32.79 -24.70
CA PRO B 317 17.05 -33.94 -25.46
C PRO B 317 18.28 -33.56 -26.28
N PRO B 318 19.08 -34.54 -26.70
CA PRO B 318 20.31 -34.22 -27.45
C PRO B 318 20.07 -33.47 -28.75
N ASP B 319 18.83 -33.42 -29.23
CA ASP B 319 18.47 -32.65 -30.41
C ASP B 319 17.67 -31.39 -30.05
N GLY B 320 17.86 -30.88 -28.84
CA GLY B 320 17.02 -29.85 -28.28
C GLY B 320 17.60 -28.47 -28.34
N VAL B 321 17.23 -27.64 -27.35
CA VAL B 321 17.59 -26.23 -27.34
C VAL B 321 19.09 -26.07 -27.14
N GLY B 322 19.69 -25.15 -27.89
CA GLY B 322 21.10 -24.85 -27.74
C GLY B 322 21.99 -25.58 -28.73
N THR B 336 13.74 -16.28 -24.37
CA THR B 336 13.34 -17.67 -24.60
C THR B 336 14.33 -18.63 -23.95
N SER B 337 14.09 -19.92 -24.15
CA SER B 337 14.89 -20.94 -23.47
C SER B 337 16.31 -21.01 -24.04
N SER B 338 17.27 -21.23 -23.15
CA SER B 338 18.63 -21.53 -23.53
C SER B 338 19.06 -22.79 -22.81
N GLY B 339 20.14 -23.42 -23.28
CA GLY B 339 20.60 -24.61 -22.63
C GLY B 339 21.66 -25.30 -23.45
N ILE B 340 21.94 -26.53 -23.04
CA ILE B 340 22.92 -27.40 -23.67
C ILE B 340 22.23 -28.69 -24.04
N PRO B 341 22.19 -29.07 -25.31
CA PRO B 341 21.51 -30.31 -25.70
C PRO B 341 22.05 -31.50 -24.93
N GLY B 342 21.14 -32.33 -24.42
CA GLY B 342 21.51 -33.47 -23.62
C GLY B 342 21.76 -33.18 -22.16
N LEU B 343 21.83 -31.92 -21.74
CA LEU B 343 22.11 -31.59 -20.35
C LEU B 343 20.92 -30.91 -19.67
N PHE B 344 20.46 -29.77 -20.20
CA PHE B 344 19.38 -29.04 -19.57
C PHE B 344 18.95 -27.91 -20.50
N LYS B 345 17.77 -27.37 -20.23
CA LYS B 345 17.35 -26.12 -20.84
C LYS B 345 16.55 -25.34 -19.80
N THR B 346 16.60 -24.01 -19.92
CA THR B 346 15.86 -23.17 -18.99
C THR B 346 14.39 -23.15 -19.34
N VAL B 347 13.58 -22.84 -18.33
CA VAL B 347 12.14 -22.74 -18.48
C VAL B 347 11.66 -21.72 -17.47
N ARG B 348 10.62 -20.97 -17.85
CA ARG B 348 10.07 -19.97 -16.94
C ARG B 348 9.53 -20.65 -15.70
N ASN B 349 9.83 -20.04 -14.54
CA ASN B 349 9.36 -20.57 -13.27
C ASN B 349 8.00 -19.96 -12.98
N PRO B 350 6.92 -20.74 -12.97
CA PRO B 350 5.59 -20.14 -12.74
C PRO B 350 5.37 -19.67 -11.32
N HIS B 351 6.30 -19.93 -10.40
CA HIS B 351 6.07 -19.70 -8.98
C HIS B 351 6.83 -18.51 -8.40
N VAL B 352 7.43 -17.67 -9.24
CA VAL B 352 8.11 -16.48 -8.76
C VAL B 352 7.60 -15.27 -9.53
N ASP B 353 7.66 -14.11 -8.87
CA ASP B 353 7.38 -12.83 -9.50
C ASP B 353 8.52 -12.48 -10.46
N THR B 354 8.29 -11.47 -11.28
CA THR B 354 9.34 -11.01 -12.19
C THR B 354 9.44 -9.51 -12.16
N THR B 355 10.58 -9.02 -12.57
N THR B 355 10.60 -9.08 -12.60
CA THR B 355 10.70 -7.57 -12.70
CA THR B 355 10.84 -7.64 -12.78
C THR B 355 10.79 -7.24 -14.17
C THR B 355 10.35 -7.24 -14.19
N ASN B 356 10.27 -6.14 -14.64
N ASN B 356 10.23 -5.95 -14.44
CA ASN B 356 9.97 -5.97 -16.10
CA ASN B 356 9.77 -5.44 -15.73
C ASN B 356 9.79 -7.17 -17.12
C ASN B 356 10.69 -5.80 -16.84
N TRP B 357 9.03 -8.18 -16.56
N TRP B 357 11.77 -6.42 -16.50
CA TRP B 357 8.74 -9.43 -17.25
CA TRP B 357 12.68 -6.91 -17.54
C TRP B 357 9.88 -10.43 -17.27
C TRP B 357 12.76 -8.43 -17.58
N ASP B 358 11.14 -9.97 -17.24
N ASP B 358 11.75 -9.12 -17.05
CA ASP B 358 12.25 -10.83 -17.65
CA ASP B 358 11.63 -10.57 -17.09
C ASP B 358 13.15 -11.33 -16.52
C ASP B 358 12.76 -11.28 -16.34
N TRP B 359 13.44 -10.56 -15.48
CA TRP B 359 14.27 -11.08 -14.39
CA TRP B 359 14.26 -11.15 -14.43
C TRP B 359 13.37 -11.62 -13.29
N ALA B 360 13.70 -12.79 -12.75
CA ALA B 360 12.91 -13.30 -11.63
C ALA B 360 13.18 -12.47 -10.38
N ILE B 361 12.15 -12.32 -9.55
CA ILE B 361 12.32 -11.80 -8.21
C ILE B 361 12.13 -13.00 -7.29
N ASP B 362 13.22 -13.46 -6.69
CA ASP B 362 13.20 -14.70 -5.92
C ASP B 362 14.09 -14.53 -4.69
N PRO B 363 13.61 -13.82 -3.67
CA PRO B 363 14.43 -13.65 -2.46
C PRO B 363 14.69 -14.95 -1.73
N VAL B 364 13.72 -15.89 -1.72
CA VAL B 364 13.99 -17.19 -1.10
C VAL B 364 15.15 -17.88 -1.81
N GLY B 365 15.26 -17.67 -3.13
CA GLY B 365 16.39 -18.20 -3.87
C GLY B 365 17.74 -17.73 -3.36
N LEU B 366 17.82 -16.52 -2.80
CA LEU B 366 19.06 -16.09 -2.16
C LEU B 366 19.34 -16.92 -0.92
N ARG B 367 18.32 -17.15 -0.08
CA ARG B 367 18.50 -18.03 1.06
C ARG B 367 18.96 -19.42 0.61
N ILE B 368 18.35 -19.94 -0.47
CA ILE B 368 18.74 -21.27 -0.97
C ILE B 368 20.20 -21.26 -1.41
N GLY B 369 20.60 -20.22 -2.16
CA GLY B 369 21.98 -20.16 -2.62
C GLY B 369 22.96 -20.06 -1.46
N LEU B 370 22.63 -19.25 -0.46
CA LEU B 370 23.49 -19.16 0.73
C LEU B 370 23.58 -20.51 1.45
N ARG B 371 22.44 -21.18 1.61
CA ARG B 371 22.44 -22.50 2.22
C ARG B 371 23.29 -23.48 1.42
N ARG B 372 23.21 -23.43 0.09
CA ARG B 372 23.95 -24.37 -0.73
C ARG B 372 25.46 -24.17 -0.58
N ILE B 373 25.91 -22.91 -0.51
CA ILE B 373 27.33 -22.65 -0.37
C ILE B 373 27.83 -23.12 0.99
N ALA B 374 27.07 -22.83 2.05
CA ALA B 374 27.48 -23.33 3.37
C ALA B 374 27.48 -24.85 3.39
N ASN B 375 26.44 -25.47 2.83
CA ASN B 375 26.32 -26.93 2.87
C ASN B 375 27.43 -27.60 2.07
N ARG B 376 27.84 -27.03 0.95
CA ARG B 376 28.82 -27.69 0.09
C ARG B 376 30.25 -27.36 0.50
N TYR B 377 30.52 -26.10 0.87
CA TYR B 377 31.89 -25.63 1.05
C TYR B 377 32.19 -25.19 2.48
N GLN B 378 31.18 -25.03 3.33
CA GLN B 378 31.36 -24.55 4.70
C GLN B 378 32.05 -23.19 4.74
N LEU B 379 31.83 -22.39 3.72
CA LEU B 379 32.48 -21.08 3.67
C LEU B 379 31.56 -19.97 4.14
N PRO B 380 32.11 -18.97 4.82
CA PRO B 380 31.39 -17.72 4.99
C PRO B 380 31.13 -17.07 3.65
N ILE B 381 30.10 -16.22 3.60
CA ILE B 381 29.69 -15.60 2.35
C ILE B 381 29.64 -14.10 2.55
N LEU B 382 30.21 -13.37 1.59
CA LEU B 382 30.00 -11.93 1.49
C LEU B 382 29.10 -11.71 0.28
N ILE B 383 27.91 -11.16 0.50
CA ILE B 383 27.05 -10.84 -0.64
C ILE B 383 27.58 -9.52 -1.21
N THR B 384 28.19 -9.61 -2.37
CA THR B 384 28.91 -8.49 -2.97
C THR B 384 28.03 -7.63 -3.87
N GLU B 385 26.85 -8.12 -4.24
CA GLU B 385 25.98 -7.42 -5.18
C GLU B 385 24.58 -8.00 -5.13
N ASN B 386 23.58 -7.14 -4.93
CA ASN B 386 22.18 -7.50 -5.06
C ASN B 386 21.43 -6.18 -5.16
N GLY B 387 20.51 -6.07 -6.12
CA GLY B 387 19.78 -4.82 -6.27
C GLY B 387 18.77 -4.92 -7.38
N LEU B 388 18.03 -3.83 -7.56
CA LEU B 388 16.96 -3.74 -8.53
C LEU B 388 17.20 -2.59 -9.48
N GLY B 389 17.19 -2.86 -10.78
CA GLY B 389 17.28 -1.83 -11.80
C GLY B 389 15.88 -1.47 -12.28
N GLU B 390 15.61 -0.18 -12.34
CA GLU B 390 14.29 0.30 -12.75
C GLU B 390 14.42 1.70 -13.34
N PHE B 391 13.42 2.10 -14.12
CA PHE B 391 13.40 3.41 -14.78
C PHE B 391 12.84 4.48 -13.84
N ASP B 392 13.67 4.89 -12.88
CA ASP B 392 13.24 5.84 -11.84
C ASP B 392 12.87 7.18 -12.45
N THR B 393 11.82 7.80 -11.91
CA THR B 393 11.36 9.11 -12.33
C THR B 393 11.80 10.16 -11.31
N LEU B 394 12.39 11.24 -11.78
CA LEU B 394 12.74 12.37 -10.94
C LEU B 394 11.54 13.31 -10.90
N GLU B 395 10.85 13.34 -9.76
CA GLU B 395 9.64 14.13 -9.61
C GLU B 395 9.97 15.53 -9.13
N PRO B 396 9.06 16.49 -9.30
CA PRO B 396 9.34 17.86 -8.86
C PRO B 396 9.75 17.92 -7.40
N GLY B 397 10.66 18.84 -7.09
CA GLY B 397 11.27 18.90 -5.78
C GLY B 397 12.42 17.95 -5.57
N ASP B 398 12.95 17.35 -6.64
CA ASP B 398 14.05 16.38 -6.56
C ASP B 398 13.69 15.21 -5.64
N ILE B 399 12.57 14.55 -5.97
CA ILE B 399 12.08 13.41 -5.22
C ILE B 399 12.06 12.20 -6.14
N VAL B 400 12.58 11.08 -5.66
CA VAL B 400 12.52 9.81 -6.39
C VAL B 400 11.85 8.82 -5.46
N ASN B 401 10.62 8.43 -5.79
CA ASN B 401 9.86 7.50 -4.95
C ASN B 401 10.10 6.10 -5.51
N ASP B 402 11.09 5.40 -4.96
CA ASP B 402 11.42 4.08 -5.47
C ASP B 402 11.03 2.99 -4.47
N ASP B 403 9.74 2.96 -4.15
CA ASP B 403 9.22 1.94 -3.24
C ASP B 403 9.44 0.54 -3.79
N TYR B 404 9.47 0.39 -5.12
CA TYR B 404 9.74 -0.92 -5.73
C TYR B 404 11.13 -1.41 -5.36
N ARG B 405 12.10 -0.50 -5.25
CA ARG B 405 13.45 -0.88 -4.86
C ARG B 405 13.51 -1.23 -3.38
N ILE B 406 12.83 -0.44 -2.54
CA ILE B 406 12.74 -0.78 -1.12
C ILE B 406 12.15 -2.17 -0.94
N ASP B 407 11.05 -2.46 -1.65
CA ASP B 407 10.41 -3.77 -1.48
C ASP B 407 11.35 -4.90 -1.87
N TYR B 408 12.04 -4.75 -3.00
CA TYR B 408 12.96 -5.79 -3.44
C TYR B 408 14.08 -6.00 -2.43
N LEU B 409 14.73 -4.91 -2.01
CA LEU B 409 15.83 -5.06 -1.05
C LEU B 409 15.34 -5.62 0.27
N ARG B 410 14.21 -5.12 0.77
CA ARG B 410 13.68 -5.60 2.05
C ARG B 410 13.50 -7.11 2.02
N ARG B 411 12.91 -7.63 0.94
CA ARG B 411 12.63 -9.06 0.89
C ARG B 411 13.92 -9.88 0.87
N HIS B 412 14.95 -9.38 0.19
CA HIS B 412 16.22 -10.10 0.16
C HIS B 412 16.92 -10.04 1.52
N VAL B 413 16.91 -8.86 2.17
CA VAL B 413 17.52 -8.77 3.48
C VAL B 413 16.80 -9.67 4.48
N GLN B 414 15.47 -9.77 4.38
CA GLN B 414 14.73 -10.69 5.25
C GLN B 414 15.19 -12.13 5.07
N GLU B 415 15.43 -12.54 3.82
CA GLU B 415 15.87 -13.92 3.58
C GLU B 415 17.29 -14.14 4.04
N ILE B 416 18.15 -13.13 3.96
CA ILE B 416 19.50 -13.26 4.52
C ILE B 416 19.41 -13.53 6.01
N GLN B 417 18.54 -12.81 6.71
CA GLN B 417 18.39 -13.04 8.15
C GLN B 417 17.95 -14.47 8.43
N ARG B 418 17.08 -15.02 7.59
CA ARG B 418 16.68 -16.41 7.76
C ARG B 418 17.85 -17.37 7.51
N ALA B 419 18.69 -17.07 6.52
CA ALA B 419 19.85 -17.91 6.29
C ALA B 419 20.83 -17.84 7.45
N ILE B 420 21.05 -16.66 8.01
CA ILE B 420 21.87 -16.54 9.21
C ILE B 420 21.27 -17.38 10.33
N THR B 421 19.95 -17.32 10.48
CA THR B 421 19.27 -18.12 11.51
C THR B 421 19.48 -19.60 11.29
N ASP B 422 19.50 -20.03 10.02
CA ASP B 422 19.75 -21.43 9.70
C ASP B 422 21.17 -21.86 10.04
N GLY B 423 22.12 -20.93 10.14
CA GLY B 423 23.51 -21.25 10.44
C GLY B 423 24.51 -20.81 9.39
N VAL B 424 24.09 -20.11 8.33
CA VAL B 424 25.03 -19.59 7.35
C VAL B 424 25.76 -18.40 7.93
N ASP B 425 27.09 -18.35 7.74
CA ASP B 425 27.90 -17.22 8.18
C ASP B 425 27.94 -16.20 7.05
N VAL B 426 27.10 -15.18 7.13
CA VAL B 426 27.05 -14.12 6.14
C VAL B 426 27.82 -12.92 6.70
N LEU B 427 28.88 -12.51 6.00
CA LEU B 427 29.75 -11.45 6.52
C LEU B 427 29.19 -10.06 6.27
N GLY B 428 28.39 -9.90 5.22
CA GLY B 428 27.87 -8.59 4.89
C GLY B 428 27.04 -8.67 3.63
N TYR B 429 26.49 -7.51 3.27
CA TYR B 429 25.54 -7.39 2.17
C TYR B 429 25.82 -6.07 1.48
N CYS B 430 26.22 -6.12 0.22
CA CYS B 430 26.50 -4.92 -0.55
C CYS B 430 25.38 -4.71 -1.57
N ALA B 431 24.53 -3.72 -1.31
CA ALA B 431 23.49 -3.38 -2.25
C ALA B 431 24.10 -2.81 -3.53
N TRP B 432 23.54 -3.21 -4.66
CA TRP B 432 23.97 -2.71 -5.96
C TRP B 432 22.91 -1.73 -6.47
N SER B 433 23.20 -0.43 -6.55
CA SER B 433 24.51 0.17 -6.37
C SER B 433 24.37 1.38 -5.45
N PHE B 434 25.47 2.03 -5.10
CA PHE B 434 25.35 3.20 -4.24
C PHE B 434 24.77 4.38 -5.00
N THR B 435 25.44 4.82 -6.05
CA THR B 435 24.86 5.78 -6.98
C THR B 435 24.45 5.07 -8.26
N ASP B 436 23.57 5.72 -9.01
CA ASP B 436 23.32 5.29 -10.38
C ASP B 436 24.65 5.24 -11.13
N LEU B 437 24.71 4.38 -12.14
CA LEU B 437 25.95 4.17 -12.85
C LEU B 437 25.69 3.85 -14.32
N LEU B 438 26.76 3.82 -15.08
CA LEU B 438 26.70 3.45 -16.49
C LEU B 438 26.61 1.93 -16.61
N SER B 439 25.61 1.44 -17.34
CA SER B 439 25.58 0.02 -17.66
CA SER B 439 25.55 0.03 -17.69
C SER B 439 26.56 -0.27 -18.80
N TRP B 440 27.01 -1.52 -18.85
CA TRP B 440 28.02 -1.91 -19.82
C TRP B 440 27.57 -1.68 -21.26
N LEU B 441 26.33 -2.06 -21.58
CA LEU B 441 25.84 -1.99 -22.94
C LEU B 441 24.55 -1.19 -23.11
N ASN B 442 23.88 -0.83 -22.02
CA ASN B 442 22.51 -0.34 -22.11
C ASN B 442 22.34 1.10 -21.62
N GLY B 443 23.41 1.87 -21.53
CA GLY B 443 23.27 3.27 -21.13
C GLY B 443 22.91 3.43 -19.66
N TYR B 444 22.13 4.47 -19.37
CA TYR B 444 21.89 4.90 -18.01
C TYR B 444 20.46 4.79 -17.52
N GLN B 445 19.48 4.53 -18.39
CA GLN B 445 18.08 4.75 -18.03
CA GLN B 445 18.08 4.76 -18.02
C GLN B 445 17.57 3.75 -16.99
N LYS B 446 18.05 2.51 -17.02
CA LYS B 446 17.69 1.50 -16.02
C LYS B 446 18.64 1.70 -14.84
N ARG B 447 18.13 2.32 -13.78
CA ARG B 447 18.95 2.82 -12.68
C ARG B 447 18.96 1.85 -11.52
N TYR B 448 20.10 1.79 -10.81
CA TYR B 448 20.29 0.88 -9.68
C TYR B 448 20.60 1.54 -8.36
N GLY B 449 20.83 2.85 -8.32
CA GLY B 449 21.40 3.45 -7.13
C GLY B 449 20.41 3.73 -6.02
N PHE B 450 20.96 3.87 -4.80
CA PHE B 450 20.28 4.61 -3.75
C PHE B 450 20.29 6.11 -4.01
N VAL B 451 21.27 6.57 -4.78
CA VAL B 451 21.47 7.99 -5.08
C VAL B 451 21.28 8.15 -6.58
N TYR B 452 20.27 8.93 -6.95
CA TYR B 452 20.02 9.24 -8.35
C TYR B 452 21.10 10.19 -8.84
N VAL B 453 21.61 9.94 -10.05
CA VAL B 453 22.54 10.87 -10.69
C VAL B 453 21.83 11.52 -11.88
N ASN B 454 21.76 12.84 -11.87
CA ASN B 454 21.07 13.59 -12.90
C ASN B 454 21.94 13.64 -14.15
N ARG B 455 21.79 12.64 -15.00
CA ARG B 455 22.35 12.59 -16.35
C ARG B 455 21.55 11.55 -17.11
N ASP B 456 21.73 11.50 -18.43
CA ASP B 456 21.03 10.51 -19.23
C ASP B 456 21.97 10.03 -20.33
N ASP B 457 21.40 9.39 -21.35
CA ASP B 457 22.19 8.84 -22.45
C ASP B 457 22.70 9.90 -23.39
N GLU B 458 22.09 11.09 -23.39
CA GLU B 458 22.48 12.13 -24.32
C GLU B 458 23.55 13.06 -23.77
N SER B 459 23.60 13.28 -22.45
CA SER B 459 24.60 14.17 -21.90
C SER B 459 24.73 13.94 -20.40
N GLU B 460 25.79 14.50 -19.83
CA GLU B 460 26.04 14.39 -18.40
C GLU B 460 25.16 15.33 -17.59
N LYS B 461 24.41 16.23 -18.23
CA LYS B 461 23.58 17.23 -17.53
C LYS B 461 24.48 17.91 -16.51
N ASP B 462 24.06 18.00 -15.24
CA ASP B 462 24.88 18.59 -14.20
C ASP B 462 25.46 17.56 -13.24
N LEU B 463 25.21 16.27 -13.47
CA LEU B 463 25.74 15.18 -12.65
C LEU B 463 25.33 15.28 -11.18
N ARG B 464 24.25 15.99 -10.86
CA ARG B 464 23.94 16.16 -9.45
C ARG B 464 23.41 14.87 -8.83
N ARG B 465 23.72 14.71 -7.55
CA ARG B 465 23.32 13.54 -6.78
C ARG B 465 22.05 13.88 -6.01
N ILE B 466 21.07 12.99 -6.08
CA ILE B 466 19.77 13.18 -5.43
C ILE B 466 19.42 11.90 -4.67
N LYS B 467 19.24 12.00 -3.37
CA LYS B 467 18.92 10.82 -2.56
C LYS B 467 17.52 10.31 -2.91
N LYS B 468 17.40 9.03 -3.22
CA LYS B 468 16.10 8.42 -3.47
C LYS B 468 15.47 8.02 -2.14
N LYS B 469 14.17 7.70 -2.18
CA LYS B 469 13.49 7.22 -0.98
C LYS B 469 14.24 6.02 -0.38
N SER B 470 14.76 5.14 -1.23
CA SER B 470 15.45 3.94 -0.74
C SER B 470 16.70 4.30 0.07
N PHE B 471 17.32 5.45 -0.21
CA PHE B 471 18.47 5.89 0.57
C PHE B 471 18.13 5.96 2.05
N TYR B 472 16.99 6.58 2.35
CA TYR B 472 16.61 6.74 3.75
C TYR B 472 16.15 5.42 4.35
N TRP B 473 15.53 4.55 3.54
CA TRP B 473 15.16 3.24 4.04
C TRP B 473 16.39 2.45 4.47
N TYR B 474 17.43 2.44 3.62
CA TYR B 474 18.62 1.67 3.96
C TYR B 474 19.37 2.30 5.12
N GLN B 475 19.37 3.63 5.19
CA GLN B 475 19.93 4.31 6.35
C GLN B 475 19.32 3.78 7.64
N ARG B 476 18.01 3.56 7.64
CA ARG B 476 17.34 3.04 8.83
C ARG B 476 17.65 1.57 9.08
N VAL B 477 17.76 0.77 8.01
CA VAL B 477 18.22 -0.61 8.16
C VAL B 477 19.55 -0.64 8.89
N ILE B 478 20.51 0.17 8.44
CA ILE B 478 21.84 0.14 9.03
C ILE B 478 21.80 0.60 10.48
N GLU B 479 21.08 1.70 10.73
CA GLU B 479 21.03 2.25 12.08
C GLU B 479 20.47 1.25 13.08
N THR B 480 19.55 0.39 12.64
CA THR B 480 18.95 -0.61 13.52
C THR B 480 19.57 -1.98 13.35
N ASN B 481 20.67 -2.09 12.62
CA ASN B 481 21.33 -3.36 12.33
C ASN B 481 20.34 -4.39 11.79
N GLY B 482 19.41 -3.94 10.95
CA GLY B 482 18.48 -4.84 10.31
C GLY B 482 17.22 -5.14 11.11
N ALA B 483 17.06 -4.55 12.29
CA ALA B 483 15.86 -4.81 13.08
C ALA B 483 14.64 -4.11 12.51
N GLU B 484 14.82 -2.99 11.81
CA GLU B 484 13.73 -2.29 11.14
C GLU B 484 13.97 -2.37 9.64
N LEU B 485 13.22 -3.26 8.99
CA LEU B 485 13.34 -3.47 7.55
C LEU B 485 12.16 -2.87 6.78
N ARG C 11 -59.75 -5.75 19.93
CA ARG C 11 -58.30 -5.56 19.92
C ARG C 11 -57.89 -4.11 20.18
N HIS C 12 -57.55 -3.84 21.44
CA HIS C 12 -56.96 -2.55 21.78
C HIS C 12 -55.45 -2.63 21.57
N LEU C 13 -54.92 -1.59 20.94
CA LEU C 13 -53.50 -1.52 20.68
C LEU C 13 -52.77 -1.17 21.97
N LYS C 14 -51.58 -1.71 22.10
CA LYS C 14 -50.71 -1.31 23.18
C LYS C 14 -50.16 0.09 22.90
N PRO C 15 -49.85 0.85 23.93
CA PRO C 15 -49.19 2.14 23.71
C PRO C 15 -47.75 1.90 23.30
N PHE C 16 -47.15 2.94 22.73
CA PHE C 16 -45.72 2.91 22.53
C PHE C 16 -45.03 2.89 23.90
N PRO C 17 -43.90 2.21 24.03
CA PRO C 17 -43.25 2.13 25.34
C PRO C 17 -42.79 3.50 25.81
N PRO C 18 -42.64 3.71 27.11
CA PRO C 18 -42.42 5.08 27.62
C PRO C 18 -41.18 5.77 27.10
N GLU C 19 -40.10 5.05 26.84
CA GLU C 19 -38.90 5.70 26.32
C GLU C 19 -38.65 5.38 24.85
N PHE C 20 -39.71 5.12 24.10
CA PHE C 20 -39.60 4.86 22.67
C PHE C 20 -38.83 6.00 22.00
N LEU C 21 -37.85 5.65 21.18
CA LEU C 21 -36.98 6.66 20.58
C LEU C 21 -37.61 7.21 19.31
N TRP C 22 -38.45 8.25 19.46
CA TRP C 22 -38.93 9.00 18.31
C TRP C 22 -37.77 9.79 17.73
N GLY C 23 -37.37 9.46 16.50
CA GLY C 23 -36.14 9.97 15.95
C GLY C 23 -36.31 10.52 14.55
N ALA C 24 -35.20 11.03 14.04
CA ALA C 24 -35.05 11.42 12.65
C ALA C 24 -33.58 11.19 12.33
N ALA C 25 -33.27 11.11 11.04
CA ALA C 25 -31.94 10.64 10.67
C ALA C 25 -31.39 11.39 9.47
N SER C 26 -30.08 11.23 9.28
CA SER C 26 -29.35 11.75 8.13
C SER C 26 -28.15 10.87 7.87
N ALA C 27 -27.36 11.24 6.86
CA ALA C 27 -26.08 10.61 6.54
C ALA C 27 -25.07 11.70 6.23
N ALA C 28 -23.80 11.46 6.58
CA ALA C 28 -22.81 12.53 6.59
C ALA C 28 -22.64 13.18 5.22
N TYR C 29 -22.43 12.38 4.18
CA TYR C 29 -22.18 12.97 2.86
C TYR C 29 -23.39 13.76 2.39
N GLN C 30 -24.58 13.32 2.77
CA GLN C 30 -25.80 13.95 2.30
C GLN C 30 -26.10 15.27 2.99
N VAL C 31 -25.52 15.54 4.17
CA VAL C 31 -25.86 16.77 4.88
C VAL C 31 -24.69 17.69 5.19
N GLU C 32 -23.49 17.14 5.42
CA GLU C 32 -22.47 17.90 6.13
C GLU C 32 -21.88 19.05 5.32
N GLY C 33 -21.50 18.79 4.07
CA GLY C 33 -20.62 19.74 3.40
C GLY C 33 -19.23 19.72 4.02
N ALA C 34 -18.56 20.86 3.99
CA ALA C 34 -17.22 20.99 4.57
C ALA C 34 -16.32 19.84 4.13
N TRP C 35 -16.36 19.55 2.82
CA TRP C 35 -15.76 18.32 2.29
C TRP C 35 -14.24 18.32 2.37
N ASN C 36 -13.62 19.50 2.49
CA ASN C 36 -12.16 19.59 2.54
C ASN C 36 -11.69 20.47 3.69
N GLU C 37 -12.52 20.63 4.72
CA GLU C 37 -12.22 21.55 5.80
CA GLU C 37 -12.25 21.55 5.81
C GLU C 37 -11.70 20.81 7.02
N ASP C 38 -10.89 21.51 7.81
CA ASP C 38 -10.42 21.00 9.10
C ASP C 38 -9.68 19.67 8.96
N GLY C 39 -8.97 19.50 7.85
CA GLY C 39 -8.13 18.34 7.64
C GLY C 39 -8.84 17.11 7.10
N LYS C 40 -10.12 17.21 6.75
CA LYS C 40 -10.85 16.05 6.24
C LYS C 40 -10.22 15.55 4.95
N GLY C 41 -10.04 14.23 4.86
CA GLY C 41 -9.56 13.62 3.63
C GLY C 41 -10.68 13.30 2.65
N LEU C 42 -10.29 12.93 1.44
CA LEU C 42 -11.26 12.56 0.42
C LEU C 42 -11.92 11.24 0.76
N SER C 43 -13.25 11.18 0.62
CA SER C 43 -13.93 9.90 0.62
C SER C 43 -14.09 9.40 -0.81
N VAL C 44 -14.46 8.12 -0.95
CA VAL C 44 -14.74 7.58 -2.28
C VAL C 44 -15.87 8.32 -2.94
N TRP C 45 -16.80 8.89 -2.16
CA TRP C 45 -17.90 9.64 -2.76
C TRP C 45 -17.48 11.03 -3.22
N ASP C 46 -16.58 11.69 -2.50
CA ASP C 46 -16.04 12.97 -2.98
C ASP C 46 -15.51 12.80 -4.39
N VAL C 47 -14.77 11.72 -4.62
CA VAL C 47 -14.13 11.48 -5.91
C VAL C 47 -15.15 11.02 -6.95
N PHE C 48 -15.99 10.05 -6.58
CA PHE C 48 -16.93 9.46 -7.54
C PHE C 48 -17.89 10.50 -8.08
N ALA C 49 -18.42 11.36 -7.21
CA ALA C 49 -19.45 12.31 -7.61
C ALA C 49 -18.90 13.41 -8.53
N LYS C 50 -17.58 13.57 -8.59
CA LYS C 50 -17.00 14.57 -9.47
C LYS C 50 -16.72 14.05 -10.87
N GLN C 51 -16.97 12.77 -11.11
CA GLN C 51 -16.84 12.26 -12.47
C GLN C 51 -17.92 12.90 -13.35
N PRO C 52 -17.57 13.46 -14.50
CA PRO C 52 -18.60 14.09 -15.34
C PRO C 52 -19.70 13.10 -15.69
N GLY C 53 -20.94 13.58 -15.59
CA GLY C 53 -22.10 12.78 -15.92
C GLY C 53 -22.57 11.85 -14.82
N ARG C 54 -21.82 11.73 -13.72
CA ARG C 54 -22.17 10.73 -12.71
C ARG C 54 -23.39 11.15 -11.89
N THR C 55 -23.53 12.43 -11.57
CA THR C 55 -24.62 12.88 -10.72
C THR C 55 -25.42 13.97 -11.44
N PHE C 56 -26.70 14.09 -11.05
CA PHE C 56 -27.58 15.02 -11.72
C PHE C 56 -27.07 16.46 -11.57
N LYS C 57 -26.90 17.14 -12.70
CA LYS C 57 -26.40 18.52 -12.73
C LYS C 57 -25.07 18.68 -12.00
N GLY C 58 -24.29 17.59 -11.90
CA GLY C 58 -23.01 17.65 -11.23
C GLY C 58 -23.10 17.90 -9.75
N THR C 59 -24.27 17.74 -9.14
CA THR C 59 -24.40 17.99 -7.71
C THR C 59 -23.52 17.03 -6.91
N ASN C 60 -22.99 17.54 -5.80
CA ASN C 60 -22.07 16.76 -5.00
C ASN C 60 -22.11 17.26 -3.56
N GLY C 61 -21.33 16.61 -2.70
CA GLY C 61 -21.38 16.89 -1.28
C GLY C 61 -20.41 17.95 -0.79
N ASP C 62 -19.87 18.79 -1.69
CA ASP C 62 -18.93 19.82 -1.24
C ASP C 62 -19.55 20.68 -0.14
N VAL C 63 -20.80 21.09 -0.33
CA VAL C 63 -21.55 21.90 0.60
C VAL C 63 -22.78 21.17 1.12
N ALA C 64 -23.48 20.43 0.25
CA ALA C 64 -24.72 19.76 0.62
C ALA C 64 -25.68 20.78 1.26
N VAL C 65 -26.16 20.52 2.47
CA VAL C 65 -26.97 21.51 3.18
C VAL C 65 -26.19 22.17 4.31
N ASP C 66 -24.87 21.98 4.35
CA ASP C 66 -23.97 22.72 5.22
C ASP C 66 -24.23 22.47 6.70
N HIS C 67 -24.64 21.25 7.04
CA HIS C 67 -24.87 20.91 8.44
C HIS C 67 -23.61 21.04 9.27
N TYR C 68 -22.42 20.87 8.66
CA TYR C 68 -21.18 21.02 9.41
C TYR C 68 -21.10 22.40 10.08
N HIS C 69 -21.52 23.44 9.39
CA HIS C 69 -21.48 24.78 9.97
C HIS C 69 -22.78 25.17 10.65
N ARG C 70 -23.88 24.53 10.31
CA ARG C 70 -25.20 24.95 10.79
CA ARG C 70 -25.21 24.93 10.76
C ARG C 70 -25.80 23.99 11.80
N TYR C 71 -24.98 23.10 12.38
CA TYR C 71 -25.50 22.08 13.29
C TYR C 71 -26.21 22.67 14.51
N GLN C 72 -25.78 23.83 14.99
CA GLN C 72 -26.46 24.39 16.16
C GLN C 72 -27.90 24.73 15.84
N GLU C 73 -28.14 25.37 14.69
CA GLU C 73 -29.51 25.66 14.28
C GLU C 73 -30.30 24.38 14.07
N ASP C 74 -29.69 23.38 13.43
CA ASP C 74 -30.40 22.14 13.18
C ASP C 74 -30.78 21.44 14.47
N VAL C 75 -29.87 21.40 15.45
CA VAL C 75 -30.19 20.77 16.73
C VAL C 75 -31.26 21.58 17.46
N ALA C 76 -31.21 22.91 17.36
CA ALA C 76 -32.26 23.72 17.98
C ALA C 76 -33.63 23.37 17.41
N LEU C 77 -33.70 23.13 16.10
CA LEU C 77 -34.96 22.70 15.50
C LEU C 77 -35.38 21.32 15.99
N MET C 78 -34.41 20.41 16.15
CA MET C 78 -34.74 19.09 16.71
C MET C 78 -35.32 19.24 18.11
N ALA C 79 -34.76 20.15 18.90
CA ALA C 79 -35.27 20.36 20.26
C ALA C 79 -36.66 20.98 20.24
N GLU C 80 -36.90 21.91 19.31
CA GLU C 80 -38.23 22.48 19.14
C GLU C 80 -39.25 21.40 18.78
N MET C 81 -38.86 20.47 17.92
CA MET C 81 -39.72 19.35 17.58
C MET C 81 -39.94 18.43 18.77
N GLY C 82 -38.99 18.39 19.70
CA GLY C 82 -39.01 17.44 20.79
C GLY C 82 -38.45 16.08 20.44
N LEU C 83 -37.57 15.98 19.43
CA LEU C 83 -36.99 14.70 19.05
C LEU C 83 -36.40 14.00 20.25
N LYS C 84 -36.69 12.71 20.37
CA LYS C 84 -36.05 11.92 21.43
C LYS C 84 -34.67 11.43 21.01
N ALA C 85 -34.44 11.27 19.70
CA ALA C 85 -33.19 10.74 19.20
C ALA C 85 -32.90 11.32 17.83
N TYR C 86 -31.62 11.47 17.53
CA TYR C 86 -31.17 11.90 16.21
C TYR C 86 -30.09 10.92 15.77
N ARG C 87 -30.31 10.25 14.65
CA ARG C 87 -29.36 9.30 14.12
C ARG C 87 -28.58 9.95 12.99
N PHE C 88 -27.26 9.94 13.11
CA PHE C 88 -26.39 10.53 12.10
C PHE C 88 -25.25 9.58 11.86
N SER C 89 -24.53 9.79 10.76
CA SER C 89 -23.33 9.00 10.53
C SER C 89 -22.07 9.85 10.73
N VAL C 90 -21.01 9.18 11.11
CA VAL C 90 -19.70 9.81 11.24
C VAL C 90 -18.93 9.58 9.95
N SER C 91 -18.32 10.64 9.44
CA SER C 91 -17.52 10.55 8.22
C SER C 91 -16.13 10.05 8.58
N TRP C 92 -15.83 8.82 8.19
CA TRP C 92 -14.54 8.22 8.47
C TRP C 92 -13.39 9.10 8.00
N SER C 93 -13.55 9.73 6.83
CA SER C 93 -12.47 10.56 6.30
CA SER C 93 -12.50 10.58 6.28
C SER C 93 -12.25 11.85 7.09
N ARG C 94 -13.21 12.26 7.93
CA ARG C 94 -12.92 13.37 8.84
C ARG C 94 -12.04 12.94 10.00
N VAL C 95 -12.20 11.70 10.45
CA VAL C 95 -11.52 11.21 11.64
C VAL C 95 -10.16 10.63 11.29
N PHE C 96 -10.08 9.85 10.21
CA PHE C 96 -8.81 9.34 9.68
C PHE C 96 -8.78 9.75 8.21
N PRO C 97 -8.18 10.91 7.89
CA PRO C 97 -8.18 11.37 6.49
C PRO C 97 -7.58 10.37 5.52
N ASP C 98 -6.62 9.56 5.98
CA ASP C 98 -6.02 8.51 5.16
C ASP C 98 -6.61 7.14 5.46
N GLY C 99 -7.69 7.07 6.22
CA GLY C 99 -8.33 5.79 6.57
C GLY C 99 -7.67 5.11 7.74
N ASN C 100 -6.34 5.01 7.73
CA ASN C 100 -5.61 4.49 8.86
C ASN C 100 -4.58 5.57 9.20
N GLY C 101 -3.63 5.28 10.08
CA GLY C 101 -2.67 6.31 10.41
C GLY C 101 -3.17 7.31 11.44
N ALA C 102 -2.82 8.58 11.27
CA ALA C 102 -3.02 9.57 12.31
C ALA C 102 -4.48 10.01 12.43
N VAL C 103 -4.96 10.08 13.67
CA VAL C 103 -6.30 10.61 13.93
C VAL C 103 -6.30 12.12 13.71
N ASN C 104 -7.39 12.64 13.17
CA ASN C 104 -7.58 14.07 12.96
CA ASN C 104 -7.58 14.07 12.96
C ASN C 104 -8.45 14.58 14.10
N GLU C 105 -7.81 15.26 15.06
CA GLU C 105 -8.55 15.71 16.24
C GLU C 105 -9.64 16.72 15.89
N LYS C 106 -9.41 17.56 14.87
CA LYS C 106 -10.45 18.53 14.50
C LYS C 106 -11.68 17.83 13.93
N GLY C 107 -11.51 16.69 13.26
CA GLY C 107 -12.65 15.95 12.77
C GLY C 107 -13.45 15.33 13.91
N LEU C 108 -12.75 14.71 14.86
CA LEU C 108 -13.44 14.20 16.04
C LEU C 108 -14.14 15.33 16.79
N ASP C 109 -13.52 16.51 16.83
CA ASP C 109 -14.09 17.61 17.59
C ASP C 109 -15.44 18.05 17.04
N PHE C 110 -15.65 17.96 15.72
CA PHE C 110 -16.98 18.25 15.20
C PHE C 110 -18.03 17.33 15.80
N TYR C 111 -17.76 16.02 15.80
CA TYR C 111 -18.74 15.09 16.35
C TYR C 111 -18.89 15.27 17.84
N ASP C 112 -17.82 15.67 18.53
CA ASP C 112 -17.94 15.98 19.95
CA ASP C 112 -17.93 15.98 19.95
C ASP C 112 -18.87 17.17 20.15
N ARG C 113 -18.70 18.22 19.36
CA ARG C 113 -19.56 19.39 19.48
C ARG C 113 -21.02 19.04 19.14
N LEU C 114 -21.23 18.22 18.11
CA LEU C 114 -22.57 17.81 17.76
C LEU C 114 -23.21 17.01 18.89
N ILE C 115 -22.47 16.04 19.42
CA ILE C 115 -22.99 15.21 20.51
C ILE C 115 -23.30 16.05 21.75
N GLU C 116 -22.41 16.99 22.09
CA GLU C 116 -22.69 17.88 23.22
C GLU C 116 -23.94 18.71 22.98
N GLU C 117 -24.12 19.20 21.74
CA GLU C 117 -25.32 19.97 21.43
C GLU C 117 -26.58 19.13 21.60
N LEU C 118 -26.55 17.89 21.12
CA LEU C 118 -27.68 16.99 21.30
C LEU C 118 -27.96 16.73 22.78
N ARG C 119 -26.91 16.41 23.53
CA ARG C 119 -27.12 16.04 24.92
C ARG C 119 -27.55 17.23 25.76
N ASN C 120 -27.11 18.43 25.41
CA ASN C 120 -27.56 19.63 26.12
C ASN C 120 -29.04 19.92 25.87
N HIS C 121 -29.62 19.36 24.82
CA HIS C 121 -31.04 19.49 24.56
C HIS C 121 -31.82 18.22 24.87
N GLY C 122 -31.20 17.27 25.56
CA GLY C 122 -31.92 16.06 25.94
C GLY C 122 -32.25 15.12 24.80
N ILE C 123 -31.49 15.16 23.71
CA ILE C 123 -31.70 14.29 22.56
C ILE C 123 -30.66 13.19 22.58
N GLU C 124 -31.12 11.94 22.43
CA GLU C 124 -30.19 10.81 22.40
C GLU C 124 -29.48 10.75 21.06
N PRO C 125 -28.15 10.80 21.03
CA PRO C 125 -27.46 10.56 19.75
C PRO C 125 -27.50 9.09 19.41
N ILE C 126 -27.72 8.77 18.15
CA ILE C 126 -27.53 7.42 17.65
C ILE C 126 -26.44 7.52 16.59
N VAL C 127 -25.25 7.00 16.90
CA VAL C 127 -24.10 7.15 16.03
C VAL C 127 -24.04 5.98 15.05
N THR C 128 -23.99 6.29 13.77
CA THR C 128 -23.82 5.32 12.70
C THR C 128 -22.38 5.36 12.23
N LEU C 129 -21.68 4.23 12.33
CA LEU C 129 -20.26 4.20 12.03
C LEU C 129 -19.99 4.42 10.55
N TYR C 130 -20.80 3.83 9.68
CA TYR C 130 -20.46 3.78 8.27
C TYR C 130 -21.67 3.99 7.40
N HIS C 131 -21.66 5.07 6.62
CA HIS C 131 -22.65 5.30 5.57
C HIS C 131 -21.93 5.59 4.25
N TRP C 132 -21.16 4.61 3.78
CA TRP C 132 -20.79 4.44 2.39
C TRP C 132 -19.58 5.25 1.97
N ASP C 133 -18.90 5.90 2.92
CA ASP C 133 -17.91 6.93 2.62
C ASP C 133 -16.51 6.54 3.07
N VAL C 134 -16.09 5.31 2.74
CA VAL C 134 -14.74 4.88 3.11
C VAL C 134 -13.73 5.87 2.52
N PRO C 135 -12.65 6.21 3.23
CA PRO C 135 -11.66 7.14 2.66
C PRO C 135 -11.06 6.63 1.36
N GLN C 136 -10.93 7.55 0.40
CA GLN C 136 -10.34 7.20 -0.89
C GLN C 136 -8.95 6.58 -0.73
N ALA C 137 -8.20 7.00 0.30
CA ALA C 137 -6.87 6.46 0.50
C ALA C 137 -6.87 4.95 0.69
N LEU C 138 -7.91 4.39 1.32
CA LEU C 138 -7.97 2.95 1.50
C LEU C 138 -8.34 2.23 0.22
N MET C 139 -9.19 2.85 -0.60
CA MET C 139 -9.44 2.30 -1.92
CA MET C 139 -9.45 2.30 -1.92
C MET C 139 -8.18 2.28 -2.75
N ASP C 140 -7.40 3.37 -2.70
CA ASP C 140 -6.15 3.43 -3.44
C ASP C 140 -5.14 2.41 -2.92
N ALA C 141 -5.05 2.27 -1.59
CA ALA C 141 -3.99 1.45 -1.01
C ALA C 141 -4.24 -0.03 -1.23
N TYR C 142 -5.49 -0.48 -1.06
CA TYR C 142 -5.75 -1.91 -1.11
C TYR C 142 -7.14 -2.28 -1.61
N GLY C 143 -7.90 -1.37 -2.22
CA GLY C 143 -9.21 -1.72 -2.73
C GLY C 143 -10.31 -1.73 -1.69
N ALA C 144 -10.09 -1.08 -0.55
CA ALA C 144 -11.12 -0.88 0.47
C ALA C 144 -11.80 -2.20 0.84
N TRP C 145 -13.11 -2.31 0.59
CA TRP C 145 -13.89 -3.45 1.07
C TRP C 145 -13.52 -4.77 0.40
N GLU C 146 -12.70 -4.76 -0.67
CA GLU C 146 -12.26 -6.02 -1.24
C GLU C 146 -11.03 -6.61 -0.55
N SER C 147 -10.48 -5.93 0.45
CA SER C 147 -9.31 -6.43 1.16
C SER C 147 -9.64 -6.68 2.62
N ARG C 148 -9.15 -7.81 3.14
CA ARG C 148 -9.26 -8.08 4.57
C ARG C 148 -8.54 -7.03 5.41
N ARG C 149 -7.65 -6.24 4.82
CA ARG C 149 -7.01 -5.17 5.58
C ARG C 149 -8.02 -4.18 6.15
N ILE C 150 -9.17 -4.03 5.51
CA ILE C 150 -10.16 -3.08 5.99
C ILE C 150 -10.76 -3.50 7.33
N ILE C 151 -10.70 -4.80 7.68
CA ILE C 151 -11.30 -5.24 8.93
C ILE C 151 -10.63 -4.55 10.11
N ASP C 152 -9.29 -4.61 10.18
CA ASP C 152 -8.60 -3.96 11.27
C ASP C 152 -8.62 -2.44 11.15
N ASP C 153 -8.60 -1.90 9.93
CA ASP C 153 -8.66 -0.44 9.80
C ASP C 153 -10.02 0.09 10.24
N PHE C 154 -11.11 -0.58 9.84
CA PHE C 154 -12.43 -0.19 10.30
C PHE C 154 -12.55 -0.34 11.82
N ASP C 155 -12.01 -1.44 12.36
CA ASP C 155 -12.05 -1.65 13.81
C ASP C 155 -11.31 -0.54 14.54
N ARG C 156 -10.15 -0.13 14.05
CA ARG C 156 -9.41 0.91 14.76
C ARG C 156 -10.18 2.23 14.72
N TYR C 157 -10.85 2.52 13.60
CA TYR C 157 -11.71 3.68 13.50
C TYR C 157 -12.88 3.60 14.48
N ALA C 158 -13.57 2.46 14.50
CA ALA C 158 -14.69 2.30 15.41
C ALA C 158 -14.26 2.43 16.87
N VAL C 159 -13.16 1.77 17.23
CA VAL C 159 -12.67 1.85 18.61
C VAL C 159 -12.37 3.29 19.01
N THR C 160 -11.79 4.07 18.09
CA THR C 160 -11.56 5.48 18.36
C THR C 160 -12.85 6.18 18.75
N LEU C 161 -13.92 5.94 17.97
CA LEU C 161 -15.21 6.55 18.29
C LEU C 161 -15.78 6.03 19.60
N PHE C 162 -15.69 4.72 19.83
CA PHE C 162 -16.18 4.16 21.09
C PHE C 162 -15.48 4.79 22.29
N GLN C 163 -14.17 4.97 22.18
CA GLN C 163 -13.41 5.54 23.29
C GLN C 163 -13.78 7.00 23.52
N ARG C 164 -14.00 7.76 22.46
CA ARG C 164 -14.25 9.18 22.61
CA ARG C 164 -14.26 9.19 22.59
C ARG C 164 -15.69 9.45 23.05
N PHE C 165 -16.65 8.65 22.56
CA PHE C 165 -18.06 8.98 22.70
C PHE C 165 -18.88 7.95 23.46
N GLY C 166 -18.31 6.81 23.81
CA GLY C 166 -19.10 5.77 24.46
C GLY C 166 -19.69 6.21 25.79
N ASP C 167 -19.03 7.16 26.47
CA ASP C 167 -19.56 7.68 27.72
C ASP C 167 -20.85 8.44 27.53
N ARG C 168 -21.13 8.89 26.30
CA ARG C 168 -22.26 9.75 26.01
C ARG C 168 -23.22 9.20 24.96
N VAL C 169 -22.88 8.10 24.30
CA VAL C 169 -23.70 7.53 23.24
C VAL C 169 -23.99 6.10 23.62
N LYS C 170 -25.27 5.79 23.84
CA LYS C 170 -25.70 4.44 24.17
C LYS C 170 -25.97 3.61 22.93
N TYR C 171 -26.58 4.20 21.91
CA TYR C 171 -27.07 3.49 20.73
C TYR C 171 -26.16 3.72 19.53
N TRP C 172 -25.68 2.61 18.94
CA TRP C 172 -24.74 2.64 17.84
C TRP C 172 -25.21 1.73 16.72
N VAL C 173 -25.07 2.19 15.48
CA VAL C 173 -25.29 1.37 14.30
C VAL C 173 -23.94 1.20 13.63
N THR C 174 -23.64 -0.02 13.19
CA THR C 174 -22.35 -0.29 12.56
C THR C 174 -22.37 0.07 11.08
N LEU C 175 -22.64 -0.92 10.23
CA LEU C 175 -22.76 -0.71 8.80
C LEU C 175 -24.21 -0.40 8.50
N ASN C 176 -24.44 0.69 7.82
CA ASN C 176 -25.80 1.07 7.45
C ASN C 176 -26.03 0.67 6.02
N GLN C 177 -26.98 -0.24 5.84
CA GLN C 177 -27.37 -0.75 4.52
C GLN C 177 -26.18 -1.34 3.72
N GLN C 178 -25.51 -2.27 4.36
CA GLN C 178 -24.43 -3.00 3.72
C GLN C 178 -24.91 -3.65 2.42
N ASN C 179 -26.13 -4.16 2.39
CA ASN C 179 -26.64 -4.77 1.19
C ASN C 179 -26.74 -3.78 0.05
N ILE C 180 -26.97 -2.49 0.36
CA ILE C 180 -27.02 -1.46 -0.68
C ILE C 180 -25.63 -1.06 -1.12
N PHE C 181 -24.73 -0.69 -0.19
CA PHE C 181 -23.42 -0.22 -0.67
C PHE C 181 -22.64 -1.33 -1.36
N ILE C 182 -22.84 -2.57 -0.92
CA ILE C 182 -22.19 -3.69 -1.59
C ILE C 182 -22.82 -3.96 -2.96
N SER C 183 -24.15 -4.07 -3.04
CA SER C 183 -24.80 -4.38 -4.31
CA SER C 183 -24.77 -4.39 -4.31
CA SER C 183 -24.80 -4.38 -4.31
C SER C 183 -24.68 -3.22 -5.29
N PHE C 184 -24.91 -1.99 -4.82
CA PHE C 184 -24.82 -0.86 -5.75
C PHE C 184 -23.39 -0.59 -6.17
N GLY C 185 -22.42 -0.89 -5.29
CA GLY C 185 -21.02 -0.63 -5.60
C GLY C 185 -20.36 -1.71 -6.42
N TYR C 186 -20.81 -2.96 -6.30
CA TYR C 186 -20.12 -4.10 -6.89
C TYR C 186 -20.93 -4.95 -7.83
N ARG C 187 -22.26 -4.83 -7.83
CA ARG C 187 -23.10 -5.55 -8.78
CA ARG C 187 -23.08 -5.56 -8.79
C ARG C 187 -23.74 -4.64 -9.81
N LEU C 188 -24.34 -3.54 -9.37
CA LEU C 188 -25.01 -2.62 -10.28
C LEU C 188 -24.10 -1.54 -10.82
N GLY C 189 -22.95 -1.31 -10.18
CA GLY C 189 -22.04 -0.28 -10.63
C GLY C 189 -22.54 1.13 -10.51
N LEU C 190 -23.57 1.36 -9.69
CA LEU C 190 -24.17 2.69 -9.57
C LEU C 190 -23.43 3.56 -8.57
N HIS C 191 -22.79 2.95 -7.59
CA HIS C 191 -22.11 3.62 -6.49
C HIS C 191 -20.64 3.20 -6.49
N PRO C 192 -19.76 3.90 -5.75
CA PRO C 192 -18.35 3.50 -5.74
C PRO C 192 -18.21 2.06 -5.24
N PRO C 193 -17.29 1.28 -5.82
CA PRO C 193 -16.28 1.67 -6.81
C PRO C 193 -16.71 1.53 -8.27
N GLY C 194 -18.00 1.40 -8.55
CA GLY C 194 -18.44 1.35 -9.93
C GLY C 194 -18.17 0.03 -10.60
N VAL C 195 -18.35 -1.07 -9.88
CA VAL C 195 -18.05 -2.41 -10.36
C VAL C 195 -19.35 -3.17 -10.63
N LYS C 196 -19.31 -4.03 -11.67
CA LYS C 196 -20.44 -4.89 -12.04
C LYS C 196 -19.90 -6.32 -12.14
N ASP C 197 -19.78 -6.99 -10.99
CA ASP C 197 -19.08 -8.27 -10.95
C ASP C 197 -19.54 -8.99 -9.68
N MET C 198 -20.40 -9.98 -9.85
CA MET C 198 -20.99 -10.65 -8.69
C MET C 198 -19.96 -11.36 -7.83
N LYS C 199 -18.92 -11.91 -8.42
CA LYS C 199 -17.89 -12.58 -7.65
C LYS C 199 -17.24 -11.59 -6.66
N ARG C 200 -16.86 -10.42 -7.21
CA ARG C 200 -16.26 -9.39 -6.36
C ARG C 200 -17.27 -8.90 -5.33
N MET C 201 -18.54 -8.80 -5.71
CA MET C 201 -19.57 -8.36 -4.77
CA MET C 201 -19.57 -8.36 -4.77
C MET C 201 -19.63 -9.27 -3.55
N TYR C 202 -19.64 -10.59 -3.77
CA TYR C 202 -19.77 -11.49 -2.64
C TYR C 202 -18.50 -11.54 -1.80
N GLU C 203 -17.33 -11.32 -2.40
CA GLU C 203 -16.10 -11.25 -1.62
C GLU C 203 -16.09 -10.01 -0.73
N ALA C 204 -16.39 -8.84 -1.32
CA ALA C 204 -16.46 -7.62 -0.53
C ALA C 204 -17.53 -7.74 0.56
N ASN C 205 -18.64 -8.42 0.25
CA ASN C 205 -19.70 -8.56 1.23
C ASN C 205 -19.23 -9.38 2.43
N HIS C 206 -18.48 -10.45 2.17
CA HIS C 206 -17.98 -11.29 3.26
C HIS C 206 -17.01 -10.50 4.15
N ILE C 207 -16.14 -9.71 3.54
CA ILE C 207 -15.21 -8.88 4.31
C ILE C 207 -15.98 -7.87 5.16
N ALA C 208 -17.02 -7.25 4.59
CA ALA C 208 -17.86 -6.35 5.38
C ALA C 208 -18.52 -7.08 6.55
N ASN C 209 -18.97 -8.32 6.33
CA ASN C 209 -19.53 -9.12 7.43
C ASN C 209 -18.52 -9.28 8.55
N LEU C 210 -17.27 -9.58 8.20
CA LEU C 210 -16.23 -9.75 9.21
C LEU C 210 -15.94 -8.43 9.93
N ALA C 211 -15.92 -7.32 9.19
CA ALA C 211 -15.70 -6.02 9.81
C ALA C 211 -16.81 -5.69 10.80
N ASN C 212 -18.06 -5.97 10.44
CA ASN C 212 -19.18 -5.75 11.35
C ASN C 212 -18.99 -6.55 12.63
N ALA C 213 -18.67 -7.83 12.49
CA ALA C 213 -18.53 -8.68 13.67
C ALA C 213 -17.36 -8.22 14.54
N LYS C 214 -16.24 -7.85 13.91
CA LYS C 214 -15.09 -7.40 14.68
C LYS C 214 -15.42 -6.17 15.52
N VAL C 215 -16.16 -5.22 14.96
CA VAL C 215 -16.43 -4.00 15.72
CA VAL C 215 -16.47 -3.99 15.67
C VAL C 215 -17.44 -4.25 16.81
N ILE C 216 -18.41 -5.15 16.61
CA ILE C 216 -19.32 -5.50 17.69
C ILE C 216 -18.55 -6.14 18.84
N GLN C 217 -17.58 -7.00 18.53
CA GLN C 217 -16.76 -7.58 19.59
C GLN C 217 -16.00 -6.49 20.35
N SER C 218 -15.42 -5.53 19.64
CA SER C 218 -14.72 -4.44 20.31
C SER C 218 -15.68 -3.63 21.17
N PHE C 219 -16.89 -3.39 20.68
CA PHE C 219 -17.87 -2.61 21.42
C PHE C 219 -18.18 -3.21 22.78
N ARG C 220 -18.20 -4.54 22.87
CA ARG C 220 -18.52 -5.17 24.15
C ARG C 220 -17.51 -4.81 25.22
N HIS C 221 -16.29 -4.60 24.81
CA HIS C 221 -15.32 -4.08 25.79
CA HIS C 221 -15.26 -4.14 25.74
C HIS C 221 -15.33 -2.53 26.16
N TYR C 222 -15.52 -1.75 25.08
CA TYR C 222 -15.38 -0.30 25.25
C TYR C 222 -16.67 0.39 25.68
N VAL C 223 -17.83 -0.17 25.34
CA VAL C 223 -19.11 0.43 25.69
C VAL C 223 -19.96 -0.65 26.34
N PRO C 224 -19.62 -1.09 27.55
CA PRO C 224 -20.27 -2.28 28.12
C PRO C 224 -21.76 -2.12 28.34
N ASP C 225 -22.27 -0.90 28.50
CA ASP C 225 -23.68 -0.65 28.71
C ASP C 225 -24.39 -0.20 27.44
N GLY C 226 -23.69 -0.18 26.31
CA GLY C 226 -24.29 0.31 25.09
C GLY C 226 -25.08 -0.76 24.34
N LYS C 227 -25.75 -0.31 23.28
CA LYS C 227 -26.52 -1.19 22.41
C LYS C 227 -26.07 -0.94 20.98
N ILE C 228 -25.77 -2.02 20.25
CA ILE C 228 -25.20 -1.91 18.92
C ILE C 228 -25.87 -2.91 17.99
N GLY C 229 -25.95 -2.53 16.73
CA GLY C 229 -26.38 -3.45 15.71
C GLY C 229 -26.11 -2.90 14.33
N PRO C 230 -26.11 -3.78 13.34
CA PRO C 230 -26.08 -3.33 11.95
C PRO C 230 -27.46 -2.86 11.55
N SER C 231 -27.55 -2.16 10.42
CA SER C 231 -28.86 -1.78 9.88
C SER C 231 -28.99 -2.31 8.46
N PHE C 232 -30.09 -2.99 8.20
CA PHE C 232 -30.31 -3.70 6.95
C PHE C 232 -31.41 -3.01 6.15
N ALA C 233 -31.16 -2.80 4.87
CA ALA C 233 -32.19 -2.25 3.97
C ALA C 233 -33.12 -3.38 3.58
N TYR C 234 -34.26 -3.44 4.25
CA TYR C 234 -35.12 -4.63 4.21
C TYR C 234 -36.32 -4.37 3.30
N SER C 235 -36.37 -5.09 2.18
CA SER C 235 -37.59 -5.18 1.38
C SER C 235 -38.15 -6.59 1.58
N PRO C 236 -39.14 -6.76 2.47
CA PRO C 236 -39.70 -8.11 2.67
C PRO C 236 -40.31 -8.61 1.36
N MET C 237 -40.08 -9.89 1.08
CA MET C 237 -40.60 -10.50 -0.14
C MET C 237 -42.00 -11.08 0.10
N TYR C 238 -42.84 -11.01 -0.94
CA TYR C 238 -44.15 -11.64 -0.99
C TYR C 238 -44.19 -12.58 -2.18
N PRO C 239 -44.86 -13.72 -2.08
CA PRO C 239 -45.22 -14.46 -3.30
C PRO C 239 -46.37 -13.77 -3.99
N TYR C 240 -46.39 -13.87 -5.32
CA TYR C 240 -47.46 -13.25 -6.09
C TYR C 240 -48.82 -13.86 -5.73
N ASP C 241 -48.89 -15.17 -5.58
CA ASP C 241 -50.13 -15.86 -5.23
C ASP C 241 -49.78 -17.21 -4.64
N SER C 242 -50.81 -18.04 -4.46
CA SER C 242 -50.66 -19.34 -3.81
C SER C 242 -50.29 -20.46 -4.76
N ARG C 243 -49.88 -20.13 -5.99
CA ARG C 243 -49.33 -21.16 -6.84
C ARG C 243 -48.07 -21.71 -6.19
N PRO C 244 -47.92 -23.02 -6.03
CA PRO C 244 -46.73 -23.52 -5.33
C PRO C 244 -45.42 -22.99 -5.88
N GLU C 245 -45.29 -22.89 -7.20
CA GLU C 245 -44.05 -22.40 -7.79
CA GLU C 245 -44.03 -22.40 -7.77
C GLU C 245 -43.79 -20.94 -7.42
N ASN C 246 -44.84 -20.16 -7.18
CA ASN C 246 -44.65 -18.78 -6.77
C ASN C 246 -44.28 -18.69 -5.30
N VAL C 247 -44.84 -19.57 -4.47
CA VAL C 247 -44.41 -19.61 -3.07
C VAL C 247 -42.96 -20.05 -2.98
N LEU C 248 -42.55 -21.02 -3.83
CA LEU C 248 -41.15 -21.43 -3.84
C LEU C 248 -40.25 -20.29 -4.28
N ALA C 249 -40.68 -19.50 -5.28
CA ALA C 249 -39.91 -18.32 -5.66
C ALA C 249 -39.74 -17.36 -4.49
N PHE C 250 -40.80 -17.19 -3.69
CA PHE C 250 -40.70 -16.37 -2.49
C PHE C 250 -39.69 -16.95 -1.50
N GLU C 251 -39.69 -18.27 -1.29
CA GLU C 251 -38.70 -18.87 -0.41
C GLU C 251 -37.30 -18.53 -0.88
N ASN C 252 -37.07 -18.68 -2.18
CA ASN C 252 -35.75 -18.38 -2.74
C ASN C 252 -35.41 -16.91 -2.56
N ALA C 253 -36.37 -16.03 -2.85
CA ALA C 253 -36.10 -14.59 -2.83
C ALA C 253 -35.86 -14.09 -1.42
N GLU C 254 -36.69 -14.49 -0.46
CA GLU C 254 -36.49 -14.01 0.90
C GLU C 254 -35.14 -14.47 1.43
N GLU C 255 -34.74 -15.71 1.10
CA GLU C 255 -33.46 -16.19 1.56
C GLU C 255 -32.31 -15.48 0.85
N PHE C 256 -32.42 -15.32 -0.47
CA PHE C 256 -31.31 -14.78 -1.25
CA PHE C 256 -31.32 -14.77 -1.26
C PHE C 256 -31.13 -13.28 -1.01
N GLN C 257 -32.23 -12.54 -0.86
CA GLN C 257 -32.17 -11.10 -0.74
C GLN C 257 -32.08 -10.63 0.70
N ASN C 258 -32.63 -11.39 1.65
CA ASN C 258 -32.79 -10.91 3.01
C ASN C 258 -32.05 -11.78 4.02
N HIS C 259 -32.31 -13.09 4.07
CA HIS C 259 -31.61 -13.93 5.03
C HIS C 259 -30.11 -13.94 4.77
N TRP C 260 -29.70 -13.76 3.51
CA TRP C 260 -28.28 -13.74 3.16
C TRP C 260 -27.51 -12.77 4.04
N TRP C 261 -28.12 -11.61 4.35
CA TRP C 261 -27.52 -10.63 5.26
C TRP C 261 -27.94 -10.86 6.71
N MET C 262 -29.25 -10.95 6.98
CA MET C 262 -29.69 -10.92 8.36
C MET C 262 -29.32 -12.19 9.12
N ASP C 263 -29.26 -13.36 8.45
CA ASP C 263 -28.81 -14.55 9.17
C ASP C 263 -27.35 -14.42 9.58
N VAL C 264 -26.53 -13.76 8.76
CA VAL C 264 -25.15 -13.55 9.18
C VAL C 264 -25.10 -12.64 10.39
N TYR C 265 -25.87 -11.55 10.36
CA TYR C 265 -25.87 -10.63 11.49
C TYR C 265 -26.36 -11.29 12.77
N ALA C 266 -27.41 -12.11 12.68
CA ALA C 266 -28.03 -12.66 13.87
C ALA C 266 -27.40 -13.97 14.35
N TRP C 267 -27.00 -14.81 13.39
CA TRP C 267 -26.56 -16.17 13.68
C TRP C 267 -25.15 -16.45 13.22
N GLY C 268 -24.54 -15.57 12.45
CA GLY C 268 -23.21 -15.82 11.94
C GLY C 268 -23.11 -16.87 10.87
N MET C 269 -24.20 -17.16 10.16
CA MET C 269 -24.20 -18.24 9.17
CA MET C 269 -24.16 -18.21 9.15
C MET C 269 -24.96 -17.80 7.93
N TYR C 270 -24.42 -18.12 6.77
CA TYR C 270 -25.15 -17.90 5.53
C TYR C 270 -26.16 -19.02 5.35
N PRO C 271 -27.30 -18.72 4.73
CA PRO C 271 -28.29 -19.78 4.48
C PRO C 271 -27.79 -20.74 3.40
N GLN C 272 -28.14 -22.02 3.57
CA GLN C 272 -27.47 -23.07 2.79
C GLN C 272 -27.94 -23.12 1.34
N ALA C 273 -29.23 -23.00 1.05
CA ALA C 273 -29.67 -23.09 -0.34
C ALA C 273 -29.04 -21.98 -1.18
N ALA C 274 -29.02 -20.75 -0.65
CA ALA C 274 -28.38 -19.65 -1.35
C ALA C 274 -26.89 -19.90 -1.51
N TRP C 275 -26.23 -20.36 -0.44
CA TRP C 275 -24.80 -20.67 -0.51
C TRP C 275 -24.52 -21.69 -1.61
N ASN C 276 -25.31 -22.76 -1.65
CA ASN C 276 -25.08 -23.82 -2.63
C ASN C 276 -25.33 -23.31 -4.05
N TYR C 277 -26.33 -22.45 -4.23
CA TYR C 277 -26.52 -21.85 -5.55
C TYR C 277 -25.31 -21.04 -5.97
N LEU C 278 -24.82 -20.17 -5.07
CA LEU C 278 -23.66 -19.36 -5.41
C LEU C 278 -22.44 -20.24 -5.68
N GLU C 279 -22.26 -21.29 -4.89
CA GLU C 279 -21.14 -22.19 -5.12
C GLU C 279 -21.21 -22.84 -6.50
N SER C 280 -22.42 -23.18 -6.95
CA SER C 280 -22.59 -23.78 -8.27
C SER C 280 -22.26 -22.80 -9.39
N GLN C 281 -22.31 -21.49 -9.11
CA GLN C 281 -21.95 -20.47 -10.07
C GLN C 281 -20.52 -19.97 -9.90
N GLY C 282 -19.77 -20.52 -8.95
CA GLY C 282 -18.44 -20.02 -8.66
C GLY C 282 -18.42 -18.66 -8.01
N LEU C 283 -19.47 -18.33 -7.25
CA LEU C 283 -19.63 -16.99 -6.69
C LEU C 283 -19.53 -16.93 -5.18
N GLU C 284 -19.42 -18.07 -4.49
CA GLU C 284 -19.39 -18.02 -3.05
C GLU C 284 -18.09 -17.37 -2.57
N PRO C 285 -18.12 -16.66 -1.44
CA PRO C 285 -16.92 -15.96 -1.00
C PRO C 285 -15.86 -16.91 -0.47
N THR C 286 -14.63 -16.40 -0.43
CA THR C 286 -13.50 -17.12 0.14
C THR C 286 -13.56 -17.04 1.66
N VAL C 287 -13.48 -18.20 2.31
CA VAL C 287 -13.60 -18.29 3.75
C VAL C 287 -12.24 -18.67 4.32
N ALA C 288 -11.82 -17.94 5.33
CA ALA C 288 -10.55 -18.16 6.00
C ALA C 288 -10.79 -18.80 7.35
N PRO C 289 -9.81 -19.52 7.89
CA PRO C 289 -9.93 -20.04 9.26
C PRO C 289 -10.22 -18.92 10.23
N GLY C 290 -11.15 -19.18 11.14
CA GLY C 290 -11.57 -18.19 12.11
C GLY C 290 -12.76 -17.34 11.69
N ASP C 291 -13.12 -17.35 10.40
CA ASP C 291 -14.23 -16.51 9.94
C ASP C 291 -15.54 -16.88 10.64
N TRP C 292 -15.89 -18.17 10.63
CA TRP C 292 -17.17 -18.57 11.21
C TRP C 292 -17.20 -18.29 12.71
N GLU C 293 -16.09 -18.54 13.39
CA GLU C 293 -16.04 -18.27 14.82
CA GLU C 293 -16.04 -18.27 14.82
C GLU C 293 -16.27 -16.80 15.11
N LEU C 294 -15.67 -15.92 14.32
CA LEU C 294 -15.87 -14.48 14.54
C LEU C 294 -17.31 -14.09 14.24
N LEU C 295 -17.86 -14.54 13.11
CA LEU C 295 -19.21 -14.13 12.74
C LEU C 295 -20.24 -14.62 13.76
N GLN C 296 -20.02 -15.80 14.33
CA GLN C 296 -20.99 -16.35 15.27
C GLN C 296 -20.89 -15.72 16.65
N ALA C 297 -19.73 -15.15 17.00
CA ALA C 297 -19.48 -14.62 18.34
C ALA C 297 -19.65 -13.11 18.40
N ALA C 298 -20.53 -12.54 17.59
CA ALA C 298 -20.72 -11.09 17.54
C ALA C 298 -22.22 -10.76 17.48
N LYS C 299 -22.95 -11.24 18.48
CA LYS C 299 -24.39 -11.05 18.49
CA LYS C 299 -24.40 -11.04 18.50
C LYS C 299 -24.72 -9.57 18.70
N PRO C 300 -25.62 -8.99 17.92
CA PRO C 300 -26.02 -7.60 18.12
C PRO C 300 -27.13 -7.49 19.15
N ASP C 301 -27.31 -6.27 19.66
CA ASP C 301 -28.42 -6.02 20.58
C ASP C 301 -29.74 -5.81 19.85
N PHE C 302 -29.69 -5.38 18.60
CA PHE C 302 -30.91 -5.14 17.85
C PHE C 302 -30.57 -5.28 16.38
N MET C 303 -31.61 -5.42 15.57
CA MET C 303 -31.49 -5.32 14.12
C MET C 303 -31.98 -3.94 13.72
N GLY C 304 -31.12 -3.17 13.04
CA GLY C 304 -31.57 -1.93 12.44
C GLY C 304 -32.30 -2.25 11.15
N VAL C 305 -33.36 -1.51 10.87
CA VAL C 305 -34.17 -1.72 9.67
C VAL C 305 -34.37 -0.39 8.94
N ASN C 306 -33.90 -0.32 7.70
CA ASN C 306 -34.23 0.76 6.79
C ASN C 306 -35.33 0.23 5.88
N TYR C 307 -36.50 0.86 5.91
CA TYR C 307 -37.66 0.30 5.21
C TYR C 307 -38.30 1.33 4.29
N TYR C 308 -38.53 0.94 3.07
CA TYR C 308 -39.33 1.71 2.12
C TYR C 308 -40.45 0.92 1.47
N GLN C 309 -40.23 -0.35 1.12
CA GLN C 309 -41.27 -1.07 0.38
C GLN C 309 -40.97 -2.55 0.39
N THR C 310 -42.02 -3.33 0.14
CA THR C 310 -41.93 -4.76 -0.09
C THR C 310 -41.69 -5.02 -1.58
N THR C 311 -41.40 -6.28 -1.89
CA THR C 311 -41.18 -6.74 -3.25
C THR C 311 -41.96 -8.03 -3.43
N THR C 312 -42.68 -8.14 -4.54
CA THR C 312 -43.44 -9.34 -4.86
C THR C 312 -42.70 -10.11 -5.95
N VAL C 313 -42.68 -11.44 -5.83
CA VAL C 313 -41.94 -12.28 -6.75
C VAL C 313 -42.80 -13.42 -7.29
N GLU C 314 -42.37 -13.97 -8.42
CA GLU C 314 -43.01 -15.12 -9.01
C GLU C 314 -41.95 -16.03 -9.60
N HIS C 315 -42.39 -17.21 -10.03
CA HIS C 315 -41.52 -18.22 -10.61
CA HIS C 315 -41.47 -18.19 -10.56
C HIS C 315 -40.77 -17.66 -11.82
N ASN C 316 -39.52 -18.07 -11.99
CA ASN C 316 -38.68 -17.60 -13.08
C ASN C 316 -37.95 -18.80 -13.67
N PRO C 317 -38.34 -19.24 -14.86
CA PRO C 317 -37.72 -20.44 -15.45
C PRO C 317 -36.23 -20.23 -15.66
N PRO C 318 -35.46 -21.33 -15.78
CA PRO C 318 -34.00 -21.18 -15.90
C PRO C 318 -33.55 -20.39 -17.11
N ASP C 319 -34.42 -20.12 -18.08
CA ASP C 319 -34.11 -19.30 -19.23
C ASP C 319 -34.78 -17.92 -19.15
N GLY C 320 -35.05 -17.45 -17.94
CA GLY C 320 -35.88 -16.30 -17.71
C GLY C 320 -35.12 -15.02 -17.41
N VAL C 321 -35.76 -14.15 -16.61
CA VAL C 321 -35.24 -12.83 -16.34
C VAL C 321 -33.98 -12.91 -15.48
N GLY C 322 -32.98 -12.10 -15.83
CA GLY C 322 -31.76 -12.02 -15.06
C GLY C 322 -31.40 -10.60 -14.65
N THR C 336 -38.63 -2.47 -14.68
CA THR C 336 -39.04 -3.77 -15.19
C THR C 336 -38.60 -4.88 -14.24
N SER C 337 -38.87 -6.13 -14.62
CA SER C 337 -38.61 -7.25 -13.74
C SER C 337 -37.11 -7.51 -13.64
N SER C 338 -36.67 -7.89 -12.45
CA SER C 338 -35.32 -8.39 -12.22
C SER C 338 -35.42 -9.70 -11.47
N GLY C 339 -34.35 -10.49 -11.49
CA GLY C 339 -34.37 -11.73 -10.76
C GLY C 339 -33.17 -12.60 -11.11
N ILE C 340 -33.27 -13.84 -10.69
CA ILE C 340 -32.24 -14.85 -10.91
C ILE C 340 -32.91 -16.01 -11.62
N PRO C 341 -32.46 -16.38 -12.82
CA PRO C 341 -33.09 -17.50 -13.53
C PRO C 341 -33.08 -18.77 -12.70
N GLY C 342 -34.23 -19.45 -12.66
CA GLY C 342 -34.39 -20.64 -11.88
C GLY C 342 -34.74 -20.40 -10.43
N LEU C 343 -34.69 -19.17 -9.95
CA LEU C 343 -34.98 -18.90 -8.54
C LEU C 343 -36.21 -18.02 -8.36
N PHE C 344 -36.23 -16.83 -8.97
CA PHE C 344 -37.36 -15.92 -8.79
C PHE C 344 -37.18 -14.75 -9.75
N LYS C 345 -38.27 -14.02 -9.97
CA LYS C 345 -38.21 -12.72 -10.60
C LYS C 345 -39.25 -11.82 -9.95
N THR C 346 -38.97 -10.52 -9.96
CA THR C 346 -39.93 -9.59 -9.38
C THR C 346 -41.11 -9.37 -10.32
N VAL C 347 -42.22 -8.95 -9.73
CA VAL C 347 -43.44 -8.66 -10.47
C VAL C 347 -44.17 -7.56 -9.73
N ARG C 348 -44.82 -6.67 -10.49
CA ARG C 348 -45.59 -5.59 -9.87
C ARG C 348 -46.67 -6.17 -8.98
N ASN C 349 -46.80 -5.62 -7.78
CA ASN C 349 -47.83 -6.06 -6.85
C ASN C 349 -49.07 -5.21 -7.10
N PRO C 350 -50.17 -5.78 -7.61
CA PRO C 350 -51.35 -4.95 -7.89
C PRO C 350 -52.08 -4.50 -6.64
N HIS C 351 -51.67 -4.93 -5.46
CA HIS C 351 -52.41 -4.69 -4.22
C HIS C 351 -51.76 -3.66 -3.31
N VAL C 352 -50.80 -2.88 -3.80
CA VAL C 352 -50.21 -1.81 -2.99
C VAL C 352 -50.27 -0.48 -3.73
N ASP C 353 -50.32 0.60 -2.96
CA ASP C 353 -50.24 1.96 -3.48
C ASP C 353 -48.82 2.22 -3.99
N THR C 354 -48.65 3.35 -4.70
CA THR C 354 -47.32 3.71 -5.18
C THR C 354 -47.04 5.19 -4.94
N THR C 355 -45.75 5.52 -4.80
CA THR C 355 -45.33 6.92 -4.82
C THR C 355 -45.37 7.44 -6.26
N ASN C 356 -45.10 8.74 -6.40
CA ASN C 356 -45.00 9.33 -7.73
C ASN C 356 -43.73 8.93 -8.47
N TRP C 357 -42.86 8.13 -7.84
CA TRP C 357 -41.72 7.52 -8.51
C TRP C 357 -41.90 6.02 -8.70
N ASP C 358 -43.12 5.52 -8.53
CA ASP C 358 -43.47 4.11 -8.70
C ASP C 358 -42.86 3.19 -7.65
N TRP C 359 -42.34 3.73 -6.54
CA TRP C 359 -42.05 2.90 -5.39
C TRP C 359 -43.35 2.45 -4.76
N ALA C 360 -43.36 1.24 -4.23
CA ALA C 360 -44.54 0.83 -3.50
C ALA C 360 -44.66 1.63 -2.21
N ILE C 361 -45.89 1.90 -1.82
CA ILE C 361 -46.23 2.37 -0.47
C ILE C 361 -46.96 1.22 0.19
N ASP C 362 -46.34 0.59 1.17
CA ASP C 362 -46.87 -0.62 1.78
C ASP C 362 -46.59 -0.57 3.27
N PRO C 363 -47.40 0.17 4.04
CA PRO C 363 -47.13 0.24 5.49
C PRO C 363 -47.34 -1.09 6.19
N VAL C 364 -48.31 -1.91 5.76
CA VAL C 364 -48.46 -3.23 6.38
C VAL C 364 -47.21 -4.06 6.17
N GLY C 365 -46.53 -3.87 5.04
CA GLY C 365 -45.26 -4.54 4.81
C GLY C 365 -44.20 -4.25 5.85
N LEU C 366 -44.23 -3.05 6.46
CA LEU C 366 -43.34 -2.78 7.57
C LEU C 366 -43.70 -3.66 8.79
N ARG C 367 -44.99 -3.76 9.11
CA ARG C 367 -45.39 -4.67 10.18
C ARG C 367 -44.95 -6.09 9.88
N ILE C 368 -45.09 -6.53 8.63
CA ILE C 368 -44.67 -7.87 8.24
C ILE C 368 -43.18 -8.06 8.44
N GLY C 369 -42.37 -7.08 8.00
CA GLY C 369 -40.94 -7.21 8.17
C GLY C 369 -40.54 -7.24 9.64
N LEU C 370 -41.17 -6.39 10.46
CA LEU C 370 -40.89 -6.40 11.89
C LEU C 370 -41.24 -7.75 12.50
N ARG C 371 -42.42 -8.28 12.13
CA ARG C 371 -42.83 -9.58 12.63
C ARG C 371 -41.84 -10.67 12.21
N ARG C 372 -41.35 -10.60 10.97
CA ARG C 372 -40.44 -11.64 10.48
C ARG C 372 -39.13 -11.62 11.24
N ILE C 373 -38.61 -10.44 11.56
CA ILE C 373 -37.37 -10.35 12.29
C ILE C 373 -37.54 -10.87 13.72
N ALA C 374 -38.62 -10.50 14.38
CA ALA C 374 -38.87 -11.05 15.71
C ALA C 374 -39.05 -12.56 15.66
N ASN C 375 -39.81 -13.04 14.68
CA ASN C 375 -40.12 -14.46 14.60
C ASN C 375 -38.87 -15.29 14.31
N ARG C 376 -37.96 -14.78 13.47
CA ARG C 376 -36.81 -15.57 13.08
C ARG C 376 -35.64 -15.42 14.05
N TYR C 377 -35.41 -14.21 14.57
CA TYR C 377 -34.20 -13.90 15.31
C TYR C 377 -34.45 -13.51 16.76
N GLN C 378 -35.70 -13.24 17.14
CA GLN C 378 -36.05 -12.78 18.49
C GLN C 378 -35.32 -11.50 18.87
N LEU C 379 -35.01 -10.67 17.89
CA LEU C 379 -34.25 -9.45 18.17
C LEU C 379 -35.16 -8.24 18.28
N PRO C 380 -34.85 -7.32 19.18
CA PRO C 380 -35.45 -5.99 19.11
C PRO C 380 -35.03 -5.32 17.80
N ILE C 381 -35.83 -4.34 17.40
CA ILE C 381 -35.61 -3.66 16.12
C ILE C 381 -35.56 -2.16 16.37
N LEU C 382 -34.57 -1.50 15.78
CA LEU C 382 -34.56 -0.05 15.68
C LEU C 382 -34.85 0.26 14.23
N ILE C 383 -35.96 0.95 13.96
CA ILE C 383 -36.23 1.39 12.60
C ILE C 383 -35.38 2.63 12.35
N THR C 384 -34.35 2.46 11.53
CA THR C 384 -33.33 3.49 11.36
C THR C 384 -33.64 4.45 10.24
N GLU C 385 -34.60 4.13 9.37
CA GLU C 385 -34.91 4.96 8.22
C GLU C 385 -36.25 4.54 7.65
N ASN C 386 -37.15 5.52 7.47
CA ASN C 386 -38.40 5.35 6.75
C ASN C 386 -38.90 6.75 6.45
N GLY C 387 -39.31 7.02 5.21
CA GLY C 387 -39.74 8.36 4.87
C GLY C 387 -40.22 8.43 3.44
N LEU C 388 -40.68 9.64 3.06
CA LEU C 388 -41.24 9.88 1.75
C LEU C 388 -40.49 11.02 1.08
N GLY C 389 -39.99 10.77 -0.14
CA GLY C 389 -39.34 11.80 -0.94
C GLY C 389 -40.30 12.35 -1.98
N GLU C 390 -40.37 13.67 -2.05
CA GLU C 390 -41.30 14.31 -2.96
CA GLU C 390 -41.30 14.31 -2.97
C GLU C 390 -40.78 15.70 -3.32
N PHE C 391 -41.26 16.21 -4.46
CA PHE C 391 -41.05 17.61 -4.78
C PHE C 391 -41.94 18.38 -3.82
N ASP C 392 -41.35 19.08 -2.87
CA ASP C 392 -42.10 19.96 -1.98
C ASP C 392 -42.01 21.36 -2.56
N THR C 393 -43.12 22.10 -2.48
CA THR C 393 -43.20 23.47 -2.96
C THR C 393 -43.08 24.45 -1.81
N LEU C 394 -42.20 25.44 -1.94
CA LEU C 394 -42.10 26.51 -0.97
C LEU C 394 -43.11 27.60 -1.35
N GLU C 395 -44.12 27.77 -0.54
CA GLU C 395 -45.16 28.74 -0.82
C GLU C 395 -44.83 30.07 -0.16
N PRO C 396 -45.42 31.16 -0.64
CA PRO C 396 -45.17 32.47 -0.02
C PRO C 396 -45.42 32.42 1.48
N GLY C 397 -44.62 33.20 2.22
CA GLY C 397 -44.67 33.15 3.66
C GLY C 397 -43.88 32.02 4.27
N ASP C 398 -43.01 31.36 3.50
CA ASP C 398 -42.21 30.24 3.99
C ASP C 398 -43.10 29.13 4.59
N ILE C 399 -44.02 28.66 3.77
CA ILE C 399 -44.96 27.61 4.13
C ILE C 399 -44.71 26.43 3.20
N VAL C 400 -44.59 25.23 3.76
CA VAL C 400 -44.47 24.01 2.97
C VAL C 400 -45.55 23.06 3.47
N ASN C 401 -46.56 22.81 2.63
CA ASN C 401 -47.68 21.94 2.97
C ASN C 401 -47.43 20.56 2.42
N ASP C 402 -46.98 19.65 3.29
CA ASP C 402 -46.69 18.29 2.87
C ASP C 402 -47.61 17.26 3.52
N ASP C 403 -48.93 17.40 3.32
CA ASP C 403 -49.86 16.44 3.88
C ASP C 403 -49.59 15.03 3.37
N TYR C 404 -49.07 14.89 2.15
CA TYR C 404 -48.72 13.57 1.63
C TYR C 404 -47.64 12.90 2.47
N ARG C 405 -46.71 13.67 3.01
CA ARG C 405 -45.69 13.09 3.87
C ARG C 405 -46.27 12.69 5.22
N ILE C 406 -47.15 13.52 5.78
CA ILE C 406 -47.87 13.16 6.99
C ILE C 406 -48.64 11.85 6.78
N ASP C 407 -49.35 11.73 5.66
CA ASP C 407 -50.14 10.52 5.42
C ASP C 407 -49.23 9.29 5.39
N TYR C 408 -48.10 9.38 4.69
CA TYR C 408 -47.18 8.25 4.60
C TYR C 408 -46.62 7.89 5.97
N LEU C 409 -46.12 8.88 6.70
CA LEU C 409 -45.53 8.59 8.01
C LEU C 409 -46.57 8.08 8.99
N ARG C 410 -47.75 8.70 9.03
CA ARG C 410 -48.81 8.26 9.93
C ARG C 410 -49.12 6.79 9.73
N ARG C 411 -49.26 6.37 8.47
CA ARG C 411 -49.65 4.99 8.19
C ARG C 411 -48.57 4.00 8.60
N HIS C 412 -47.30 4.38 8.44
CA HIS C 412 -46.22 3.51 8.91
C HIS C 412 -46.15 3.46 10.42
N VAL C 413 -46.29 4.61 11.09
CA VAL C 413 -46.26 4.61 12.55
C VAL C 413 -47.42 3.79 13.10
N GLN C 414 -48.59 3.86 12.46
CA GLN C 414 -49.74 3.07 12.88
CA GLN C 414 -49.72 3.07 12.91
C GLN C 414 -49.43 1.58 12.83
N GLU C 415 -48.74 1.14 11.77
CA GLU C 415 -48.40 -0.27 11.64
C GLU C 415 -47.33 -0.67 12.64
N ILE C 416 -46.40 0.23 12.99
CA ILE C 416 -45.46 -0.06 14.05
C ILE C 416 -46.19 -0.33 15.36
N GLN C 417 -47.20 0.49 15.65
CA GLN C 417 -47.96 0.27 16.89
C GLN C 417 -48.62 -1.10 16.88
N ARG C 418 -49.10 -1.53 15.71
CA ARG C 418 -49.69 -2.87 15.61
CA ARG C 418 -49.70 -2.86 15.63
C ARG C 418 -48.64 -3.96 15.80
N ALA C 419 -47.43 -3.74 15.29
CA ALA C 419 -46.35 -4.72 15.51
C ALA C 419 -45.97 -4.80 16.98
N ILE C 420 -45.91 -3.65 17.66
CA ILE C 420 -45.66 -3.64 19.10
C ILE C 420 -46.75 -4.42 19.82
N THR C 421 -48.01 -4.20 19.43
CA THR C 421 -49.12 -4.91 20.05
C THR C 421 -48.99 -6.41 19.83
N ASP C 422 -48.50 -6.81 18.65
CA ASP C 422 -48.28 -8.22 18.35
C ASP C 422 -47.20 -8.83 19.22
N GLY C 423 -46.29 -8.02 19.76
CA GLY C 423 -45.20 -8.52 20.58
C GLY C 423 -43.80 -8.20 20.08
N VAL C 424 -43.64 -7.45 18.99
CA VAL C 424 -42.31 -7.06 18.52
C VAL C 424 -41.76 -5.97 19.44
N ASP C 425 -40.49 -6.09 19.81
CA ASP C 425 -39.82 -5.08 20.62
C ASP C 425 -39.21 -4.06 19.67
N VAL C 426 -39.91 -2.96 19.45
CA VAL C 426 -39.42 -1.88 18.59
C VAL C 426 -38.84 -0.79 19.49
N LEU C 427 -37.55 -0.49 19.31
CA LEU C 427 -36.86 0.44 20.19
C LEU C 427 -37.10 1.89 19.81
N GLY C 428 -37.38 2.16 18.54
CA GLY C 428 -37.55 3.52 18.09
C GLY C 428 -37.79 3.54 16.60
N TYR C 429 -38.00 4.76 16.10
CA TYR C 429 -38.38 5.01 14.72
C TYR C 429 -37.70 6.29 14.29
N CYS C 430 -36.82 6.19 13.30
CA CYS C 430 -36.10 7.34 12.80
C CYS C 430 -36.66 7.70 11.42
N ALA C 431 -37.42 8.77 11.37
CA ALA C 431 -37.93 9.26 10.10
C ALA C 431 -36.78 9.75 9.23
N TRP C 432 -36.86 9.42 7.95
CA TRP C 432 -35.87 9.89 6.98
C TRP C 432 -36.53 11.00 6.17
N SER C 433 -36.10 12.26 6.33
CA SER C 433 -34.91 12.68 7.06
C SER C 433 -35.28 13.88 7.95
N PHE C 434 -34.34 14.37 8.76
CA PHE C 434 -34.67 15.53 9.57
C PHE C 434 -34.76 16.80 8.73
N THR C 435 -33.66 17.18 8.08
CA THR C 435 -33.70 18.23 7.06
C THR C 435 -33.60 17.60 5.69
N ASP C 436 -34.02 18.36 4.68
CA ASP C 436 -33.72 17.99 3.31
C ASP C 436 -32.23 17.76 3.16
N LEU C 437 -31.87 16.92 2.19
CA LEU C 437 -30.47 16.54 2.04
C LEU C 437 -30.15 16.29 0.57
N LEU C 438 -28.85 16.12 0.30
CA LEU C 438 -28.39 15.79 -1.04
C LEU C 438 -28.61 14.31 -1.31
N SER C 439 -29.21 13.97 -2.44
CA SER C 439 -29.28 12.59 -2.90
CA SER C 439 -29.26 12.57 -2.85
C SER C 439 -27.95 12.18 -3.51
N TRP C 440 -27.65 10.87 -3.45
CA TRP C 440 -26.37 10.38 -3.93
C TRP C 440 -26.12 10.71 -5.39
N LEU C 441 -27.12 10.53 -6.25
CA LEU C 441 -26.97 10.70 -7.68
C LEU C 441 -27.96 11.67 -8.30
N ASN C 442 -28.99 12.11 -7.58
CA ASN C 442 -30.12 12.79 -8.20
C ASN C 442 -30.33 14.22 -7.68
N GLY C 443 -29.31 14.83 -7.08
CA GLY C 443 -29.46 16.22 -6.66
C GLY C 443 -30.40 16.39 -5.47
N TYR C 444 -31.11 17.52 -5.44
CA TYR C 444 -31.83 17.94 -4.26
C TYR C 444 -33.34 17.99 -4.40
N GLN C 445 -33.89 17.87 -5.61
CA GLN C 445 -35.29 18.24 -5.79
C GLN C 445 -36.26 17.27 -5.13
N LYS C 446 -35.90 15.99 -5.01
CA LYS C 446 -36.75 15.03 -4.31
C LYS C 446 -36.40 15.10 -2.83
N ARG C 447 -37.25 15.78 -2.06
CA ARG C 447 -36.95 16.17 -0.69
C ARG C 447 -37.57 15.19 0.30
N TYR C 448 -36.84 14.94 1.39
CA TYR C 448 -37.27 13.99 2.42
C TYR C 448 -37.46 14.60 3.80
N GLY C 449 -37.13 15.87 4.01
CA GLY C 449 -37.05 16.37 5.37
C GLY C 449 -38.38 16.73 6.01
N PHE C 450 -38.35 16.77 7.35
CA PHE C 450 -39.33 17.56 8.07
C PHE C 450 -39.04 19.04 7.94
N VAL C 451 -37.79 19.39 7.66
CA VAL C 451 -37.33 20.76 7.58
C VAL C 451 -36.86 20.99 6.14
N TYR C 452 -37.52 21.91 5.45
CA TYR C 452 -37.12 22.28 4.10
C TYR C 452 -35.84 23.08 4.16
N VAL C 453 -34.90 22.80 3.24
CA VAL C 453 -33.70 23.62 3.11
C VAL C 453 -33.78 24.39 1.80
N ASN C 454 -33.69 25.71 1.89
CA ASN C 454 -33.79 26.59 0.72
C ASN C 454 -32.48 26.58 -0.05
N ARG C 455 -32.37 25.63 -0.97
CA ARG C 455 -31.32 25.55 -1.98
C ARG C 455 -31.86 24.67 -3.08
N ASP C 456 -31.17 24.64 -4.21
CA ASP C 456 -31.58 23.76 -5.30
C ASP C 456 -30.34 23.16 -5.96
N ASP C 457 -30.52 22.63 -7.17
CA ASP C 457 -29.41 21.99 -7.85
C ASP C 457 -28.41 23.01 -8.40
N GLU C 458 -28.82 24.26 -8.58
CA GLU C 458 -27.94 25.27 -9.17
C GLU C 458 -27.17 26.07 -8.15
N SER C 459 -27.70 26.28 -6.94
CA SER C 459 -26.97 27.08 -5.97
C SER C 459 -27.50 26.81 -4.57
N GLU C 460 -26.69 27.22 -3.60
CA GLU C 460 -27.04 27.02 -2.20
CA GLU C 460 -26.98 27.07 -2.19
C GLU C 460 -27.99 28.08 -1.68
N LYS C 461 -28.29 29.13 -2.45
CA LYS C 461 -29.20 30.21 -2.00
C LYS C 461 -28.73 30.64 -0.62
N ASP C 462 -29.60 30.74 0.36
CA ASP C 462 -29.21 31.10 1.72
C ASP C 462 -29.21 29.90 2.66
N LEU C 463 -29.51 28.70 2.15
CA LEU C 463 -29.54 27.47 2.95
C LEU C 463 -30.50 27.55 4.13
N ARG C 464 -31.50 28.43 4.08
CA ARG C 464 -32.31 28.60 5.27
C ARG C 464 -33.20 27.40 5.52
N ARG C 465 -33.47 27.15 6.79
CA ARG C 465 -34.28 26.03 7.24
C ARG C 465 -35.71 26.52 7.47
N ILE C 466 -36.68 25.78 6.93
CA ILE C 466 -38.08 26.15 6.99
C ILE C 466 -38.87 24.92 7.43
N LYS C 467 -39.60 25.03 8.54
CA LYS C 467 -40.36 23.89 9.05
C LYS C 467 -41.53 23.58 8.12
N LYS C 468 -41.64 22.32 7.70
CA LYS C 468 -42.78 21.88 6.91
C LYS C 468 -43.96 21.56 7.84
N LYS C 469 -45.15 21.42 7.25
CA LYS C 469 -46.31 21.02 8.04
C LYS C 469 -46.05 19.72 8.79
N SER C 470 -45.32 18.79 8.18
CA SER C 470 -45.03 17.51 8.83
C SER C 470 -44.20 17.68 10.09
N PHE C 471 -43.39 18.73 10.19
CA PHE C 471 -42.63 18.99 11.40
C PHE C 471 -43.57 19.11 12.59
N TYR C 472 -44.65 19.87 12.44
CA TYR C 472 -45.57 20.08 13.55
C TYR C 472 -46.39 18.84 13.81
N TRP C 473 -46.71 18.08 12.77
CA TRP C 473 -47.40 16.80 12.96
C TRP C 473 -46.56 15.87 13.84
N TYR C 474 -45.27 15.73 13.51
CA TYR C 474 -44.42 14.81 14.28
C TYR C 474 -44.18 15.33 15.68
N GLN C 475 -44.08 16.65 15.84
CA GLN C 475 -44.02 17.24 17.17
C GLN C 475 -45.18 16.78 18.03
N ARG C 476 -46.38 16.72 17.45
CA ARG C 476 -47.55 16.27 18.19
C ARG C 476 -47.52 14.77 18.45
N VAL C 477 -47.02 13.98 17.49
CA VAL C 477 -46.82 12.55 17.73
C VAL C 477 -45.95 12.35 18.96
N ILE C 478 -44.83 13.05 19.01
CA ILE C 478 -43.90 12.88 20.13
C ILE C 478 -44.53 13.33 21.43
N GLU C 479 -45.25 14.47 21.45
CA GLU C 479 -45.92 14.88 22.69
C GLU C 479 -46.84 13.87 23.28
N THR C 480 -47.51 13.11 22.45
CA THR C 480 -48.48 12.14 22.91
C THR C 480 -47.90 10.74 22.91
N ASN C 481 -46.59 10.61 22.73
CA ASN C 481 -45.93 9.31 22.64
C ASN C 481 -46.65 8.38 21.67
N GLY C 482 -47.08 8.94 20.55
CA GLY C 482 -47.70 8.16 19.50
C GLY C 482 -49.19 7.95 19.65
N ALA C 483 -49.82 8.52 20.68
CA ALA C 483 -51.25 8.32 20.85
C ALA C 483 -52.08 9.14 19.87
N GLU C 484 -51.54 10.27 19.41
CA GLU C 484 -52.25 11.14 18.48
C GLU C 484 -51.46 11.16 17.17
N LEU C 485 -51.94 10.38 16.20
CA LEU C 485 -51.31 10.26 14.89
C LEU C 485 -52.23 10.93 13.87
N ARG D 11 10.18 15.34 9.48
CA ARG D 11 10.46 14.67 10.73
C ARG D 11 10.01 13.21 10.71
N HIS D 12 10.97 12.33 10.73
CA HIS D 12 10.74 10.92 10.80
C HIS D 12 11.05 10.52 12.23
N LEU D 13 10.33 9.56 12.76
CA LEU D 13 10.62 9.12 14.12
C LEU D 13 11.97 8.40 14.16
N LYS D 14 12.69 8.64 15.24
CA LYS D 14 13.91 7.90 15.53
C LYS D 14 13.56 6.50 16.01
N PRO D 15 14.43 5.53 15.78
CA PRO D 15 14.23 4.20 16.36
C PRO D 15 14.49 4.22 17.85
N PHE D 16 14.00 3.20 18.53
CA PHE D 16 14.42 2.98 19.91
C PHE D 16 15.90 2.62 19.93
N PRO D 17 16.65 3.06 20.93
CA PRO D 17 18.08 2.77 20.94
C PRO D 17 18.31 1.27 21.06
N PRO D 18 19.46 0.78 20.58
CA PRO D 18 19.65 -0.67 20.51
C PRO D 18 19.59 -1.38 21.85
N GLU D 19 19.97 -0.72 22.94
CA GLU D 19 19.97 -1.38 24.24
C GLU D 19 18.76 -0.99 25.07
N PHE D 20 17.70 -0.52 24.44
CA PHE D 20 16.50 -0.11 25.16
C PHE D 20 15.97 -1.25 26.02
N LEU D 21 15.70 -0.95 27.29
CA LEU D 21 15.27 -1.99 28.23
C LEU D 21 13.75 -2.16 28.15
N TRP D 22 13.31 -3.02 27.24
CA TRP D 22 11.91 -3.46 27.20
C TRP D 22 11.66 -4.34 28.41
N GLY D 23 10.82 -3.87 29.32
CA GLY D 23 10.67 -4.50 30.61
C GLY D 23 9.22 -4.75 30.99
N ALA D 24 9.07 -5.38 32.15
CA ALA D 24 7.80 -5.53 32.82
C ALA D 24 8.12 -5.54 34.30
N ALA D 25 7.11 -5.30 35.13
CA ALA D 25 7.40 -5.05 36.54
C ALA D 25 6.35 -5.66 37.47
N SER D 26 6.74 -5.73 38.75
CA SER D 26 5.86 -6.18 39.82
C SER D 26 6.29 -5.51 41.11
N ALA D 27 5.61 -5.86 42.21
CA ALA D 27 5.98 -5.44 43.55
C ALA D 27 5.82 -6.65 44.47
N ALA D 28 6.69 -6.74 45.49
CA ALA D 28 6.81 -7.96 46.27
C ALA D 28 5.50 -8.37 46.94
N TYR D 29 4.85 -7.45 47.65
CA TYR D 29 3.62 -7.80 48.35
C TYR D 29 2.54 -8.22 47.36
N GLN D 30 2.56 -7.63 46.17
CA GLN D 30 1.51 -7.90 45.19
C GLN D 30 1.67 -9.25 44.49
N VAL D 31 2.86 -9.85 44.51
CA VAL D 31 3.06 -11.11 43.78
C VAL D 31 3.53 -12.29 44.63
N GLU D 32 4.32 -12.05 45.68
CA GLU D 32 5.15 -13.12 46.22
C GLU D 32 4.34 -14.19 46.97
N GLY D 33 3.43 -13.78 47.85
CA GLY D 33 2.93 -14.73 48.84
C GLY D 33 4.02 -15.09 49.83
N ALA D 34 3.94 -16.33 50.34
CA ALA D 34 4.93 -16.84 51.28
C ALA D 34 5.19 -15.83 52.40
N TRP D 35 4.09 -15.30 52.95
CA TRP D 35 4.17 -14.15 53.85
C TRP D 35 4.84 -14.49 55.17
N ASN D 36 4.89 -15.76 55.54
CA ASN D 36 5.45 -16.16 56.83
C ASN D 36 6.44 -17.30 56.67
N GLU D 37 7.04 -17.43 55.49
CA GLU D 37 7.93 -18.55 55.20
C GLU D 37 9.39 -18.13 55.27
N ASP D 38 10.25 -19.10 55.59
CA ASP D 38 11.69 -18.91 55.52
C ASP D 38 12.17 -17.75 56.38
N GLY D 39 11.50 -17.55 57.52
CA GLY D 39 11.90 -16.55 58.48
C GLY D 39 11.42 -15.15 58.22
N LYS D 40 10.61 -14.93 57.17
CA LYS D 40 10.15 -13.58 56.85
C LYS D 40 9.36 -12.99 58.01
N GLY D 41 9.67 -11.73 58.35
CA GLY D 41 8.91 -11.02 59.36
C GLY D 41 7.70 -10.31 58.79
N LEU D 42 6.86 -9.80 59.69
CA LEU D 42 5.66 -9.07 59.26
C LEU D 42 6.06 -7.72 58.66
N SER D 43 5.45 -7.39 57.52
CA SER D 43 5.52 -6.02 57.03
C SER D 43 4.30 -5.24 57.51
N VAL D 44 4.37 -3.91 57.36
CA VAL D 44 3.22 -3.10 57.71
C VAL D 44 2.00 -3.46 56.87
N TRP D 45 2.23 -3.97 55.65
CA TRP D 45 1.11 -4.37 54.81
C TRP D 45 0.51 -5.71 55.20
N ASP D 46 1.33 -6.66 55.68
CA ASP D 46 0.76 -7.88 56.23
C ASP D 46 -0.28 -7.56 57.29
N VAL D 47 0.05 -6.61 58.16
CA VAL D 47 -0.83 -6.25 59.27
C VAL D 47 -2.00 -5.42 58.78
N PHE D 48 -1.73 -4.41 57.97
CA PHE D 48 -2.77 -3.48 57.53
C PHE D 48 -3.85 -4.20 56.75
N ALA D 49 -3.47 -5.09 55.84
CA ALA D 49 -4.46 -5.74 54.98
C ALA D 49 -5.32 -6.73 55.73
N LYS D 50 -4.89 -7.17 56.91
CA LYS D 50 -5.72 -8.06 57.71
C LYS D 50 -6.69 -7.31 58.61
N GLN D 51 -6.66 -6.00 58.62
CA GLN D 51 -7.70 -5.26 59.32
C GLN D 51 -9.00 -5.47 58.56
N PRO D 52 -10.06 -5.94 59.22
CA PRO D 52 -11.31 -6.18 58.49
C PRO D 52 -11.84 -4.92 57.82
N GLY D 53 -12.35 -5.09 56.60
CA GLY D 53 -12.92 -4.00 55.83
C GLY D 53 -11.91 -3.17 55.09
N ARG D 54 -10.62 -3.41 55.31
CA ARG D 54 -9.60 -2.58 54.70
C ARG D 54 -9.44 -2.90 53.21
N THR D 55 -9.54 -4.17 52.83
CA THR D 55 -9.32 -4.59 51.45
C THR D 55 -10.56 -5.31 50.92
N PHE D 56 -10.72 -5.27 49.61
CA PHE D 56 -11.90 -5.84 48.98
C PHE D 56 -11.96 -7.34 49.25
N LYS D 57 -13.08 -7.78 49.82
CA LYS D 57 -13.30 -9.20 50.13
C LYS D 57 -12.22 -9.78 51.03
N GLY D 58 -11.55 -8.92 51.80
CA GLY D 58 -10.51 -9.39 52.70
C GLY D 58 -9.28 -9.93 52.02
N THR D 59 -9.10 -9.65 50.72
CA THR D 59 -7.93 -10.14 50.01
C THR D 59 -6.65 -9.58 50.60
N ASN D 60 -5.60 -10.39 50.62
CA ASN D 60 -4.35 -9.98 51.25
C ASN D 60 -3.21 -10.73 50.60
N GLY D 61 -1.99 -10.41 51.04
CA GLY D 61 -0.82 -10.95 50.39
C GLY D 61 -0.29 -12.26 50.94
N ASP D 62 -1.09 -13.01 51.70
CA ASP D 62 -0.60 -14.27 52.25
C ASP D 62 -0.10 -15.19 51.15
N VAL D 63 -0.86 -15.28 50.06
CA VAL D 63 -0.50 -16.09 48.91
C VAL D 63 -0.31 -15.24 47.65
N ALA D 64 -1.17 -14.22 47.45
CA ALA D 64 -1.14 -13.40 46.24
C ALA D 64 -1.19 -14.30 45.02
N VAL D 65 -0.21 -14.19 44.11
CA VAL D 65 -0.14 -15.10 42.98
C VAL D 65 0.98 -16.12 43.14
N ASP D 66 1.54 -16.22 44.35
CA ASP D 66 2.46 -17.30 44.74
C ASP D 66 3.76 -17.27 43.94
N HIS D 67 4.23 -16.08 43.57
CA HIS D 67 5.47 -15.97 42.81
C HIS D 67 6.68 -16.50 43.60
N TYR D 68 6.64 -16.42 44.94
CA TYR D 68 7.75 -16.95 45.73
C TYR D 68 8.03 -18.42 45.40
N HIS D 69 6.98 -19.22 45.19
CA HIS D 69 7.17 -20.61 44.86
C HIS D 69 7.19 -20.88 43.36
N ARG D 70 6.63 -19.99 42.56
CA ARG D 70 6.45 -20.22 41.13
C ARG D 70 7.39 -19.37 40.27
N TYR D 71 8.44 -18.80 40.87
CA TYR D 71 9.28 -17.85 40.15
C TYR D 71 9.97 -18.50 38.95
N GLN D 72 10.28 -19.79 39.01
CA GLN D 72 10.95 -20.42 37.87
C GLN D 72 10.05 -20.42 36.64
N GLU D 73 8.77 -20.76 36.82
CA GLU D 73 7.82 -20.71 35.71
C GLU D 73 7.65 -19.28 35.22
N ASP D 74 7.57 -18.31 36.14
CA ASP D 74 7.36 -16.93 35.73
C ASP D 74 8.55 -16.42 34.92
N VAL D 75 9.77 -16.72 35.36
CA VAL D 75 10.94 -16.30 34.61
C VAL D 75 11.01 -17.01 33.27
N ALA D 76 10.60 -18.28 33.21
CA ALA D 76 10.56 -18.97 31.93
C ALA D 76 9.62 -18.27 30.96
N LEU D 77 8.49 -17.77 31.46
CA LEU D 77 7.59 -17.00 30.60
C LEU D 77 8.23 -15.70 30.16
N MET D 78 8.96 -15.02 31.05
CA MET D 78 9.67 -13.81 30.66
C MET D 78 10.65 -14.09 29.54
N ALA D 79 11.37 -15.21 29.62
CA ALA D 79 12.33 -15.56 28.59
C ALA D 79 11.63 -15.88 27.28
N GLU D 80 10.48 -16.54 27.35
CA GLU D 80 9.70 -16.82 26.14
C GLU D 80 9.27 -15.52 25.47
N MET D 81 8.84 -14.54 26.27
CA MET D 81 8.50 -13.24 25.74
C MET D 81 9.72 -12.52 25.18
N GLY D 82 10.91 -12.84 25.68
CA GLY D 82 12.10 -12.12 25.31
C GLY D 82 12.33 -10.84 26.08
N LEU D 83 11.77 -10.72 27.28
CA LEU D 83 11.93 -9.52 28.10
C LEU D 83 13.40 -9.15 28.22
N LYS D 84 13.69 -7.87 28.03
CA LYS D 84 15.06 -7.42 28.25
C LYS D 84 15.34 -7.13 29.72
N ALA D 85 14.31 -6.79 30.49
CA ALA D 85 14.51 -6.43 31.89
C ALA D 85 13.25 -6.80 32.66
N TYR D 86 13.45 -7.17 33.92
CA TYR D 86 12.35 -7.42 34.84
C TYR D 86 12.60 -6.61 36.09
N ARG D 87 11.67 -5.71 36.41
CA ARG D 87 11.78 -4.88 37.60
C ARG D 87 10.91 -5.46 38.70
N PHE D 88 11.53 -5.73 39.84
CA PHE D 88 10.81 -6.29 40.98
C PHE D 88 11.27 -5.54 42.22
N SER D 89 10.52 -5.69 43.30
CA SER D 89 10.98 -5.12 44.56
C SER D 89 11.41 -6.23 45.51
N VAL D 90 12.33 -5.87 46.39
CA VAL D 90 12.79 -6.77 47.44
C VAL D 90 11.99 -6.46 48.70
N SER D 91 11.49 -7.52 49.35
CA SER D 91 10.73 -7.37 50.58
C SER D 91 11.70 -7.22 51.75
N TRP D 92 11.79 -6.02 52.30
CA TRP D 92 12.70 -5.75 53.41
C TRP D 92 12.51 -6.76 54.54
N SER D 93 11.25 -7.13 54.83
CA SER D 93 10.99 -8.04 55.94
CA SER D 93 10.94 -8.05 55.91
C SER D 93 11.46 -9.47 55.67
N ARG D 94 11.76 -9.84 54.43
CA ARG D 94 12.42 -11.13 54.20
C ARG D 94 13.89 -11.06 54.56
N VAL D 95 14.52 -9.91 54.38
CA VAL D 95 15.96 -9.78 54.56
C VAL D 95 16.30 -9.41 56.00
N PHE D 96 15.55 -8.49 56.60
CA PHE D 96 15.67 -8.15 58.02
C PHE D 96 14.27 -8.29 58.60
N PRO D 97 13.95 -9.47 59.14
CA PRO D 97 12.59 -9.68 59.65
C PRO D 97 12.17 -8.66 60.70
N ASP D 98 13.10 -8.15 61.50
CA ASP D 98 12.83 -7.11 62.48
C ASP D 98 13.23 -5.72 61.99
N GLY D 99 13.52 -5.58 60.71
CA GLY D 99 13.89 -4.29 60.15
C GLY D 99 15.36 -3.98 60.28
N ASN D 100 15.91 -4.18 61.47
CA ASN D 100 17.33 -4.05 61.74
C ASN D 100 17.79 -5.38 62.33
N GLY D 101 18.84 -5.39 63.13
CA GLY D 101 19.25 -6.67 63.69
C GLY D 101 19.75 -7.67 62.65
N ALA D 102 19.41 -8.95 62.87
CA ALA D 102 20.05 -10.04 62.15
C ALA D 102 19.56 -10.19 60.71
N VAL D 103 20.50 -10.36 59.78
CA VAL D 103 20.15 -10.64 58.39
C VAL D 103 19.63 -12.07 58.26
N ASN D 104 18.65 -12.25 57.37
CA ASN D 104 18.00 -13.55 57.15
CA ASN D 104 18.00 -13.55 57.15
C ASN D 104 18.51 -14.11 55.83
N GLU D 105 19.42 -15.09 55.89
CA GLU D 105 20.08 -15.58 54.69
CA GLU D 105 20.08 -15.57 54.69
C GLU D 105 19.10 -16.28 53.74
N LYS D 106 18.10 -16.94 54.32
CA LYS D 106 17.11 -17.63 53.50
C LYS D 106 16.31 -16.61 52.69
N GLY D 107 16.09 -15.45 53.25
CA GLY D 107 15.40 -14.40 52.51
C GLY D 107 16.23 -13.84 51.38
N LEU D 108 17.49 -13.52 51.66
CA LEU D 108 18.41 -13.11 50.60
C LEU D 108 18.53 -14.20 49.54
N ASP D 109 18.49 -15.46 49.97
CA ASP D 109 18.66 -16.56 49.03
C ASP D 109 17.54 -16.61 48.01
N PHE D 110 16.31 -16.23 48.38
CA PHE D 110 15.25 -16.17 47.38
C PHE D 110 15.60 -15.19 46.27
N TYR D 111 16.03 -13.97 46.65
CA TYR D 111 16.36 -12.98 45.63
C TYR D 111 17.59 -13.40 44.85
N ASP D 112 18.53 -14.11 45.49
CA ASP D 112 19.67 -14.63 44.75
CA ASP D 112 19.67 -14.63 44.75
C ASP D 112 19.22 -15.63 43.70
N ARG D 113 18.31 -16.54 44.07
CA ARG D 113 17.80 -17.52 43.11
C ARG D 113 17.04 -16.83 41.99
N LEU D 114 16.25 -15.81 42.32
CA LEU D 114 15.52 -15.09 41.29
C LEU D 114 16.47 -14.39 40.34
N ILE D 115 17.47 -13.70 40.88
CA ILE D 115 18.45 -13.00 40.05
C ILE D 115 19.22 -13.96 39.16
N GLU D 116 19.62 -15.12 39.71
CA GLU D 116 20.31 -16.12 38.91
C GLU D 116 19.42 -16.64 37.79
N GLU D 117 18.13 -16.85 38.07
CA GLU D 117 17.22 -17.32 37.03
C GLU D 117 17.10 -16.29 35.92
N LEU D 118 16.99 -15.00 36.28
CA LEU D 118 16.93 -13.94 35.28
C LEU D 118 18.21 -13.90 34.45
N ARG D 119 19.36 -13.90 35.12
CA ARG D 119 20.62 -13.79 34.39
CA ARG D 119 20.62 -13.79 34.39
C ARG D 119 20.89 -15.00 33.51
N ASN D 120 20.48 -16.19 33.96
CA ASN D 120 20.64 -17.38 33.12
C ASN D 120 19.80 -17.32 31.86
N HIS D 121 18.76 -16.49 31.84
CA HIS D 121 17.94 -16.29 30.65
C HIS D 121 18.24 -14.97 29.95
N GLY D 122 19.31 -14.27 30.34
CA GLY D 122 19.69 -13.04 29.69
C GLY D 122 18.78 -11.86 29.96
N ILE D 123 18.08 -11.84 31.10
CA ILE D 123 17.17 -10.77 31.47
C ILE D 123 17.86 -9.89 32.50
N GLU D 124 17.85 -8.59 32.28
CA GLU D 124 18.46 -7.66 33.22
C GLU D 124 17.56 -7.51 34.44
N PRO D 125 18.04 -7.81 35.64
CA PRO D 125 17.24 -7.48 36.84
C PRO D 125 17.28 -5.99 37.10
N ILE D 126 16.14 -5.43 37.45
CA ILE D 126 16.08 -4.07 37.98
C ILE D 126 15.53 -4.19 39.40
N VAL D 127 16.38 -3.98 40.39
CA VAL D 127 16.00 -4.19 41.78
C VAL D 127 15.44 -2.91 42.35
N THR D 128 14.24 -2.99 42.90
CA THR D 128 13.60 -1.86 43.59
C THR D 128 13.73 -2.10 45.09
N LEU D 129 14.38 -1.15 45.78
CA LEU D 129 14.66 -1.36 47.20
C LEU D 129 13.40 -1.35 48.04
N TYR D 130 12.46 -0.46 47.73
CA TYR D 130 11.35 -0.22 48.64
C TYR D 130 10.05 -0.02 47.88
N HIS D 131 9.11 -0.94 48.10
CA HIS D 131 7.74 -0.77 47.62
C HIS D 131 6.78 -0.97 48.79
N TRP D 132 6.91 -0.09 49.78
CA TRP D 132 5.85 0.27 50.73
C TRP D 132 5.74 -0.67 51.92
N ASP D 133 6.66 -1.63 52.04
CA ASP D 133 6.50 -2.74 52.95
C ASP D 133 7.55 -2.73 54.06
N VAL D 134 7.72 -1.58 54.70
CA VAL D 134 8.67 -1.50 55.84
C VAL D 134 8.28 -2.55 56.89
N PRO D 135 9.24 -3.22 57.51
CA PRO D 135 8.88 -4.20 58.55
C PRO D 135 8.07 -3.59 59.69
N GLN D 136 7.03 -4.33 60.10
CA GLN D 136 6.18 -3.87 61.19
C GLN D 136 6.99 -3.58 62.45
N ALA D 137 8.08 -4.34 62.68
CA ALA D 137 8.91 -4.11 63.86
C ALA D 137 9.44 -2.69 63.93
N LEU D 138 9.74 -2.07 62.78
CA LEU D 138 10.23 -0.69 62.80
C LEU D 138 9.12 0.30 63.07
N MET D 139 7.91 0.02 62.58
CA MET D 139 6.77 0.86 62.94
CA MET D 139 6.77 0.85 62.95
C MET D 139 6.52 0.80 64.45
N ASP D 140 6.56 -0.42 65.02
CA ASP D 140 6.37 -0.58 66.46
C ASP D 140 7.47 0.10 67.26
N ALA D 141 8.72 -0.01 66.80
CA ALA D 141 9.85 0.46 67.60
C ALA D 141 9.92 1.97 67.63
N TYR D 142 9.72 2.63 66.48
CA TYR D 142 9.94 4.06 66.43
C TYR D 142 9.06 4.79 65.42
N GLY D 143 8.01 4.16 64.89
CA GLY D 143 7.15 4.84 63.96
C GLY D 143 7.66 4.87 62.53
N ALA D 144 8.60 3.99 62.18
CA ALA D 144 9.06 3.83 60.80
C ALA D 144 9.46 5.18 60.18
N TRP D 145 8.76 5.60 59.12
CA TRP D 145 9.17 6.76 58.34
C TRP D 145 9.06 8.08 59.09
N GLU D 146 8.42 8.11 60.27
CA GLU D 146 8.39 9.33 61.05
C GLU D 146 9.62 9.54 61.94
N SER D 147 10.56 8.60 61.95
CA SER D 147 11.75 8.71 62.77
C SER D 147 13.00 8.75 61.89
N ARG D 148 13.93 9.64 62.24
CA ARG D 148 15.21 9.65 61.56
C ARG D 148 15.98 8.34 61.75
N ARG D 149 15.60 7.52 62.72
CA ARG D 149 16.24 6.22 62.89
C ARG D 149 16.12 5.37 61.62
N ILE D 150 15.07 5.58 60.82
CA ILE D 150 14.90 4.78 59.63
C ILE D 150 15.97 5.06 58.57
N ILE D 151 16.61 6.23 58.62
CA ILE D 151 17.62 6.54 57.62
C ILE D 151 18.75 5.52 57.67
N ASP D 152 19.30 5.30 58.86
CA ASP D 152 20.38 4.33 58.98
C ASP D 152 19.88 2.90 58.83
N ASP D 153 18.66 2.60 59.28
CA ASP D 153 18.16 1.23 59.12
C ASP D 153 17.90 0.92 57.64
N PHE D 154 17.32 1.87 56.91
CA PHE D 154 17.14 1.67 55.47
C PHE D 154 18.48 1.56 54.76
N ASP D 155 19.45 2.40 55.13
CA ASP D 155 20.77 2.33 54.53
C ASP D 155 21.43 0.98 54.77
N ARG D 156 21.30 0.43 55.98
CA ARG D 156 21.97 -0.84 56.24
C ARG D 156 21.32 -1.95 55.42
N TYR D 157 20.01 -1.89 55.26
CA TYR D 157 19.30 -2.82 54.39
C TYR D 157 19.75 -2.69 52.94
N ALA D 158 19.78 -1.45 52.43
CA ALA D 158 20.20 -1.24 51.04
C ALA D 158 21.62 -1.70 50.81
N VAL D 159 22.53 -1.36 51.73
CA VAL D 159 23.92 -1.76 51.60
C VAL D 159 24.05 -3.28 51.55
N THR D 160 23.26 -3.98 52.37
CA THR D 160 23.26 -5.45 52.29
C THR D 160 22.93 -5.92 50.88
N LEU D 161 21.88 -5.35 50.27
CA LEU D 161 21.52 -5.74 48.92
C LEU D 161 22.61 -5.37 47.92
N PHE D 162 23.19 -4.17 48.04
CA PHE D 162 24.27 -3.78 47.13
C PHE D 162 25.43 -4.77 47.23
N GLN D 163 25.77 -5.20 48.46
CA GLN D 163 26.89 -6.10 48.65
C GLN D 163 26.60 -7.48 48.06
N ARG D 164 25.37 -7.98 48.20
CA ARG D 164 25.06 -9.31 47.71
C ARG D 164 24.85 -9.34 46.20
N PHE D 165 24.27 -8.28 45.64
CA PHE D 165 23.76 -8.35 44.29
C PHE D 165 24.35 -7.33 43.33
N GLY D 166 25.18 -6.41 43.80
CA GLY D 166 25.72 -5.36 42.94
C GLY D 166 26.55 -5.89 41.79
N ASP D 167 27.16 -7.08 41.96
CA ASP D 167 27.94 -7.68 40.87
C ASP D 167 27.09 -8.14 39.71
N ARG D 168 25.80 -8.31 39.92
CA ARG D 168 24.91 -8.87 38.93
C ARG D 168 23.75 -7.97 38.57
N VAL D 169 23.56 -6.86 39.27
CA VAL D 169 22.45 -5.95 39.03
C VAL D 169 23.03 -4.58 38.76
N LYS D 170 22.80 -4.08 37.54
CA LYS D 170 23.27 -2.76 37.16
C LYS D 170 22.28 -1.67 37.53
N TYR D 171 20.99 -1.93 37.37
CA TYR D 171 19.94 -0.92 37.50
C TYR D 171 19.17 -1.10 38.81
N TRP D 172 19.10 -0.03 39.59
CA TRP D 172 18.47 -0.05 40.90
C TRP D 172 17.53 1.14 41.05
N VAL D 173 16.37 0.89 41.65
CA VAL D 173 15.43 1.93 42.04
C VAL D 173 15.39 1.97 43.56
N THR D 174 15.40 3.18 44.12
CA THR D 174 15.41 3.29 45.58
C THR D 174 14.00 3.23 46.15
N LEU D 175 13.38 4.39 46.36
CA LEU D 175 12.01 4.46 46.82
C LEU D 175 11.10 4.50 45.60
N ASN D 176 10.16 3.60 45.59
CA ASN D 176 9.20 3.56 44.47
C ASN D 176 7.92 4.28 44.91
N GLN D 177 7.66 5.38 44.25
CA GLN D 177 6.47 6.18 44.51
C GLN D 177 6.33 6.67 45.97
N GLN D 178 7.38 7.34 46.41
CA GLN D 178 7.41 7.96 47.71
C GLN D 178 6.23 8.90 47.87
N ASN D 179 5.86 9.63 46.83
CA ASN D 179 4.74 10.55 46.96
C ASN D 179 3.44 9.81 47.25
N ILE D 180 3.32 8.57 46.77
CA ILE D 180 2.14 7.77 47.06
C ILE D 180 2.18 7.19 48.46
N PHE D 181 3.26 6.48 48.82
CA PHE D 181 3.23 5.86 50.15
C PHE D 181 3.19 6.89 51.26
N ILE D 182 3.81 8.06 51.05
CA ILE D 182 3.76 9.11 52.06
C ILE D 182 2.37 9.75 52.10
N SER D 183 1.84 10.16 50.94
CA SER D 183 0.55 10.85 50.95
CA SER D 183 0.55 10.85 50.93
C SER D 183 -0.59 9.90 51.31
N PHE D 184 -0.59 8.68 50.78
CA PHE D 184 -1.66 7.76 51.12
C PHE D 184 -1.55 7.30 52.57
N GLY D 185 -0.34 7.23 53.10
CA GLY D 185 -0.15 6.74 54.47
C GLY D 185 -0.38 7.79 55.53
N TYR D 186 -0.11 9.07 55.21
CA TYR D 186 -0.09 10.10 56.24
C TYR D 186 -1.04 11.27 55.97
N ARG D 187 -1.55 11.44 54.76
CA ARG D 187 -2.53 12.48 54.46
CA ARG D 187 -2.53 12.47 54.48
C ARG D 187 -3.92 11.92 54.22
N LEU D 188 -4.03 10.89 53.37
CA LEU D 188 -5.33 10.33 53.04
C LEU D 188 -5.72 9.17 53.94
N GLY D 189 -4.77 8.59 54.68
CA GLY D 189 -5.08 7.48 55.56
C GLY D 189 -5.50 6.20 54.86
N LEU D 190 -5.20 6.06 53.56
CA LEU D 190 -5.63 4.91 52.80
C LEU D 190 -4.68 3.73 52.93
N HIS D 191 -3.41 4.01 53.21
CA HIS D 191 -2.36 3.02 53.29
C HIS D 191 -1.75 3.11 54.69
N PRO D 192 -0.96 2.13 55.13
CA PRO D 192 -0.35 2.24 56.46
C PRO D 192 0.55 3.48 56.54
N PRO D 193 0.58 4.16 57.70
CA PRO D 193 -0.05 3.78 58.97
C PRO D 193 -1.48 4.29 59.19
N GLY D 194 -2.17 4.70 58.14
CA GLY D 194 -3.56 5.10 58.34
C GLY D 194 -3.72 6.44 59.02
N VAL D 195 -2.85 7.38 58.72
CA VAL D 195 -2.81 8.69 59.36
C VAL D 195 -3.35 9.74 58.39
N LYS D 196 -4.03 10.75 58.95
CA LYS D 196 -4.57 11.87 58.17
C LYS D 196 -4.10 13.15 58.86
N ASP D 197 -2.86 13.56 58.59
CA ASP D 197 -2.24 14.66 59.32
C ASP D 197 -1.13 15.21 58.42
N MET D 198 -1.37 16.38 57.83
CA MET D 198 -0.41 16.88 56.85
CA MET D 198 -0.43 16.94 56.86
C MET D 198 0.91 17.24 57.50
N LYS D 199 0.92 17.69 58.75
CA LYS D 199 2.19 17.99 59.40
C LYS D 199 3.05 16.74 59.48
N ARG D 200 2.45 15.63 59.92
CA ARG D 200 3.17 14.36 59.99
C ARG D 200 3.57 13.88 58.60
N MET D 201 2.72 14.11 57.60
CA MET D 201 3.04 13.72 56.24
C MET D 201 4.34 14.37 55.77
N TYR D 202 4.46 15.70 55.95
CA TYR D 202 5.65 16.38 55.45
C TYR D 202 6.90 16.02 56.25
N GLU D 203 6.75 15.68 57.53
CA GLU D 203 7.90 15.23 58.31
C GLU D 203 8.38 13.86 57.82
N ALA D 204 7.46 12.91 57.67
CA ALA D 204 7.84 11.60 57.14
C ALA D 204 8.41 11.72 55.75
N ASN D 205 7.87 12.65 54.95
CA ASN D 205 8.38 12.83 53.60
C ASN D 205 9.83 13.30 53.61
N HIS D 206 10.15 14.22 54.51
CA HIS D 206 11.52 14.73 54.60
C HIS D 206 12.48 13.64 55.02
N ILE D 207 12.07 12.80 55.97
CA ILE D 207 12.90 11.67 56.39
C ILE D 207 13.12 10.70 55.23
N ALA D 208 12.07 10.42 54.46
CA ALA D 208 12.23 9.58 53.27
C ALA D 208 13.21 10.19 52.27
N ASN D 209 13.15 11.52 52.09
CA ASN D 209 14.12 12.19 51.21
C ASN D 209 15.55 11.94 51.68
N LEU D 210 15.78 12.03 53.00
CA LEU D 210 17.13 11.82 53.52
C LEU D 210 17.56 10.36 53.34
N ALA D 211 16.62 9.43 53.54
CA ALA D 211 16.94 8.01 53.35
C ALA D 211 17.31 7.72 51.90
N ASN D 212 16.57 8.30 50.95
CA ASN D 212 16.90 8.14 49.54
C ASN D 212 18.31 8.63 49.25
N ALA D 213 18.63 9.84 49.73
CA ALA D 213 19.94 10.40 49.48
C ALA D 213 21.04 9.57 50.11
N LYS D 214 20.82 9.10 51.34
CA LYS D 214 21.84 8.30 52.02
C LYS D 214 22.15 7.03 51.23
N VAL D 215 21.13 6.36 50.71
CA VAL D 215 21.40 5.10 50.03
CA VAL D 215 21.33 5.10 50.00
C VAL D 215 22.05 5.34 48.68
N ILE D 216 21.74 6.44 48.01
CA ILE D 216 22.44 6.76 46.76
C ILE D 216 23.93 6.99 47.04
N GLN D 217 24.24 7.66 48.14
CA GLN D 217 25.64 7.82 48.50
C GLN D 217 26.32 6.48 48.75
N SER D 218 25.64 5.57 49.46
CA SER D 218 26.21 4.25 49.67
C SER D 218 26.42 3.51 48.37
N PHE D 219 25.46 3.65 47.45
CA PHE D 219 25.55 2.97 46.16
C PHE D 219 26.80 3.39 45.39
N ARG D 220 27.20 4.65 45.49
CA ARG D 220 28.37 5.11 44.75
C ARG D 220 29.62 4.38 45.21
N HIS D 221 29.66 3.95 46.48
CA HIS D 221 30.79 3.15 46.91
C HIS D 221 30.66 1.68 46.48
N TYR D 222 29.51 1.06 46.74
CA TYR D 222 29.39 -0.39 46.59
C TYR D 222 29.14 -0.86 45.17
N VAL D 223 28.52 -0.02 44.34
CA VAL D 223 28.18 -0.41 42.97
C VAL D 223 28.68 0.70 42.06
N PRO D 224 30.00 0.86 41.91
CA PRO D 224 30.52 2.04 41.20
C PRO D 224 30.14 2.10 39.74
N ASP D 225 29.81 0.97 39.12
CA ASP D 225 29.41 0.95 37.72
C ASP D 225 27.91 0.86 37.53
N GLY D 226 27.14 0.93 38.60
CA GLY D 226 25.70 0.81 38.50
C GLY D 226 25.00 2.13 38.23
N LYS D 227 23.68 2.03 38.02
CA LYS D 227 22.83 3.18 37.78
C LYS D 227 21.67 3.10 38.76
N ILE D 228 21.38 4.21 39.43
CA ILE D 228 20.38 4.23 40.50
C ILE D 228 19.54 5.49 40.39
N GLY D 229 18.28 5.38 40.80
CA GLY D 229 17.43 6.54 40.92
C GLY D 229 16.17 6.21 41.69
N PRO D 230 15.50 7.24 42.20
CA PRO D 230 14.17 7.06 42.78
C PRO D 230 13.17 6.95 41.63
N SER D 231 11.97 6.48 41.96
CA SER D 231 10.90 6.47 40.96
C SER D 231 9.73 7.26 41.50
N PHE D 232 9.24 8.19 40.69
CA PHE D 232 8.23 9.14 41.09
C PHE D 232 6.92 8.83 40.38
N ALA D 233 5.82 8.81 41.14
CA ALA D 233 4.50 8.64 40.53
C ALA D 233 4.09 9.99 39.95
N TYR D 234 4.24 10.15 38.64
CA TYR D 234 4.17 11.46 38.00
C TYR D 234 2.85 11.63 37.27
N SER D 235 2.01 12.53 37.78
CA SER D 235 0.83 13.00 37.05
CA SER D 235 0.84 13.01 37.05
C SER D 235 1.14 14.44 36.61
N PRO D 236 1.59 14.65 35.38
CA PRO D 236 1.87 16.01 34.92
C PRO D 236 0.60 16.85 34.97
N MET D 237 0.75 18.09 35.43
CA MET D 237 -0.38 19.00 35.54
C MET D 237 -0.58 19.78 34.25
N TYR D 238 -1.85 20.06 33.93
CA TYR D 238 -2.25 20.93 32.84
C TYR D 238 -3.11 22.07 33.39
N PRO D 239 -3.01 23.27 32.85
CA PRO D 239 -4.04 24.29 33.12
C PRO D 239 -5.29 23.96 32.31
N TYR D 240 -6.44 24.29 32.88
CA TYR D 240 -7.70 24.04 32.17
C TYR D 240 -7.77 24.82 30.88
N ASP D 241 -7.35 26.08 30.90
CA ASP D 241 -7.38 26.92 29.71
C ASP D 241 -6.37 28.04 29.90
N SER D 242 -6.41 29.01 28.99
CA SER D 242 -5.43 30.10 28.96
C SER D 242 -5.84 31.30 29.81
N ARG D 243 -6.85 31.15 30.65
CA ARG D 243 -7.13 32.19 31.63
C ARG D 243 -5.92 32.34 32.53
N PRO D 244 -5.38 33.55 32.72
CA PRO D 244 -4.17 33.69 33.54
C PRO D 244 -4.28 33.03 34.91
N GLU D 245 -5.44 33.14 35.55
CA GLU D 245 -5.58 32.53 36.87
C GLU D 245 -5.51 31.01 36.80
N ASN D 246 -5.92 30.41 35.68
CA ASN D 246 -5.79 28.96 35.56
C ASN D 246 -4.36 28.55 35.26
N VAL D 247 -3.64 29.35 34.47
CA VAL D 247 -2.23 29.07 34.27
C VAL D 247 -1.47 29.20 35.58
N LEU D 248 -1.81 30.20 36.39
CA LEU D 248 -1.17 30.33 37.70
C LEU D 248 -1.49 29.12 38.58
N ALA D 249 -2.73 28.64 38.55
CA ALA D 249 -3.06 27.43 39.29
C ALA D 249 -2.20 26.25 38.84
N PHE D 250 -1.96 26.13 37.54
CA PHE D 250 -1.06 25.11 37.02
C PHE D 250 0.35 25.28 37.56
N GLU D 251 0.86 26.51 37.59
CA GLU D 251 2.19 26.73 38.17
C GLU D 251 2.24 26.22 39.60
N ASN D 252 1.21 26.57 40.38
CA ASN D 252 1.15 26.14 41.77
C ASN D 252 1.09 24.63 41.86
N ALA D 253 0.23 24.00 41.04
CA ALA D 253 0.00 22.57 41.14
C ALA D 253 1.22 21.78 40.71
N GLU D 254 1.85 22.16 39.59
CA GLU D 254 3.03 21.41 39.16
C GLU D 254 4.13 21.49 40.20
N GLU D 255 4.29 22.65 40.81
CA GLU D 255 5.32 22.79 41.82
C GLU D 255 4.95 22.01 43.08
N PHE D 256 3.70 22.12 43.52
CA PHE D 256 3.31 21.52 44.79
C PHE D 256 3.22 20.00 44.70
N GLN D 257 2.75 19.48 43.56
CA GLN D 257 2.50 18.05 43.42
C GLN D 257 3.69 17.31 42.85
N ASN D 258 4.51 17.98 42.03
CA ASN D 258 5.54 17.31 41.26
C ASN D 258 6.94 17.81 41.58
N HIS D 259 7.21 19.11 41.47
CA HIS D 259 8.54 19.60 41.81
C HIS D 259 8.88 19.35 43.26
N TRP D 260 7.88 19.36 44.15
CA TRP D 260 8.12 19.13 45.57
C TRP D 260 8.94 17.87 45.78
N TRP D 261 8.69 16.84 44.98
CA TRP D 261 9.50 15.61 45.03
C TRP D 261 10.68 15.64 44.07
N MET D 262 10.43 15.94 42.79
CA MET D 262 11.49 15.73 41.80
C MET D 262 12.62 16.74 41.95
N ASP D 263 12.34 17.97 42.42
CA ASP D 263 13.44 18.91 42.65
C ASP D 263 14.33 18.42 43.79
N VAL D 264 13.76 17.77 44.80
CA VAL D 264 14.61 17.22 45.84
C VAL D 264 15.48 16.11 45.29
N TYR D 265 14.89 15.22 44.49
CA TYR D 265 15.65 14.12 43.93
C TYR D 265 16.78 14.62 43.01
N ALA D 266 16.50 15.63 42.19
CA ALA D 266 17.46 16.06 41.17
C ALA D 266 18.44 17.11 41.69
N TRP D 267 17.97 18.03 42.53
CA TRP D 267 18.74 19.20 42.94
C TRP D 267 18.95 19.27 44.44
N GLY D 268 18.27 18.44 45.21
CA GLY D 268 18.40 18.50 46.65
C GLY D 268 17.75 19.70 47.31
N MET D 269 16.77 20.34 46.65
CA MET D 269 16.16 21.55 47.18
CA MET D 269 16.16 21.56 47.14
CA MET D 269 16.14 21.53 47.20
C MET D 269 14.65 21.50 46.96
N TYR D 270 13.90 21.89 48.00
CA TYR D 270 12.47 22.05 47.83
C TYR D 270 12.18 23.37 47.10
N PRO D 271 11.13 23.42 46.28
CA PRO D 271 10.79 24.68 45.61
C PRO D 271 10.25 25.71 46.59
N GLN D 272 10.58 26.98 46.34
CA GLN D 272 10.44 28.01 47.36
C GLN D 272 8.99 28.44 47.58
N ALA D 273 8.21 28.61 46.51
CA ALA D 273 6.83 29.05 46.71
C ALA D 273 6.04 28.03 47.51
N ALA D 274 6.20 26.75 47.18
CA ALA D 274 5.56 25.70 47.96
C ALA D 274 6.06 25.67 49.39
N TRP D 275 7.39 25.79 49.58
CA TRP D 275 7.94 25.82 50.92
C TRP D 275 7.32 26.95 51.74
N ASN D 276 7.26 28.15 51.15
CA ASN D 276 6.74 29.29 51.87
C ASN D 276 5.27 29.12 52.21
N TYR D 277 4.49 28.51 51.32
CA TYR D 277 3.10 28.22 51.64
C TYR D 277 3.00 27.27 52.83
N LEU D 278 3.75 26.18 52.80
CA LEU D 278 3.70 25.23 53.91
C LEU D 278 4.15 25.89 55.21
N GLU D 279 5.18 26.73 55.14
CA GLU D 279 5.65 27.44 56.33
C GLU D 279 4.55 28.32 56.90
N SER D 280 3.77 28.97 56.02
CA SER D 280 2.69 29.83 56.49
C SER D 280 1.59 29.05 57.18
N GLN D 281 1.47 27.74 56.90
CA GLN D 281 0.50 26.86 57.52
C GLN D 281 1.09 26.07 58.68
N GLY D 282 2.37 26.27 59.00
CA GLY D 282 3.03 25.49 60.02
C GLY D 282 3.26 24.05 59.63
N LEU D 283 3.42 23.78 58.33
CA LEU D 283 3.51 22.42 57.84
C LEU D 283 4.88 22.04 57.29
N GLU D 284 5.81 22.98 57.19
CA GLU D 284 7.09 22.66 56.60
C GLU D 284 7.85 21.70 57.51
N PRO D 285 8.65 20.79 56.95
CA PRO D 285 9.34 19.81 57.79
C PRO D 285 10.44 20.43 58.63
N THR D 286 10.81 19.69 59.67
CA THR D 286 11.92 20.06 60.53
C THR D 286 13.23 19.71 59.83
N VAL D 287 14.12 20.69 59.73
CA VAL D 287 15.39 20.53 59.03
C VAL D 287 16.50 20.53 60.06
N ALA D 288 17.37 19.54 59.98
CA ALA D 288 18.50 19.41 60.88
C ALA D 288 19.77 19.81 60.15
N PRO D 289 20.80 20.23 60.89
CA PRO D 289 22.10 20.50 60.26
C PRO D 289 22.58 19.28 59.47
N GLY D 290 23.10 19.54 58.28
CA GLY D 290 23.54 18.48 57.40
C GLY D 290 22.50 17.97 56.42
N ASP D 291 21.21 18.30 56.62
CA ASP D 291 20.18 17.80 55.72
C ASP D 291 20.39 18.29 54.29
N TRP D 292 20.56 19.60 54.10
CA TRP D 292 20.69 20.12 52.74
C TRP D 292 21.94 19.58 52.06
N GLU D 293 23.04 19.49 52.80
CA GLU D 293 24.28 18.96 52.23
C GLU D 293 24.09 17.53 51.74
N LEU D 294 23.40 16.71 52.53
CA LEU D 294 23.16 15.33 52.11
C LEU D 294 22.24 15.28 50.89
N LEU D 295 21.14 16.03 50.92
CA LEU D 295 20.20 15.99 49.80
C LEU D 295 20.83 16.48 48.50
N GLN D 296 21.72 17.47 48.59
CA GLN D 296 22.33 18.00 47.38
C GLN D 296 23.44 17.10 46.83
N ALA D 297 24.06 16.28 47.67
CA ALA D 297 25.18 15.45 47.28
C ALA D 297 24.79 14.02 46.94
N ALA D 298 23.59 13.81 46.41
CA ALA D 298 23.10 12.47 46.09
C ALA D 298 22.41 12.44 44.74
N LYS D 299 23.13 12.85 43.71
CA LYS D 299 22.55 12.95 42.38
C LYS D 299 22.25 11.56 41.83
N PRO D 300 21.08 11.34 41.25
CA PRO D 300 20.75 10.04 40.67
C PRO D 300 21.22 9.94 39.23
N ASP D 301 21.30 8.71 38.73
CA ASP D 301 21.64 8.52 37.32
C ASP D 301 20.43 8.71 36.43
N PHE D 302 19.22 8.52 36.95
CA PHE D 302 18.02 8.65 36.14
C PHE D 302 16.88 9.01 37.06
N MET D 303 15.80 9.50 36.48
CA MET D 303 14.54 9.65 37.18
C MET D 303 13.65 8.48 36.77
N GLY D 304 13.20 7.70 37.74
CA GLY D 304 12.19 6.69 37.45
C GLY D 304 10.82 7.37 37.40
N VAL D 305 9.98 6.91 36.47
CA VAL D 305 8.66 7.48 36.28
C VAL D 305 7.61 6.38 36.26
N ASN D 306 6.67 6.44 37.21
CA ASN D 306 5.46 5.63 37.18
C ASN D 306 4.36 6.52 36.62
N TYR D 307 3.79 6.16 35.48
CA TYR D 307 2.86 7.04 34.78
C TYR D 307 1.56 6.33 34.47
N TYR D 308 0.46 6.96 34.84
CA TYR D 308 -0.89 6.56 34.42
C TYR D 308 -1.70 7.68 33.77
N GLN D 309 -1.60 8.91 34.25
CA GLN D 309 -2.50 9.94 33.73
C GLN D 309 -2.03 11.31 34.16
N THR D 310 -2.45 12.32 33.41
CA THR D 310 -2.27 13.71 33.74
C THR D 310 -3.42 14.19 34.64
N THR D 311 -3.27 15.40 35.17
CA THR D 311 -4.27 16.05 36.00
C THR D 311 -4.44 17.46 35.48
N THR D 312 -5.68 17.91 35.33
CA THR D 312 -5.96 19.28 34.90
C THR D 312 -6.44 20.08 36.10
N VAL D 313 -6.00 21.34 36.18
CA VAL D 313 -6.31 22.18 37.33
C VAL D 313 -6.86 23.52 36.90
N GLU D 314 -7.54 24.18 37.84
CA GLU D 314 -8.04 25.52 37.62
C GLU D 314 -7.92 26.31 38.93
N HIS D 315 -8.19 27.61 38.80
CA HIS D 315 -8.16 28.52 39.93
C HIS D 315 -9.08 28.05 41.05
N ASN D 316 -8.64 28.25 42.28
CA ASN D 316 -9.38 27.84 43.47
C ASN D 316 -9.30 28.99 44.48
N PRO D 317 -10.39 29.74 44.66
CA PRO D 317 -10.34 30.89 45.58
C PRO D 317 -10.02 30.46 47.00
N PRO D 318 -9.55 31.39 47.85
CA PRO D 318 -9.12 31.00 49.21
C PRO D 318 -10.21 30.36 50.06
N ASP D 319 -11.48 30.44 49.67
CA ASP D 319 -12.56 29.78 50.38
C ASP D 319 -13.10 28.58 49.61
N GLY D 320 -12.26 27.96 48.78
CA GLY D 320 -12.69 26.97 47.82
C GLY D 320 -12.41 25.55 48.23
N VAL D 321 -12.18 24.70 47.23
CA VAL D 321 -12.04 23.26 47.42
C VAL D 321 -10.76 22.95 48.19
N GLY D 322 -10.85 21.98 49.10
CA GLY D 322 -9.70 21.53 49.85
C GLY D 322 -9.76 20.03 50.11
N THR D 336 -14.47 13.55 42.61
CA THR D 336 -14.71 14.98 42.54
C THR D 336 -13.43 15.78 42.74
N SER D 337 -13.57 17.11 42.75
CA SER D 337 -12.41 17.98 42.77
C SER D 337 -11.70 17.96 44.12
N SER D 338 -10.37 18.00 44.08
CA SER D 338 -9.54 18.20 45.26
C SER D 338 -8.55 19.32 44.95
N GLY D 339 -7.96 19.88 46.00
CA GLY D 339 -7.01 20.95 45.79
C GLY D 339 -6.65 21.62 47.10
N ILE D 340 -6.01 22.77 46.97
CA ILE D 340 -5.57 23.58 48.09
C ILE D 340 -6.19 24.97 47.91
N PRO D 341 -6.97 25.46 48.87
CA PRO D 341 -7.59 26.77 48.72
C PRO D 341 -6.54 27.85 48.47
N GLY D 342 -6.81 28.70 47.49
CA GLY D 342 -5.89 29.75 47.11
C GLY D 342 -4.79 29.33 46.16
N LEU D 343 -4.62 28.04 45.90
CA LEU D 343 -3.56 27.55 45.03
C LEU D 343 -4.10 26.91 43.75
N PHE D 344 -4.93 25.88 43.87
CA PHE D 344 -5.44 25.19 42.69
C PHE D 344 -6.50 24.20 43.13
N LYS D 345 -7.31 23.76 42.18
CA LYS D 345 -8.18 22.60 42.38
C LYS D 345 -8.23 21.80 41.08
N THR D 346 -8.44 20.50 41.21
CA THR D 346 -8.53 19.67 40.02
C THR D 346 -9.89 19.85 39.34
N VAL D 347 -9.91 19.55 38.05
CA VAL D 347 -11.12 19.61 37.24
C VAL D 347 -11.01 18.53 36.18
N ARG D 348 -12.14 17.92 35.84
CA ARG D 348 -12.14 16.91 34.79
C ARG D 348 -11.66 17.53 33.47
N ASN D 349 -10.77 16.82 32.78
CA ASN D 349 -10.26 17.29 31.50
C ASN D 349 -11.18 16.74 30.42
N PRO D 350 -11.94 17.58 29.72
CA PRO D 350 -12.85 17.06 28.69
C PRO D 350 -12.15 16.54 27.45
N HIS D 351 -10.82 16.69 27.36
CA HIS D 351 -10.09 16.41 26.14
C HIS D 351 -9.29 15.11 26.21
N VAL D 352 -9.53 14.26 27.22
CA VAL D 352 -8.87 12.95 27.30
C VAL D 352 -9.92 11.86 27.48
N ASP D 353 -9.58 10.66 26.99
CA ASP D 353 -10.37 9.45 27.17
C ASP D 353 -10.28 8.96 28.62
N THR D 354 -11.12 7.97 28.95
CA THR D 354 -11.09 7.33 30.26
C THR D 354 -11.14 5.82 30.09
N THR D 355 -10.56 5.12 31.06
CA THR D 355 -10.73 3.68 31.16
C THR D 355 -12.13 3.36 31.67
N ASN D 356 -12.45 2.07 31.74
CA ASN D 356 -13.70 1.66 32.36
C ASN D 356 -13.73 1.88 33.87
N TRP D 357 -12.62 2.32 34.46
CA TRP D 357 -12.55 2.69 35.87
C TRP D 357 -12.41 4.19 36.09
N ASP D 358 -12.64 4.99 35.05
CA ASP D 358 -12.60 6.46 35.10
C ASP D 358 -11.20 7.03 35.33
N TRP D 359 -10.15 6.23 35.19
CA TRP D 359 -8.82 6.81 35.06
C TRP D 359 -8.68 7.42 33.68
N ALA D 360 -8.07 8.59 33.61
CA ALA D 360 -7.81 9.19 32.31
C ALA D 360 -6.85 8.33 31.52
N ILE D 361 -7.03 8.31 30.20
CA ILE D 361 -6.06 7.74 29.27
C ILE D 361 -5.47 8.89 28.48
N ASP D 362 -4.18 9.17 28.69
CA ASP D 362 -3.53 10.33 28.09
C ASP D 362 -2.12 9.96 27.71
N PRO D 363 -1.94 9.25 26.59
CA PRO D 363 -0.56 8.89 26.20
C PRO D 363 0.31 10.08 25.85
N VAL D 364 -0.26 11.13 25.24
CA VAL D 364 0.55 12.33 24.98
C VAL D 364 1.06 12.91 26.29
N GLY D 365 0.29 12.81 27.37
CA GLY D 365 0.75 13.25 28.67
C GLY D 365 2.03 12.58 29.13
N LEU D 366 2.25 11.33 28.72
CA LEU D 366 3.52 10.68 29.02
C LEU D 366 4.66 11.37 28.29
N ARG D 367 4.47 11.66 27.00
CA ARG D 367 5.47 12.43 26.26
C ARG D 367 5.73 13.77 26.94
N ILE D 368 4.67 14.45 27.39
CA ILE D 368 4.83 15.74 28.06
C ILE D 368 5.63 15.59 29.34
N GLY D 369 5.31 14.58 30.15
CA GLY D 369 6.06 14.38 31.38
C GLY D 369 7.52 14.07 31.14
N LEU D 370 7.80 13.22 30.14
CA LEU D 370 9.18 12.92 29.78
C LEU D 370 9.90 14.18 29.31
N ARG D 371 9.25 14.98 28.48
CA ARG D 371 9.84 16.24 28.03
C ARG D 371 10.12 17.17 29.21
N ARG D 372 9.20 17.23 30.18
CA ARG D 372 9.40 18.14 31.30
C ARG D 372 10.58 17.73 32.16
N ILE D 373 10.77 16.43 32.38
CA ILE D 373 11.88 15.97 33.18
C ILE D 373 13.21 16.24 32.48
N ALA D 374 13.28 15.97 31.17
CA ALA D 374 14.51 16.29 30.45
C ALA D 374 14.76 17.79 30.45
N ASN D 375 13.72 18.59 30.21
CA ASN D 375 13.86 20.04 30.13
C ASN D 375 14.28 20.64 31.46
N ARG D 376 13.76 20.13 32.57
CA ARG D 376 14.05 20.73 33.85
C ARG D 376 15.35 20.20 34.48
N TYR D 377 15.59 18.89 34.34
CA TYR D 377 16.65 18.23 35.09
C TYR D 377 17.73 17.63 34.22
N GLN D 378 17.53 17.54 32.91
CA GLN D 378 18.48 16.94 31.99
C GLN D 378 18.80 15.49 32.38
N LEU D 379 17.83 14.79 32.98
CA LEU D 379 18.08 13.43 33.43
C LEU D 379 17.54 12.42 32.43
N PRO D 380 18.24 11.31 32.24
CA PRO D 380 17.62 10.15 31.59
C PRO D 380 16.46 9.66 32.43
N ILE D 381 15.54 8.95 31.79
CA ILE D 381 14.33 8.48 32.44
C ILE D 381 14.19 6.99 32.24
N LEU D 382 13.90 6.27 33.32
CA LEU D 382 13.45 4.89 33.23
C LEU D 382 11.96 4.89 33.54
N ILE D 383 11.14 4.47 32.58
CA ILE D 383 9.72 4.36 32.86
C ILE D 383 9.53 3.04 33.60
N THR D 384 9.23 3.15 34.90
CA THR D 384 9.23 2.00 35.78
C THR D 384 7.87 1.32 35.86
N GLU D 385 6.82 1.98 35.38
CA GLU D 385 5.45 1.47 35.51
C GLU D 385 4.53 2.23 34.58
N ASN D 386 3.79 1.50 33.74
CA ASN D 386 2.71 2.03 32.93
C ASN D 386 1.92 0.83 32.45
N GLY D 387 0.60 0.87 32.57
CA GLY D 387 -0.18 -0.28 32.15
C GLY D 387 -1.66 0.01 32.29
N LEU D 388 -2.46 -0.97 31.87
CA LEU D 388 -3.91 -0.86 31.87
C LEU D 388 -4.53 -1.95 32.74
N GLY D 389 -5.32 -1.55 33.71
CA GLY D 389 -6.05 -2.47 34.56
C GLY D 389 -7.47 -2.60 34.07
N GLU D 390 -7.87 -3.83 33.79
CA GLU D 390 -9.21 -4.09 33.24
CA GLU D 390 -9.21 -4.09 33.25
C GLU D 390 -9.59 -5.52 33.59
N PHE D 391 -10.89 -5.77 33.66
CA PHE D 391 -11.38 -7.15 33.71
CA PHE D 391 -11.36 -7.15 33.72
C PHE D 391 -10.93 -7.89 32.46
N ASP D 392 -10.41 -9.09 32.63
CA ASP D 392 -10.10 -9.97 31.51
C ASP D 392 -10.99 -11.19 31.60
N THR D 393 -11.47 -11.66 30.45
CA THR D 393 -12.29 -12.86 30.39
C THR D 393 -11.42 -14.02 29.94
N LEU D 394 -11.45 -15.10 30.70
CA LEU D 394 -10.76 -16.33 30.32
C LEU D 394 -11.71 -17.13 29.44
N GLU D 395 -11.34 -17.31 28.19
CA GLU D 395 -12.14 -18.06 27.24
CA GLU D 395 -12.14 -18.06 27.25
C GLU D 395 -11.66 -19.50 27.17
N PRO D 396 -12.53 -20.44 26.78
CA PRO D 396 -12.12 -21.84 26.65
C PRO D 396 -10.89 -21.99 25.76
N GLY D 397 -10.06 -22.98 26.09
CA GLY D 397 -8.79 -23.14 25.42
C GLY D 397 -7.69 -22.27 25.99
N ASP D 398 -7.89 -21.67 27.17
CA ASP D 398 -6.92 -20.79 27.81
C ASP D 398 -6.53 -19.64 26.90
N ILE D 399 -7.55 -18.89 26.48
CA ILE D 399 -7.38 -17.74 25.59
C ILE D 399 -7.86 -16.50 26.34
N VAL D 400 -7.04 -15.45 26.33
CA VAL D 400 -7.43 -14.16 26.89
C VAL D 400 -7.16 -13.12 25.80
N ASN D 401 -8.23 -12.57 25.24
CA ASN D 401 -8.12 -11.59 24.17
C ASN D 401 -8.20 -10.20 24.77
N ASP D 402 -7.04 -9.59 25.03
CA ASP D 402 -7.00 -8.27 25.65
C ASP D 402 -6.51 -7.20 24.69
N ASP D 403 -7.22 -7.04 23.56
CA ASP D 403 -6.86 -6.00 22.59
C ASP D 403 -6.89 -4.60 23.21
N TYR D 404 -7.72 -4.39 24.22
CA TYR D 404 -7.77 -3.10 24.91
C TYR D 404 -6.45 -2.80 25.60
N ARG D 405 -5.79 -3.83 26.14
CA ARG D 405 -4.50 -3.61 26.77
C ARG D 405 -3.42 -3.35 25.72
N ILE D 406 -3.46 -4.07 24.60
CA ILE D 406 -2.57 -3.80 23.48
C ILE D 406 -2.73 -2.35 23.01
N ASP D 407 -3.98 -1.90 22.86
CA ASP D 407 -4.23 -0.53 22.39
C ASP D 407 -3.60 0.48 23.34
N TYR D 408 -3.80 0.30 24.65
CA TYR D 408 -3.27 1.24 25.62
C TYR D 408 -1.75 1.25 25.59
N LEU D 409 -1.13 0.06 25.64
CA LEU D 409 0.33 0.01 25.65
C LEU D 409 0.91 0.55 24.37
N ARG D 410 0.32 0.18 23.22
CA ARG D 410 0.81 0.66 21.94
C ARG D 410 0.83 2.18 21.90
N ARG D 411 -0.25 2.82 22.35
CA ARG D 411 -0.32 4.27 22.28
C ARG D 411 0.72 4.93 23.17
N HIS D 412 0.99 4.34 24.33
CA HIS D 412 2.02 4.91 25.19
C HIS D 412 3.41 4.69 24.61
N VAL D 413 3.69 3.50 24.07
CA VAL D 413 5.00 3.25 23.46
C VAL D 413 5.22 4.17 22.27
N GLN D 414 4.17 4.44 21.48
CA GLN D 414 4.28 5.36 20.36
C GLN D 414 4.70 6.75 20.84
N GLU D 415 4.15 7.21 21.96
CA GLU D 415 4.51 8.52 22.48
C GLU D 415 5.91 8.54 23.05
N ILE D 416 6.35 7.42 23.65
CA ILE D 416 7.74 7.33 24.10
C ILE D 416 8.68 7.50 22.91
N GLN D 417 8.35 6.86 21.78
CA GLN D 417 9.19 7.00 20.59
C GLN D 417 9.26 8.44 20.14
N ARG D 418 8.15 9.18 20.25
CA ARG D 418 8.18 10.59 19.90
C ARG D 418 9.02 11.39 20.89
N ALA D 419 8.97 11.04 22.18
CA ALA D 419 9.82 11.72 23.16
C ALA D 419 11.30 11.46 22.89
N ILE D 420 11.65 10.22 22.54
CA ILE D 420 13.02 9.90 22.14
C ILE D 420 13.42 10.73 20.93
N THR D 421 12.53 10.83 19.94
CA THR D 421 12.81 11.62 18.74
C THR D 421 13.03 13.08 19.10
N ASP D 422 12.28 13.59 20.09
CA ASP D 422 12.46 14.96 20.55
C ASP D 422 13.81 15.17 21.22
N GLY D 423 14.45 14.11 21.72
CA GLY D 423 15.73 14.22 22.41
C GLY D 423 15.75 13.74 23.85
N VAL D 424 14.67 13.16 24.37
CA VAL D 424 14.66 12.62 25.73
C VAL D 424 15.43 11.31 25.73
N ASP D 425 16.27 11.12 26.74
CA ASP D 425 17.02 9.87 26.91
C ASP D 425 16.16 8.94 27.76
N VAL D 426 15.43 8.03 27.11
CA VAL D 426 14.60 7.06 27.80
C VAL D 426 15.36 5.74 27.82
N LEU D 427 15.65 5.25 29.03
CA LEU D 427 16.47 4.05 29.18
C LEU D 427 15.68 2.77 28.97
N GLY D 428 14.38 2.80 29.24
CA GLY D 428 13.58 1.59 29.13
C GLY D 428 12.17 1.88 29.53
N TYR D 429 11.35 0.82 29.42
CA TYR D 429 9.91 0.92 29.64
C TYR D 429 9.48 -0.37 30.30
N CYS D 430 8.98 -0.27 31.53
CA CYS D 430 8.52 -1.43 32.29
C CYS D 430 7.01 -1.42 32.31
N ALA D 431 6.40 -2.30 31.51
CA ALA D 431 4.96 -2.43 31.53
C ALA D 431 4.49 -2.97 32.87
N TRP D 432 3.40 -2.42 33.37
CA TRP D 432 2.80 -2.89 34.61
C TRP D 432 1.59 -3.69 34.20
N SER D 433 1.60 -5.01 34.39
CA SER D 433 2.61 -5.79 35.11
C SER D 433 2.96 -7.05 34.30
N PHE D 434 3.92 -7.85 34.75
CA PHE D 434 4.22 -9.07 34.00
C PHE D 434 3.11 -10.10 34.14
N THR D 435 2.86 -10.57 35.36
CA THR D 435 1.69 -11.38 35.64
C THR D 435 0.66 -10.52 36.35
N ASP D 436 -0.59 -10.98 36.30
CA ASP D 436 -1.60 -10.40 37.17
C ASP D 436 -1.11 -10.45 38.62
N LEU D 437 -1.61 -9.53 39.42
CA LEU D 437 -1.14 -9.44 40.80
C LEU D 437 -2.26 -8.95 41.71
N LEU D 438 -1.99 -9.01 43.00
CA LEU D 438 -2.92 -8.54 44.01
C LEU D 438 -2.85 -7.02 44.10
N SER D 439 -4.00 -6.36 44.03
CA SER D 439 -3.98 -4.92 44.27
CA SER D 439 -4.07 -4.92 44.27
C SER D 439 -3.98 -4.66 45.78
N TRP D 440 -3.47 -3.48 46.13
CA TRP D 440 -3.31 -3.16 47.56
C TRP D 440 -4.64 -3.21 48.30
N LEU D 441 -5.70 -2.65 47.71
CA LEU D 441 -6.98 -2.56 48.38
C LEU D 441 -8.14 -3.17 47.60
N ASN D 442 -7.96 -3.52 46.32
CA ASN D 442 -9.10 -3.81 45.44
C ASN D 442 -9.11 -5.25 44.93
N GLY D 443 -8.37 -6.16 45.56
CA GLY D 443 -8.44 -7.55 45.12
C GLY D 443 -7.77 -7.80 43.79
N TYR D 444 -8.32 -8.74 43.02
CA TYR D 444 -7.66 -9.27 41.83
C TYR D 444 -8.36 -9.00 40.51
N GLN D 445 -9.60 -8.53 40.50
CA GLN D 445 -10.40 -8.57 39.27
C GLN D 445 -9.94 -7.56 38.22
N LYS D 446 -9.41 -6.41 38.64
CA LYS D 446 -8.88 -5.43 37.69
C LYS D 446 -7.44 -5.84 37.42
N ARG D 447 -7.23 -6.54 36.31
CA ARG D 447 -5.97 -7.22 36.03
C ARG D 447 -5.07 -6.35 35.17
N TYR D 448 -3.76 -6.47 35.39
CA TYR D 448 -2.76 -5.70 34.67
C TYR D 448 -1.76 -6.53 33.88
N GLY D 449 -1.78 -7.86 33.99
CA GLY D 449 -0.66 -8.62 33.48
C GLY D 449 -0.67 -8.85 31.98
N PHE D 450 0.53 -9.15 31.45
CA PHE D 450 0.62 -9.87 30.19
C PHE D 450 0.25 -11.32 30.35
N VAL D 451 0.40 -11.85 31.56
CA VAL D 451 0.16 -13.25 31.89
C VAL D 451 -1.00 -13.29 32.88
N TYR D 452 -2.09 -13.91 32.47
CA TYR D 452 -3.24 -14.07 33.34
C TYR D 452 -2.92 -15.10 34.41
N VAL D 453 -3.31 -14.84 35.66
CA VAL D 453 -3.18 -15.82 36.72
C VAL D 453 -4.57 -16.29 37.11
N ASN D 454 -4.78 -17.61 37.03
CA ASN D 454 -6.11 -18.18 37.29
C ASN D 454 -6.33 -18.27 38.79
N ARG D 455 -6.82 -17.16 39.36
CA ARG D 455 -7.32 -17.08 40.72
C ARG D 455 -8.23 -15.85 40.75
N ASP D 456 -9.00 -15.72 41.81
CA ASP D 456 -9.87 -14.54 41.96
C ASP D 456 -9.90 -14.15 43.44
N ASP D 457 -10.89 -13.36 43.82
CA ASP D 457 -10.95 -12.83 45.19
C ASP D 457 -11.34 -13.87 46.23
N GLU D 458 -12.04 -14.89 45.75
CA GLU D 458 -12.57 -15.92 46.62
C GLU D 458 -11.80 -17.20 46.75
N SER D 459 -11.00 -17.47 45.76
CA SER D 459 -10.30 -18.75 45.63
CA SER D 459 -10.28 -18.75 45.65
C SER D 459 -8.98 -18.56 44.90
N GLU D 460 -7.98 -19.36 45.30
CA GLU D 460 -6.71 -19.45 44.60
CA GLU D 460 -6.72 -19.41 44.57
C GLU D 460 -6.80 -20.33 43.34
N LYS D 461 -7.90 -21.05 43.16
CA LYS D 461 -8.10 -21.95 42.03
C LYS D 461 -6.85 -22.81 41.89
N ASP D 462 -6.24 -22.86 40.71
CA ASP D 462 -4.98 -23.59 40.51
C ASP D 462 -3.79 -22.67 40.30
N LEU D 463 -3.98 -21.35 40.36
CA LEU D 463 -2.90 -20.37 40.20
C LEU D 463 -2.17 -20.50 38.85
N ARG D 464 -2.79 -21.11 37.84
CA ARG D 464 -2.04 -21.35 36.62
C ARG D 464 -1.84 -20.06 35.83
N ARG D 465 -0.74 -20.02 35.09
CA ARG D 465 -0.36 -18.88 34.27
C ARG D 465 -0.83 -19.10 32.84
N ILE D 466 -1.47 -18.09 32.26
CA ILE D 466 -2.03 -18.18 30.92
C ILE D 466 -1.61 -16.93 30.14
N LYS D 467 -0.92 -17.12 29.03
CA LYS D 467 -0.47 -15.98 28.25
C LYS D 467 -1.64 -15.28 27.57
N LYS D 468 -1.75 -13.98 27.77
CA LYS D 468 -2.78 -13.18 27.10
C LYS D 468 -2.30 -12.80 25.70
N LYS D 469 -3.25 -12.31 24.88
CA LYS D 469 -2.89 -11.82 23.56
C LYS D 469 -1.79 -10.76 23.63
N SER D 470 -1.84 -9.91 24.66
CA SER D 470 -0.85 -8.84 24.81
C SER D 470 0.55 -9.38 25.01
N PHE D 471 0.68 -10.59 25.57
CA PHE D 471 1.98 -11.23 25.73
C PHE D 471 2.67 -11.38 24.38
N TYR D 472 1.92 -11.88 23.38
CA TYR D 472 2.51 -12.07 22.07
C TYR D 472 2.75 -10.75 21.34
N TRP D 473 1.88 -9.76 21.56
CA TRP D 473 2.11 -8.44 20.99
C TRP D 473 3.43 -7.85 21.50
N TYR D 474 3.64 -7.91 22.82
CA TYR D 474 4.87 -7.32 23.37
C TYR D 474 6.09 -8.12 22.95
N GLN D 475 5.95 -9.45 22.84
CA GLN D 475 7.02 -10.26 22.30
C GLN D 475 7.47 -9.73 20.94
N ARG D 476 6.52 -9.36 20.10
CA ARG D 476 6.85 -8.83 18.78
C ARG D 476 7.43 -7.42 18.85
N VAL D 477 6.94 -6.59 19.79
CA VAL D 477 7.57 -5.29 20.01
C VAL D 477 9.06 -5.47 20.31
N ILE D 478 9.36 -6.38 21.23
CA ILE D 478 10.75 -6.57 21.65
C ILE D 478 11.59 -7.09 20.49
N GLU D 479 11.06 -8.07 19.74
CA GLU D 479 11.81 -8.65 18.63
C GLU D 479 12.21 -7.61 17.59
N THR D 480 11.37 -6.60 17.38
CA THR D 480 11.63 -5.56 16.40
C THR D 480 12.19 -4.29 17.04
N ASN D 481 12.52 -4.36 18.33
CA ASN D 481 12.98 -3.20 19.08
C ASN D 481 12.05 -1.99 18.91
N GLY D 482 10.75 -2.25 18.92
CA GLY D 482 9.76 -1.20 18.86
C GLY D 482 9.38 -0.75 17.47
N ALA D 483 9.92 -1.36 16.41
CA ALA D 483 9.57 -0.92 15.07
C ALA D 483 8.18 -1.39 14.65
N GLU D 484 7.71 -2.50 15.21
CA GLU D 484 6.38 -3.04 14.91
C GLU D 484 5.54 -2.96 16.17
N LEU D 485 4.60 -2.02 16.21
CA LEU D 485 3.77 -1.80 17.39
C LEU D 485 2.31 -2.19 17.14
#